data_5ODS
#
_entry.id   5ODS
#
_cell.length_a   115.520
_cell.length_b   120.040
_cell.length_c   123.130
_cell.angle_alpha   90.00
_cell.angle_beta   95.72
_cell.angle_gamma   90.00
#
_symmetry.space_group_name_H-M   'P 1 21 1'
#
loop_
_entity.id
_entity.type
_entity.pdbx_description
1 polymer 'Clathrin heavy chain 1'
2 polymer LYS-GLU-SER-ALA-LEU-ARG-LYS-GLN-SEP-LEU-TYR-LEU-LYS-PHE-ASP-PRO-LEU-LEU
#
loop_
_entity_poly.entity_id
_entity_poly.type
_entity_poly.pdbx_seq_one_letter_code
_entity_poly.pdbx_strand_id
1 'polypeptide(L)'
;MAQILPIRFQEHLQLQNLGINPANIGFSTLTMESDKFICIREKVGEQAQVVIIDMNDPSNPIRRPISADSAIMNPASKVI
ALKAGKTLQIFNIEMKSKMKAHTMTDDVTFWKWISLNTVALVTDNAVYHWSMEGESQPVKMFDRHSSLAGCQIINYRTDA
KQKWLLLTGISAQQNRVVGAMQLYSVDRKVSQPIEGHAASFAQFKMEGNAEESTLFCFAVRGQAGGKLHIIEVGTPPTGN
QPFPKKAVDVFFPPEAQNDFPVAMQISEKHDVVFLITKYGYIHLYDLETGTCIYMNRISGETIFVTAPHEATAGIIGVNR
KGQVLSVCVEEENIIPYITNVLQNPDLALRMAVRNNLAGAEELFARKFNALFAQGNYSEAAKVAANAPKGILRTPDTIRR
FQSVPAQPGQTSPLLQYFGILLDQGQLNKYESLELCRPVLQQGRKQLLEKWLKEDKLECSEELGDLVKSVDPTLALSVYL
RANVPNKVIQCFAETGQVQKIVLYAKKVGYTPDWIFLLRNVMRISPDQGQQFAQMLVQDEEPLADITQIVDVFMEYNLIQ
QCTAFLLDALKNNR
;
A,B,C,D
2 'polypeptide(L)' KESALRKQ(SEP)LYLKFDPLL E,F,G,H
#
# COMPACT_ATOMS: atom_id res chain seq x y z
N GLN A 3 -28.46 -7.55 -43.25
CA GLN A 3 -28.54 -7.74 -41.81
C GLN A 3 -28.33 -6.43 -41.08
N ILE A 4 -28.66 -6.43 -39.79
CA ILE A 4 -28.57 -5.21 -38.98
C ILE A 4 -27.14 -4.79 -38.66
N LEU A 5 -26.96 -3.48 -38.49
CA LEU A 5 -25.69 -2.90 -38.08
C LEU A 5 -25.94 -1.86 -37.01
N PRO A 6 -24.96 -1.64 -36.12
CA PRO A 6 -25.20 -0.71 -35.01
C PRO A 6 -25.07 0.75 -35.40
N ILE A 7 -24.67 1.02 -36.64
CA ILE A 7 -24.51 2.39 -37.09
C ILE A 7 -25.58 2.79 -38.11
N ARG A 8 -25.69 4.09 -38.33
CA ARG A 8 -26.61 4.64 -39.33
C ARG A 8 -25.80 5.56 -40.22
N PHE A 9 -25.31 4.99 -41.32
CA PHE A 9 -24.49 5.73 -42.29
C PHE A 9 -25.36 6.48 -43.29
N GLN A 10 -25.03 7.74 -43.55
CA GLN A 10 -25.85 8.57 -44.42
C GLN A 10 -25.04 9.56 -45.26
N GLU A 11 -25.47 9.75 -46.51
CA GLU A 11 -24.87 10.78 -47.36
C GLU A 11 -25.82 11.95 -47.42
N HIS A 12 -25.41 13.06 -46.80
CA HIS A 12 -26.27 14.23 -46.72
C HIS A 12 -26.28 15.06 -47.99
N LEU A 13 -25.13 15.21 -48.64
CA LEU A 13 -25.06 15.91 -49.91
C LEU A 13 -23.74 15.74 -50.65
N GLN A 14 -23.76 16.05 -51.94
CA GLN A 14 -22.59 16.04 -52.80
C GLN A 14 -22.26 17.48 -53.14
N LEU A 15 -21.10 17.95 -52.71
CA LEU A 15 -20.73 19.35 -52.90
C LEU A 15 -20.55 19.72 -54.37
N GLN A 16 -20.20 18.72 -55.19
CA GLN A 16 -20.04 18.95 -56.62
C GLN A 16 -21.38 19.36 -57.24
N ASN A 17 -22.48 18.94 -56.61
CA ASN A 17 -23.81 19.31 -57.10
C ASN A 17 -24.22 20.71 -56.70
N LEU A 18 -23.29 21.45 -56.12
CA LEU A 18 -23.56 22.81 -55.69
C LEU A 18 -22.57 23.79 -56.31
N GLY A 19 -21.99 23.40 -57.43
CA GLY A 19 -21.05 24.23 -58.18
C GLY A 19 -19.69 24.38 -57.52
N ILE A 20 -19.46 23.62 -56.45
CA ILE A 20 -18.19 23.67 -55.75
C ILE A 20 -17.10 23.00 -56.58
N ASN A 21 -16.01 23.72 -56.82
CA ASN A 21 -14.88 23.21 -57.60
C ASN A 21 -14.18 22.08 -56.86
N PRO A 22 -14.01 20.91 -57.51
CA PRO A 22 -13.34 19.75 -56.89
C PRO A 22 -11.98 20.10 -56.31
N ALA A 23 -11.29 21.03 -56.95
CA ALA A 23 -9.97 21.46 -56.50
C ALA A 23 -10.01 22.11 -55.13
N ASN A 24 -11.12 22.75 -54.81
CA ASN A 24 -11.23 23.44 -53.53
C ASN A 24 -11.71 22.53 -52.41
N ILE A 25 -11.99 21.27 -52.73
CA ILE A 25 -12.43 20.32 -51.71
C ILE A 25 -11.22 19.67 -51.04
N GLY A 26 -10.69 20.39 -50.06
CA GLY A 26 -9.51 19.98 -49.33
C GLY A 26 -9.33 20.72 -48.02
N PHE A 27 -8.48 20.15 -47.17
CA PHE A 27 -8.16 20.69 -45.84
C PHE A 27 -7.83 22.18 -45.80
N SER A 28 -7.09 22.64 -46.81
CA SER A 28 -6.64 24.03 -46.86
C SER A 28 -7.69 25.03 -47.34
N THR A 29 -8.68 24.57 -48.09
CA THR A 29 -9.68 25.47 -48.66
C THR A 29 -11.09 25.25 -48.12
N LEU A 30 -11.34 24.07 -47.55
CA LEU A 30 -12.66 23.76 -47.02
C LEU A 30 -12.61 23.58 -45.50
N THR A 31 -13.50 24.26 -44.79
CA THR A 31 -13.57 24.12 -43.33
C THR A 31 -14.96 23.76 -42.85
N MET A 32 -15.00 22.95 -41.79
CA MET A 32 -16.25 22.57 -41.16
C MET A 32 -15.99 22.55 -39.66
N GLU A 33 -16.62 23.48 -38.95
CA GLU A 33 -16.39 23.69 -37.52
C GLU A 33 -17.56 23.15 -36.70
N SER A 34 -18.64 22.80 -37.38
CA SER A 34 -19.81 22.21 -36.74
C SER A 34 -20.68 21.59 -37.83
N ASP A 35 -21.71 20.83 -37.43
CA ASP A 35 -22.59 20.23 -38.43
C ASP A 35 -23.49 21.27 -39.13
N LYS A 36 -23.41 22.53 -38.69
CA LYS A 36 -24.26 23.60 -39.20
C LYS A 36 -23.80 24.27 -40.51
N PHE A 37 -22.50 24.53 -40.66
CA PHE A 37 -22.00 25.17 -41.87
C PHE A 37 -20.76 24.51 -42.47
N ILE A 38 -20.62 24.70 -43.77
CA ILE A 38 -19.44 24.30 -44.53
C ILE A 38 -18.94 25.51 -45.29
N CYS A 39 -17.70 25.90 -45.02
CA CYS A 39 -17.15 27.11 -45.62
C CYS A 39 -16.00 26.81 -46.57
N ILE A 40 -16.17 27.21 -47.82
CA ILE A 40 -15.19 26.93 -48.85
C ILE A 40 -14.60 28.21 -49.42
N ARG A 41 -13.29 28.21 -49.66
CA ARG A 41 -12.62 29.34 -50.29
C ARG A 41 -12.27 29.02 -51.74
N GLU A 42 -12.89 29.76 -52.65
CA GLU A 42 -12.66 29.55 -54.07
C GLU A 42 -12.16 30.83 -54.72
N LYS A 43 -11.66 30.72 -55.94
CA LYS A 43 -11.23 31.89 -56.70
C LYS A 43 -11.89 31.86 -58.08
N VAL A 44 -12.88 32.72 -58.27
CA VAL A 44 -13.53 32.84 -59.57
C VAL A 44 -12.90 33.93 -60.43
N GLY A 45 -12.32 33.53 -61.55
CA GLY A 45 -11.86 34.47 -62.57
C GLY A 45 -11.01 35.62 -62.07
N GLU A 46 -9.95 35.32 -61.34
CA GLU A 46 -9.06 36.34 -60.76
C GLU A 46 -9.71 37.07 -59.59
N GLN A 47 -10.91 36.65 -59.21
CA GLN A 47 -11.57 37.18 -58.01
C GLN A 47 -11.81 36.09 -56.97
N ALA A 48 -11.34 36.36 -55.75
CA ALA A 48 -11.41 35.47 -54.59
C ALA A 48 -12.68 35.62 -53.74
N GLN A 49 -13.40 34.53 -53.52
CA GLN A 49 -14.66 34.62 -52.77
C GLN A 49 -14.80 33.47 -51.76
N VAL A 50 -15.78 33.61 -50.87
CA VAL A 50 -16.03 32.62 -49.81
C VAL A 50 -17.47 32.12 -49.85
N VAL A 51 -17.63 30.81 -49.96
CA VAL A 51 -18.96 30.22 -50.00
C VAL A 51 -19.32 29.57 -48.68
N ILE A 52 -20.44 29.98 -48.11
CA ILE A 52 -20.90 29.40 -46.85
C ILE A 52 -22.17 28.62 -47.11
N ILE A 53 -22.14 27.34 -46.78
CA ILE A 53 -23.29 26.49 -47.01
C ILE A 53 -24.01 26.18 -45.71
N ASP A 54 -25.21 26.73 -45.59
CA ASP A 54 -26.04 26.48 -44.43
C ASP A 54 -26.57 25.06 -44.57
N MET A 55 -26.40 24.23 -43.54
CA MET A 55 -26.79 22.83 -43.64
C MET A 55 -28.29 22.65 -43.44
N ASN A 56 -28.94 23.69 -42.93
CA ASN A 56 -30.39 23.69 -42.79
C ASN A 56 -31.03 23.94 -44.14
N ASP A 57 -30.39 24.81 -44.92
CA ASP A 57 -30.79 25.08 -46.29
C ASP A 57 -29.55 24.95 -47.18
N PRO A 58 -29.21 23.70 -47.56
CA PRO A 58 -28.01 23.44 -48.37
C PRO A 58 -28.20 23.70 -49.85
N SER A 59 -29.45 23.65 -50.33
CA SER A 59 -29.76 23.87 -51.73
C SER A 59 -29.27 25.21 -52.27
N ASN A 60 -29.37 26.27 -51.47
CA ASN A 60 -28.97 27.60 -51.91
C ASN A 60 -27.77 28.19 -51.14
N PRO A 61 -26.56 28.02 -51.69
CA PRO A 61 -25.38 28.60 -51.02
C PRO A 61 -25.15 30.07 -51.35
N ILE A 62 -24.54 30.79 -50.41
CA ILE A 62 -24.25 32.21 -50.57
C ILE A 62 -22.79 32.46 -50.94
N ARG A 63 -22.56 33.08 -52.11
CA ARG A 63 -21.20 33.41 -52.52
C ARG A 63 -20.89 34.89 -52.28
N ARG A 64 -20.13 35.15 -51.22
CA ARG A 64 -19.75 36.50 -50.84
C ARG A 64 -18.29 36.75 -51.22
N PRO A 65 -18.00 37.94 -51.79
CA PRO A 65 -16.64 38.23 -52.25
C PRO A 65 -15.69 38.63 -51.12
N ILE A 66 -14.97 37.65 -50.60
CA ILE A 66 -14.04 37.86 -49.48
C ILE A 66 -12.63 37.36 -49.77
N SER A 67 -11.66 38.22 -49.49
CA SER A 67 -10.26 37.89 -49.66
C SER A 67 -9.60 37.50 -48.33
N ALA A 68 -9.38 36.21 -48.12
CA ALA A 68 -8.80 35.72 -46.88
C ALA A 68 -8.00 34.44 -47.12
N ASP A 69 -6.92 34.25 -46.37
CA ASP A 69 -6.14 33.02 -46.50
C ASP A 69 -6.73 31.92 -45.64
N SER A 70 -7.77 32.26 -44.88
CA SER A 70 -8.45 31.30 -44.03
C SER A 70 -9.79 31.84 -43.53
N ALA A 71 -10.80 30.99 -43.53
CA ALA A 71 -12.13 31.42 -43.08
C ALA A 71 -12.85 30.31 -42.32
N ILE A 72 -13.14 30.55 -41.04
CA ILE A 72 -13.81 29.55 -40.21
C ILE A 72 -15.06 30.09 -39.51
N MET A 73 -16.19 29.45 -39.77
CA MET A 73 -17.46 29.85 -39.19
C MET A 73 -17.60 29.48 -37.72
N ASN A 74 -18.50 30.18 -37.04
CA ASN A 74 -18.84 29.88 -35.65
C ASN A 74 -19.61 28.57 -35.61
N PRO A 75 -19.40 27.77 -34.55
CA PRO A 75 -20.14 26.50 -34.45
C PRO A 75 -21.66 26.65 -34.41
N ALA A 76 -22.17 27.86 -34.23
CA ALA A 76 -23.62 28.05 -34.23
C ALA A 76 -24.06 29.37 -34.86
N SER A 77 -23.49 30.47 -34.37
CA SER A 77 -23.85 31.80 -34.84
C SER A 77 -23.46 32.05 -36.30
N LYS A 78 -24.14 33.02 -36.92
CA LYS A 78 -23.82 33.41 -38.28
C LYS A 78 -22.66 34.40 -38.20
N VAL A 79 -21.60 33.97 -37.51
CA VAL A 79 -20.41 34.76 -37.30
C VAL A 79 -19.20 34.05 -37.91
N ILE A 80 -18.41 34.77 -38.71
CA ILE A 80 -17.25 34.16 -39.34
C ILE A 80 -15.94 34.80 -38.85
N ALA A 81 -14.87 34.01 -38.87
CA ALA A 81 -13.55 34.52 -38.52
C ALA A 81 -12.61 34.36 -39.72
N LEU A 82 -12.00 35.45 -40.17
CA LEU A 82 -11.13 35.40 -41.33
C LEU A 82 -9.74 35.94 -41.09
N LYS A 83 -8.78 35.27 -41.71
CA LYS A 83 -7.35 35.58 -41.63
C LYS A 83 -6.82 36.21 -42.91
N ALA A 84 -6.12 37.32 -42.77
CA ALA A 84 -5.49 37.92 -43.94
C ALA A 84 -4.09 38.29 -43.51
N GLY A 85 -3.14 37.42 -43.86
CA GLY A 85 -1.75 37.63 -43.52
C GLY A 85 -1.55 37.38 -42.04
N LYS A 86 -1.19 38.42 -41.32
CA LYS A 86 -1.02 38.34 -39.87
C LYS A 86 -2.17 39.06 -39.21
N THR A 87 -3.13 39.47 -40.03
CA THR A 87 -4.30 40.21 -39.56
C THR A 87 -5.57 39.37 -39.45
N LEU A 88 -6.06 39.25 -38.22
CA LEU A 88 -7.23 38.45 -37.90
C LEU A 88 -8.48 39.31 -37.72
N GLN A 89 -9.64 38.75 -38.03
CA GLN A 89 -10.88 39.51 -37.95
C GLN A 89 -12.14 38.65 -37.75
N ILE A 90 -12.83 38.85 -36.63
CA ILE A 90 -14.12 38.21 -36.39
C ILE A 90 -15.22 39.12 -36.94
N PHE A 91 -15.95 38.61 -37.92
CA PHE A 91 -16.90 39.40 -38.69
C PHE A 91 -18.33 38.87 -38.60
N ASN A 92 -19.30 39.78 -38.43
CA ASN A 92 -20.70 39.39 -38.37
C ASN A 92 -21.32 39.33 -39.77
N ILE A 93 -21.66 38.12 -40.20
CA ILE A 93 -22.19 37.90 -41.54
C ILE A 93 -23.54 38.57 -41.78
N GLU A 94 -24.48 38.34 -40.86
CA GLU A 94 -25.82 38.89 -40.98
C GLU A 94 -25.86 40.42 -40.96
N MET A 95 -25.05 41.01 -40.08
CA MET A 95 -25.01 42.46 -39.91
C MET A 95 -23.99 43.16 -40.78
N LYS A 96 -23.30 42.39 -41.62
CA LYS A 96 -22.21 42.88 -42.49
C LYS A 96 -21.28 43.88 -41.78
N SER A 97 -21.01 43.62 -40.50
CA SER A 97 -20.19 44.50 -39.69
C SER A 97 -19.07 43.76 -38.97
N LYS A 98 -17.94 44.42 -38.78
CA LYS A 98 -16.80 43.84 -38.09
C LYS A 98 -16.97 43.85 -36.56
N MET A 99 -16.81 42.68 -35.95
CA MET A 99 -16.96 42.56 -34.49
C MET A 99 -15.65 42.86 -33.75
N LYS A 100 -14.63 42.07 -34.04
CA LYS A 100 -13.29 42.21 -33.45
C LYS A 100 -12.19 42.16 -34.49
N ALA A 101 -10.97 42.51 -34.08
CA ALA A 101 -9.82 42.45 -34.97
C ALA A 101 -8.51 42.35 -34.19
N HIS A 102 -7.52 41.69 -34.78
CA HIS A 102 -6.20 41.57 -34.16
C HIS A 102 -5.12 41.26 -35.18
N THR A 103 -3.98 41.94 -35.02
CA THR A 103 -2.81 41.71 -35.86
C THR A 103 -1.73 41.02 -35.03
N MET A 104 -1.34 39.82 -35.47
CA MET A 104 -0.37 38.99 -34.73
C MET A 104 1.07 39.22 -35.13
N THR A 105 1.95 39.14 -34.13
CA THR A 105 3.38 39.29 -34.35
C THR A 105 3.91 38.14 -35.21
N ASP A 106 3.86 36.92 -34.69
CA ASP A 106 4.22 35.76 -35.49
C ASP A 106 2.97 35.08 -36.03
N ASP A 107 3.07 34.62 -37.28
CA ASP A 107 1.96 34.07 -38.05
C ASP A 107 1.17 32.94 -37.40
N VAL A 108 -0.15 32.98 -37.59
CA VAL A 108 -1.04 31.93 -37.11
C VAL A 108 -1.09 30.77 -38.10
N THR A 109 -0.48 29.67 -37.69
CA THR A 109 -0.34 28.49 -38.53
C THR A 109 -1.57 27.57 -38.52
N PHE A 110 -2.38 27.65 -37.46
CA PHE A 110 -3.60 26.84 -37.34
C PHE A 110 -4.61 27.54 -36.43
N TRP A 111 -5.90 27.47 -36.77
CA TRP A 111 -6.92 28.03 -35.88
C TRP A 111 -8.28 27.31 -35.99
N LYS A 112 -8.99 27.27 -34.87
CA LYS A 112 -10.22 26.50 -34.72
C LYS A 112 -11.13 27.14 -33.67
N TRP A 113 -12.44 26.92 -33.79
CA TRP A 113 -13.35 27.41 -32.76
C TRP A 113 -13.44 26.41 -31.63
N ILE A 114 -12.98 26.83 -30.45
CA ILE A 114 -12.99 25.97 -29.26
C ILE A 114 -14.42 25.75 -28.80
N SER A 115 -15.20 26.82 -28.87
CA SER A 115 -16.61 26.74 -28.53
C SER A 115 -17.29 27.85 -29.30
N LEU A 116 -18.55 28.09 -28.98
CA LEU A 116 -19.23 29.25 -29.50
C LEU A 116 -18.67 30.38 -28.66
N ASN A 117 -18.15 31.41 -29.32
CA ASN A 117 -17.49 32.62 -28.78
C ASN A 117 -16.02 32.44 -28.39
N THR A 118 -15.37 31.37 -28.84
CA THR A 118 -13.95 31.23 -28.53
C THR A 118 -13.21 30.55 -29.66
N VAL A 119 -12.23 31.27 -30.20
CA VAL A 119 -11.40 30.78 -31.28
C VAL A 119 -9.94 30.66 -30.83
N ALA A 120 -9.40 29.45 -30.96
CA ALA A 120 -8.03 29.16 -30.57
C ALA A 120 -7.06 29.42 -31.71
N LEU A 121 -5.92 30.02 -31.39
CA LEU A 121 -4.92 30.36 -32.39
C LEU A 121 -3.59 29.67 -32.11
N VAL A 122 -3.01 29.07 -33.15
CA VAL A 122 -1.73 28.38 -32.99
C VAL A 122 -0.65 29.01 -33.85
N THR A 123 0.38 29.54 -33.19
CA THR A 123 1.55 30.06 -33.87
C THR A 123 2.62 28.99 -33.77
N ASP A 124 3.79 29.23 -34.34
CA ASP A 124 4.85 28.23 -34.27
C ASP A 124 5.41 28.06 -32.87
N ASN A 125 5.11 29.01 -31.99
CA ASN A 125 5.70 28.98 -30.64
C ASN A 125 4.70 28.80 -29.50
N ALA A 126 3.44 29.18 -29.71
CA ALA A 126 2.45 29.09 -28.62
C ALA A 126 1.01 28.94 -29.08
N VAL A 127 0.12 28.72 -28.13
CA VAL A 127 -1.31 28.58 -28.37
C VAL A 127 -2.12 29.67 -27.65
N TYR A 128 -3.03 30.31 -28.37
CA TYR A 128 -3.81 31.40 -27.80
C TYR A 128 -5.31 31.16 -27.81
N HIS A 129 -6.01 31.80 -26.87
CA HIS A 129 -7.47 31.77 -26.84
C HIS A 129 -8.05 33.17 -27.02
N TRP A 130 -8.77 33.38 -28.11
CA TRP A 130 -9.32 34.70 -28.44
C TRP A 130 -10.85 34.72 -28.32
N SER A 131 -11.38 35.49 -27.37
CA SER A 131 -12.82 35.54 -27.19
C SER A 131 -13.50 36.44 -28.21
N MET A 132 -14.64 35.97 -28.69
CA MET A 132 -15.47 36.70 -29.64
C MET A 132 -16.18 37.88 -28.96
N GLU A 133 -16.42 37.72 -27.66
CA GLU A 133 -17.09 38.71 -26.83
C GLU A 133 -16.14 39.80 -26.33
N GLY A 134 -16.66 41.01 -26.17
CA GLY A 134 -15.92 42.11 -25.60
C GLY A 134 -14.79 42.74 -26.41
N GLU A 135 -13.77 43.23 -25.71
CA GLU A 135 -12.63 43.86 -26.34
C GLU A 135 -11.32 43.18 -25.97
N SER A 136 -11.43 41.93 -25.52
CA SER A 136 -10.28 41.16 -25.07
C SER A 136 -9.36 40.64 -26.18
N GLN A 137 -8.07 40.92 -26.03
CA GLN A 137 -7.04 40.47 -26.96
C GLN A 137 -6.81 38.97 -26.79
N PRO A 138 -6.23 38.30 -27.81
CA PRO A 138 -5.93 36.87 -27.67
C PRO A 138 -5.01 36.57 -26.49
N VAL A 139 -5.43 35.61 -25.66
CA VAL A 139 -4.71 35.27 -24.43
C VAL A 139 -3.85 34.01 -24.60
N LYS A 140 -2.56 34.13 -24.29
CA LYS A 140 -1.65 33.00 -24.35
C LYS A 140 -1.99 31.92 -23.34
N MET A 141 -2.14 30.68 -23.82
CA MET A 141 -2.52 29.57 -22.97
C MET A 141 -1.32 28.74 -22.54
N PHE A 142 -0.45 28.40 -23.49
CA PHE A 142 0.75 27.63 -23.19
C PHE A 142 1.75 27.72 -24.35
N ASP A 143 3.01 27.41 -24.06
CA ASP A 143 4.06 27.44 -25.08
C ASP A 143 4.14 26.08 -25.77
N ARG A 144 4.34 26.11 -27.08
CA ARG A 144 4.46 24.88 -27.88
C ARG A 144 5.69 24.06 -27.49
N HIS A 145 5.47 22.76 -27.29
CA HIS A 145 6.54 21.82 -26.94
C HIS A 145 7.47 21.58 -28.11
N SER A 146 8.73 21.32 -27.82
CA SER A 146 9.74 21.06 -28.85
C SER A 146 9.44 19.82 -29.70
N SER A 147 8.72 18.86 -29.12
CA SER A 147 8.36 17.64 -29.83
C SER A 147 7.45 17.92 -31.02
N LEU A 148 6.69 19.02 -30.97
CA LEU A 148 5.79 19.39 -32.04
C LEU A 148 6.43 20.33 -33.06
N ALA A 149 7.70 20.66 -32.87
CA ALA A 149 8.41 21.52 -33.81
C ALA A 149 8.55 20.87 -35.18
N GLY A 150 8.18 21.62 -36.22
CA GLY A 150 8.24 21.12 -37.59
C GLY A 150 7.03 20.34 -38.03
N CYS A 151 6.12 20.09 -37.10
CA CYS A 151 4.89 19.34 -37.38
C CYS A 151 3.82 20.18 -38.06
N GLN A 152 2.99 19.51 -38.86
CA GLN A 152 1.81 20.14 -39.44
C GLN A 152 0.69 19.98 -38.43
N ILE A 153 0.23 21.09 -37.86
CA ILE A 153 -0.81 21.03 -36.85
C ILE A 153 -2.13 20.64 -37.48
N ILE A 154 -2.73 19.56 -36.99
CA ILE A 154 -3.94 19.04 -37.58
C ILE A 154 -5.18 19.30 -36.74
N ASN A 155 -5.00 19.45 -35.43
CA ASN A 155 -6.14 19.73 -34.54
C ASN A 155 -5.76 20.31 -33.17
N TYR A 156 -6.75 20.92 -32.53
CA TYR A 156 -6.63 21.44 -31.17
C TYR A 156 -7.93 21.23 -30.39
N ARG A 157 -7.83 20.54 -29.25
CA ARG A 157 -9.00 20.19 -28.45
C ARG A 157 -8.85 20.54 -26.96
N THR A 158 -9.99 20.67 -26.27
CA THR A 158 -10.03 20.97 -24.83
C THR A 158 -11.15 20.15 -24.16
N ASP A 159 -11.05 19.88 -22.86
CA ASP A 159 -12.18 19.21 -22.20
C ASP A 159 -13.28 20.24 -21.99
N ALA A 160 -14.39 19.78 -21.43
CA ALA A 160 -15.55 20.62 -21.14
C ALA A 160 -15.19 21.82 -20.26
N LYS A 161 -14.60 21.55 -19.11
CA LYS A 161 -14.22 22.62 -18.17
C LYS A 161 -13.05 23.48 -18.67
N GLN A 162 -12.44 23.07 -19.79
CA GLN A 162 -11.29 23.75 -20.38
C GLN A 162 -10.12 23.84 -19.41
N LYS A 163 -9.92 22.79 -18.64
CA LYS A 163 -8.79 22.72 -17.73
C LYS A 163 -7.67 21.90 -18.38
N TRP A 164 -8.03 21.16 -19.44
CA TRP A 164 -7.06 20.39 -20.20
C TRP A 164 -7.08 20.73 -21.68
N LEU A 165 -5.92 21.10 -22.20
CA LEU A 165 -5.79 21.52 -23.60
C LEU A 165 -4.90 20.55 -24.37
N LEU A 166 -5.22 20.33 -25.64
CA LEU A 166 -4.46 19.36 -26.43
C LEU A 166 -4.19 19.78 -27.88
N LEU A 167 -2.91 19.90 -28.22
CA LEU A 167 -2.49 20.24 -29.58
C LEU A 167 -1.93 19.02 -30.30
N THR A 168 -2.44 18.73 -31.49
CA THR A 168 -1.98 17.59 -32.26
C THR A 168 -1.30 17.99 -33.56
N GLY A 169 -0.13 17.43 -33.81
CA GLY A 169 0.61 17.68 -35.03
C GLY A 169 1.18 16.41 -35.62
N ILE A 170 1.28 16.34 -36.94
CA ILE A 170 1.83 15.16 -37.60
C ILE A 170 2.99 15.53 -38.53
N SER A 171 3.90 14.57 -38.72
CA SER A 171 5.09 14.78 -39.54
C SER A 171 5.51 13.47 -40.19
N ALA A 172 6.16 13.58 -41.35
CA ALA A 172 6.61 12.40 -42.08
C ALA A 172 7.99 11.93 -41.63
N GLN A 173 8.04 10.78 -40.96
CA GLN A 173 9.32 10.24 -40.50
C GLN A 173 9.49 8.80 -40.98
N GLN A 174 10.39 8.61 -41.95
CA GLN A 174 10.74 7.30 -42.48
C GLN A 174 9.54 6.55 -43.06
N ASN A 175 8.86 7.17 -44.02
CA ASN A 175 7.69 6.59 -44.67
C ASN A 175 6.55 6.23 -43.73
N ARG A 176 6.45 6.97 -42.63
CA ARG A 176 5.36 6.82 -41.68
C ARG A 176 4.94 8.20 -41.20
N VAL A 177 3.64 8.41 -41.14
CA VAL A 177 3.12 9.65 -40.60
C VAL A 177 3.13 9.53 -39.09
N VAL A 178 3.92 10.38 -38.44
CA VAL A 178 4.10 10.27 -36.99
C VAL A 178 3.34 11.36 -36.24
N GLY A 179 2.51 10.94 -35.30
CA GLY A 179 1.71 11.86 -34.52
C GLY A 179 2.34 12.38 -33.25
N ALA A 180 2.35 13.70 -33.11
CA ALA A 180 2.89 14.34 -31.92
C ALA A 180 1.81 15.14 -31.21
N MET A 181 1.60 14.88 -29.93
CA MET A 181 0.60 15.62 -29.17
C MET A 181 1.20 16.26 -27.92
N GLN A 182 0.59 17.36 -27.49
CA GLN A 182 0.99 18.04 -26.27
C GLN A 182 -0.21 18.22 -25.37
N LEU A 183 -0.23 17.51 -24.25
CA LEU A 183 -1.33 17.62 -23.31
C LEU A 183 -0.97 18.59 -22.19
N TYR A 184 -1.62 19.74 -22.19
CA TYR A 184 -1.36 20.80 -21.22
C TYR A 184 -2.46 20.92 -20.18
N SER A 185 -2.06 20.91 -18.91
CA SER A 185 -3.00 21.12 -17.81
C SER A 185 -2.96 22.56 -17.32
N VAL A 186 -4.12 23.20 -17.31
CA VAL A 186 -4.22 24.59 -16.88
C VAL A 186 -3.87 24.72 -15.40
N ASP A 187 -4.43 23.86 -14.57
CA ASP A 187 -4.20 23.89 -13.14
C ASP A 187 -2.75 23.62 -12.73
N ARG A 188 -2.19 22.52 -13.24
CA ARG A 188 -0.82 22.15 -12.91
C ARG A 188 0.23 22.92 -13.71
N LYS A 189 -0.22 23.64 -14.74
CA LYS A 189 0.65 24.45 -15.61
C LYS A 189 1.83 23.69 -16.24
N VAL A 190 1.61 22.42 -16.59
CA VAL A 190 2.67 21.62 -17.20
C VAL A 190 2.19 20.83 -18.42
N SER A 191 3.11 20.54 -19.34
CA SER A 191 2.79 19.81 -20.57
C SER A 191 3.38 18.39 -20.61
N GLN A 192 2.64 17.48 -21.24
CA GLN A 192 3.12 16.11 -21.45
C GLN A 192 3.10 15.77 -22.94
N PRO A 193 4.27 15.46 -23.51
CA PRO A 193 4.29 15.05 -24.92
C PRO A 193 3.81 13.61 -25.10
N ILE A 194 2.90 13.40 -26.04
CA ILE A 194 2.30 12.08 -26.26
C ILE A 194 2.31 11.72 -27.73
N GLU A 195 2.67 10.48 -28.07
CA GLU A 195 2.57 10.05 -29.47
C GLU A 195 1.14 9.60 -29.74
N GLY A 196 0.41 10.42 -30.49
CA GLY A 196 -0.97 10.14 -30.81
C GLY A 196 -1.37 10.74 -32.14
N HIS A 197 -2.29 10.06 -32.83
CA HIS A 197 -2.77 10.52 -34.13
C HIS A 197 -4.11 11.25 -34.04
N ALA A 198 -5.01 10.74 -33.21
CA ALA A 198 -6.32 11.34 -33.05
C ALA A 198 -6.76 11.22 -31.60
N ALA A 199 -7.38 12.28 -31.07
CA ALA A 199 -7.78 12.28 -29.68
C ALA A 199 -9.07 13.03 -29.40
N SER A 200 -9.58 12.85 -28.19
CA SER A 200 -10.82 13.50 -27.76
C SER A 200 -11.00 13.38 -26.24
N PHE A 201 -11.72 14.34 -25.66
CA PHE A 201 -12.02 14.32 -24.23
C PHE A 201 -13.46 13.88 -24.01
N ALA A 202 -13.73 13.24 -22.87
CA ALA A 202 -15.08 12.81 -22.57
C ALA A 202 -15.41 12.85 -21.08
N GLN A 203 -16.65 13.19 -20.77
CA GLN A 203 -17.13 13.18 -19.38
C GLN A 203 -17.91 11.87 -19.20
N PHE A 204 -17.48 11.07 -18.23
CA PHE A 204 -18.05 9.74 -18.02
C PHE A 204 -18.20 9.41 -16.53
N LYS A 205 -19.43 9.14 -16.09
CA LYS A 205 -19.67 8.77 -14.70
C LYS A 205 -19.66 7.25 -14.53
N MET A 206 -18.71 6.76 -13.75
CA MET A 206 -18.53 5.33 -13.52
C MET A 206 -19.67 4.69 -12.73
N GLU A 207 -19.64 3.35 -12.68
CA GLU A 207 -20.61 2.59 -11.90
C GLU A 207 -20.29 2.76 -10.42
N GLY A 208 -21.22 3.36 -9.68
CA GLY A 208 -21.05 3.62 -8.27
C GLY A 208 -20.13 4.79 -7.96
N ASN A 209 -20.13 5.78 -8.84
CA ASN A 209 -19.33 6.99 -8.66
C ASN A 209 -20.18 8.23 -8.52
N ALA A 210 -19.84 9.07 -7.54
CA ALA A 210 -20.59 10.29 -7.27
C ALA A 210 -20.57 11.32 -8.41
N GLU A 211 -19.37 11.66 -8.89
CA GLU A 211 -19.21 12.69 -9.91
C GLU A 211 -18.70 12.15 -11.23
N GLU A 212 -18.82 12.96 -12.28
CA GLU A 212 -18.35 12.60 -13.61
C GLU A 212 -16.83 12.65 -13.71
N SER A 213 -16.24 11.62 -14.31
CA SER A 213 -14.79 11.59 -14.52
C SER A 213 -14.44 12.17 -15.88
N THR A 214 -13.37 12.96 -15.93
CA THR A 214 -12.94 13.52 -17.20
C THR A 214 -11.90 12.61 -17.85
N LEU A 215 -12.30 12.01 -18.97
CA LEU A 215 -11.45 11.06 -19.68
C LEU A 215 -10.74 11.66 -20.90
N PHE A 216 -9.50 11.25 -21.08
CA PHE A 216 -8.71 11.63 -22.25
C PHE A 216 -8.52 10.38 -23.10
N CYS A 217 -9.08 10.40 -24.30
CA CYS A 217 -8.99 9.24 -25.18
C CYS A 217 -8.20 9.56 -26.45
N PHE A 218 -7.18 8.76 -26.75
CA PHE A 218 -6.44 9.00 -27.98
C PHE A 218 -6.06 7.70 -28.68
N ALA A 219 -6.01 7.79 -30.01
CA ALA A 219 -5.66 6.66 -30.85
C ALA A 219 -4.41 6.97 -31.63
N VAL A 220 -3.64 5.92 -31.92
CA VAL A 220 -2.37 6.09 -32.60
C VAL A 220 -1.97 4.81 -33.32
N ARG A 221 -1.22 4.95 -34.40
CA ARG A 221 -0.56 3.81 -35.00
C ARG A 221 0.92 4.12 -34.89
N GLY A 222 1.47 3.84 -33.71
CA GLY A 222 2.83 4.21 -33.39
C GLY A 222 3.79 3.07 -33.16
N GLN A 223 4.61 3.23 -32.12
CA GLN A 223 5.68 2.28 -31.80
C GLN A 223 5.15 0.90 -31.45
N ALA A 224 4.01 0.84 -30.77
CA ALA A 224 3.41 -0.45 -30.46
C ALA A 224 2.19 -0.68 -31.33
N GLY A 225 2.33 -0.35 -32.61
CA GLY A 225 1.25 -0.48 -33.57
C GLY A 225 0.04 0.36 -33.25
N GLY A 226 -1.12 -0.06 -33.76
CA GLY A 226 -2.37 0.65 -33.52
C GLY A 226 -2.89 0.43 -32.12
N LYS A 227 -3.01 1.52 -31.37
CA LYS A 227 -3.47 1.40 -29.99
C LYS A 227 -4.50 2.48 -29.66
N LEU A 228 -5.45 2.14 -28.81
CA LEU A 228 -6.44 3.10 -28.32
C LEU A 228 -6.36 3.20 -26.81
N HIS A 229 -6.13 4.42 -26.34
CA HIS A 229 -5.95 4.63 -24.91
C HIS A 229 -7.07 5.44 -24.29
N ILE A 230 -7.60 4.96 -23.17
CA ILE A 230 -8.63 5.66 -22.43
C ILE A 230 -8.18 5.87 -21.00
N ILE A 231 -7.77 7.09 -20.68
CA ILE A 231 -7.23 7.41 -19.36
C ILE A 231 -7.94 8.59 -18.72
N GLU A 232 -7.96 8.60 -17.39
CA GLU A 232 -8.56 9.69 -16.63
C GLU A 232 -7.52 10.79 -16.38
N VAL A 233 -7.89 12.04 -16.66
CA VAL A 233 -6.97 13.14 -16.44
C VAL A 233 -7.20 13.87 -15.12
N GLY A 234 -6.13 13.94 -14.35
CA GLY A 234 -6.10 14.62 -13.07
C GLY A 234 -6.71 13.89 -11.89
N THR A 235 -6.67 14.56 -10.74
CA THR A 235 -7.16 14.02 -9.48
C THR A 235 -8.67 13.81 -9.54
N PRO A 236 -9.12 12.59 -9.19
CA PRO A 236 -10.55 12.29 -9.17
C PRO A 236 -11.25 13.09 -8.09
N PRO A 237 -12.53 13.46 -8.33
CA PRO A 237 -13.29 14.20 -7.33
C PRO A 237 -13.41 13.44 -6.01
N THR A 238 -13.75 14.15 -4.95
CA THR A 238 -13.88 13.54 -3.64
C THR A 238 -14.98 12.47 -3.66
N GLY A 239 -14.61 11.28 -3.20
CA GLY A 239 -15.53 10.15 -3.17
C GLY A 239 -15.70 9.37 -4.46
N ASN A 240 -14.67 9.37 -5.30
CA ASN A 240 -14.72 8.67 -6.58
C ASN A 240 -13.74 7.48 -6.58
N GLN A 241 -13.72 6.69 -7.65
CA GLN A 241 -13.00 5.39 -7.64
C GLN A 241 -11.47 5.35 -7.69
N PRO A 242 -10.78 5.80 -8.77
CA PRO A 242 -10.93 6.33 -10.13
C PRO A 242 -11.09 5.32 -11.27
N PHE A 243 -11.00 5.86 -12.49
CA PHE A 243 -11.09 5.11 -13.73
C PHE A 243 -9.80 4.36 -14.06
N PRO A 244 -9.88 3.02 -14.19
CA PRO A 244 -8.71 2.21 -14.55
C PRO A 244 -8.28 2.43 -16.01
N LYS A 245 -7.04 2.88 -16.20
CA LYS A 245 -6.49 3.13 -17.53
C LYS A 245 -6.73 1.97 -18.50
N LYS A 246 -7.14 2.31 -19.72
CA LYS A 246 -7.37 1.31 -20.75
C LYS A 246 -6.41 1.46 -21.92
N ALA A 247 -6.02 0.33 -22.50
CA ALA A 247 -5.16 0.29 -23.67
C ALA A 247 -5.57 -0.89 -24.53
N VAL A 248 -6.15 -0.57 -25.69
CA VAL A 248 -6.68 -1.59 -26.59
C VAL A 248 -6.06 -1.51 -27.98
N ASP A 249 -6.11 -2.60 -28.73
CA ASP A 249 -5.58 -2.61 -30.09
C ASP A 249 -6.52 -1.94 -31.08
N VAL A 250 -5.94 -1.29 -32.07
CA VAL A 250 -6.71 -0.73 -33.18
C VAL A 250 -6.36 -1.50 -34.44
N PHE A 251 -7.35 -2.13 -35.05
CA PHE A 251 -7.08 -3.00 -36.18
C PHE A 251 -6.95 -2.33 -37.54
N PHE A 252 -5.84 -2.63 -38.20
CA PHE A 252 -5.56 -2.18 -39.56
C PHE A 252 -5.29 -3.42 -40.41
N PRO A 253 -6.13 -3.66 -41.43
CA PRO A 253 -5.96 -4.83 -42.30
C PRO A 253 -4.58 -4.82 -42.99
N PRO A 254 -4.13 -5.99 -43.48
CA PRO A 254 -2.81 -6.07 -44.12
C PRO A 254 -2.67 -5.20 -45.36
N GLU A 255 -3.75 -5.00 -46.09
CA GLU A 255 -3.73 -4.16 -47.29
C GLU A 255 -3.54 -2.69 -46.98
N ALA A 256 -4.02 -2.25 -45.81
CA ALA A 256 -3.92 -0.86 -45.38
C ALA A 256 -2.63 -0.53 -44.63
N GLN A 257 -1.46 -0.85 -45.21
CA GLN A 257 -0.20 -0.58 -44.51
C GLN A 257 0.19 0.90 -44.30
N ASN A 258 -0.48 1.84 -44.96
CA ASN A 258 -0.17 3.26 -44.72
C ASN A 258 -1.41 4.02 -44.26
N ASP A 259 -2.20 3.36 -43.45
CA ASP A 259 -3.38 3.94 -42.81
C ASP A 259 -3.07 4.31 -41.35
N PHE A 260 -3.76 5.31 -40.81
CA PHE A 260 -3.56 5.73 -39.41
C PHE A 260 -4.79 6.52 -38.95
N PRO A 261 -5.00 6.63 -37.61
CA PRO A 261 -6.17 7.41 -37.18
C PRO A 261 -6.10 8.87 -37.58
N VAL A 262 -7.22 9.38 -38.11
CA VAL A 262 -7.29 10.75 -38.62
C VAL A 262 -8.24 11.62 -37.80
N ALA A 263 -9.34 11.05 -37.32
CA ALA A 263 -10.32 11.81 -36.56
C ALA A 263 -10.98 10.97 -35.46
N MET A 264 -11.42 11.62 -34.39
CA MET A 264 -12.10 10.94 -33.29
C MET A 264 -13.15 11.82 -32.63
N GLN A 265 -14.37 11.29 -32.51
CA GLN A 265 -15.46 11.97 -31.81
C GLN A 265 -16.10 11.01 -30.83
N ILE A 266 -16.28 11.45 -29.59
CA ILE A 266 -16.89 10.59 -28.57
C ILE A 266 -18.33 11.00 -28.29
N SER A 267 -19.23 10.04 -28.35
CA SER A 267 -20.64 10.29 -28.08
C SER A 267 -20.96 10.08 -26.61
N GLU A 268 -21.21 11.17 -25.89
CA GLU A 268 -21.52 11.14 -24.47
C GLU A 268 -22.84 10.41 -24.22
N LYS A 269 -23.75 10.52 -25.18
CA LYS A 269 -25.08 9.91 -25.08
C LYS A 269 -25.04 8.40 -24.95
N HIS A 270 -24.34 7.74 -25.87
CA HIS A 270 -24.25 6.28 -25.87
C HIS A 270 -22.94 5.78 -25.26
N ASP A 271 -22.05 6.72 -24.95
CA ASP A 271 -20.74 6.40 -24.39
C ASP A 271 -19.90 5.52 -25.30
N VAL A 272 -19.76 5.96 -26.55
CA VAL A 272 -18.97 5.24 -27.55
C VAL A 272 -18.01 6.18 -28.29
N VAL A 273 -16.91 5.61 -28.76
CA VAL A 273 -15.89 6.38 -29.48
C VAL A 273 -15.93 6.14 -30.99
N PHE A 274 -16.03 7.21 -31.76
CA PHE A 274 -15.98 7.11 -33.21
C PHE A 274 -14.54 7.35 -33.65
N LEU A 275 -14.03 6.48 -34.51
CA LEU A 275 -12.67 6.63 -35.01
C LEU A 275 -12.65 6.51 -36.52
N ILE A 276 -12.10 7.52 -37.18
CA ILE A 276 -12.01 7.52 -38.64
C ILE A 276 -10.55 7.54 -39.05
N THR A 277 -10.17 6.63 -39.93
CA THR A 277 -8.79 6.54 -40.40
C THR A 277 -8.61 7.21 -41.76
N LYS A 278 -7.35 7.37 -42.17
CA LYS A 278 -6.99 8.04 -43.41
C LYS A 278 -7.62 7.40 -44.65
N TYR A 279 -7.69 6.08 -44.66
CA TYR A 279 -8.24 5.35 -45.80
C TYR A 279 -9.76 5.48 -45.91
N GLY A 280 -10.41 5.89 -44.82
CA GLY A 280 -11.85 6.04 -44.82
C GLY A 280 -12.60 4.99 -44.03
N TYR A 281 -11.87 4.25 -43.20
CA TYR A 281 -12.47 3.23 -42.34
C TYR A 281 -13.03 3.86 -41.07
N ILE A 282 -14.23 3.44 -40.67
CA ILE A 282 -14.76 3.90 -39.40
C ILE A 282 -14.61 2.82 -38.32
N HIS A 283 -14.42 3.24 -37.08
CA HIS A 283 -14.26 2.32 -35.96
C HIS A 283 -15.20 2.73 -34.83
N LEU A 284 -15.73 1.74 -34.11
CA LEU A 284 -16.64 2.02 -33.00
C LEU A 284 -16.13 1.34 -31.75
N TYR A 285 -15.98 2.09 -30.66
CA TYR A 285 -15.46 1.51 -29.43
C TYR A 285 -16.32 1.86 -28.23
N ASP A 286 -16.33 0.98 -27.24
CA ASP A 286 -16.97 1.28 -25.98
C ASP A 286 -16.05 2.21 -25.21
N LEU A 287 -16.57 3.34 -24.76
CA LEU A 287 -15.75 4.30 -24.03
C LEU A 287 -15.28 3.73 -22.70
N GLU A 288 -16.12 2.91 -22.08
CA GLU A 288 -15.81 2.31 -20.78
C GLU A 288 -14.68 1.27 -20.83
N THR A 289 -14.74 0.32 -21.76
CA THR A 289 -13.75 -0.76 -21.79
C THR A 289 -12.81 -0.72 -23.00
N GLY A 290 -13.16 0.05 -24.02
CA GLY A 290 -12.38 0.10 -25.24
C GLY A 290 -12.64 -1.10 -26.13
N THR A 291 -13.72 -1.82 -25.85
CA THR A 291 -14.11 -2.96 -26.66
C THR A 291 -14.55 -2.47 -28.03
N CYS A 292 -14.06 -3.13 -29.07
CA CYS A 292 -14.42 -2.78 -30.44
C CYS A 292 -15.80 -3.32 -30.73
N ILE A 293 -16.61 -2.50 -31.38
CA ILE A 293 -17.99 -2.87 -31.68
C ILE A 293 -18.20 -3.05 -33.19
N TYR A 294 -17.86 -2.02 -33.96
CA TYR A 294 -18.03 -2.07 -35.40
C TYR A 294 -16.81 -1.49 -36.10
N MET A 295 -16.48 -2.08 -37.24
CA MET A 295 -15.42 -1.58 -38.11
C MET A 295 -15.92 -1.67 -39.51
N ASN A 296 -15.56 -0.68 -40.33
CA ASN A 296 -16.03 -0.66 -41.70
C ASN A 296 -15.43 0.46 -42.53
N ARG A 297 -15.29 0.23 -43.83
CA ARG A 297 -14.87 1.31 -44.72
C ARG A 297 -16.13 1.99 -45.19
N ILE A 298 -16.22 3.29 -44.94
CA ILE A 298 -17.41 4.04 -45.31
C ILE A 298 -17.09 4.95 -46.50
N SER A 299 -15.80 5.22 -46.70
CA SER A 299 -15.37 6.10 -47.77
C SER A 299 -14.14 5.57 -48.51
N GLY A 300 -14.10 5.81 -49.82
CA GLY A 300 -12.96 5.46 -50.64
C GLY A 300 -11.91 6.56 -50.63
N GLU A 301 -12.35 7.76 -50.27
CA GLU A 301 -11.49 8.93 -50.22
C GLU A 301 -11.31 9.38 -48.76
N THR A 302 -10.19 10.03 -48.48
CA THR A 302 -9.93 10.56 -47.13
C THR A 302 -10.99 11.55 -46.69
N ILE A 303 -11.45 11.40 -45.45
CA ILE A 303 -12.40 12.35 -44.87
C ILE A 303 -11.63 13.39 -44.07
N PHE A 304 -11.21 14.46 -44.75
CA PHE A 304 -10.31 15.45 -44.16
C PHE A 304 -10.89 16.34 -43.03
N VAL A 305 -12.17 16.68 -43.10
CA VAL A 305 -12.77 17.47 -42.02
C VAL A 305 -13.91 16.73 -41.34
N THR A 306 -13.95 16.82 -40.02
CA THR A 306 -15.00 16.18 -39.23
C THR A 306 -15.55 17.12 -38.16
N ALA A 307 -16.73 16.79 -37.67
CA ALA A 307 -17.39 17.59 -36.65
C ALA A 307 -18.42 16.73 -35.93
N PRO A 308 -18.83 17.12 -34.72
CA PRO A 308 -19.85 16.29 -34.07
C PRO A 308 -21.22 16.51 -34.70
N HIS A 309 -21.95 15.42 -34.92
CA HIS A 309 -23.28 15.51 -35.48
C HIS A 309 -24.23 15.63 -34.29
N GLU A 310 -24.32 16.85 -33.77
CA GLU A 310 -25.04 17.19 -32.53
C GLU A 310 -26.42 16.55 -32.33
N ALA A 311 -27.28 16.63 -33.34
CA ALA A 311 -28.64 16.09 -33.23
C ALA A 311 -28.67 14.60 -32.90
N THR A 312 -28.01 13.81 -33.73
CA THR A 312 -27.99 12.35 -33.58
C THR A 312 -26.91 11.84 -32.64
N ALA A 313 -26.08 12.74 -32.14
CA ALA A 313 -24.94 12.40 -31.29
C ALA A 313 -24.00 11.44 -32.01
N GLY A 314 -23.52 11.88 -33.17
CA GLY A 314 -22.63 11.07 -33.98
C GLY A 314 -21.52 11.93 -34.57
N ILE A 315 -21.02 11.51 -35.74
CA ILE A 315 -19.94 12.21 -36.40
C ILE A 315 -20.29 12.55 -37.86
N ILE A 316 -20.01 13.78 -38.26
CA ILE A 316 -20.27 14.21 -39.63
C ILE A 316 -19.02 14.77 -40.31
N GLY A 317 -18.64 14.18 -41.43
CA GLY A 317 -17.45 14.63 -42.13
C GLY A 317 -17.64 14.91 -43.60
N VAL A 318 -16.57 15.37 -44.24
CA VAL A 318 -16.56 15.63 -45.69
C VAL A 318 -15.31 15.02 -46.30
N ASN A 319 -15.48 14.22 -47.35
CA ASN A 319 -14.34 13.62 -48.01
C ASN A 319 -13.91 14.34 -49.28
N ARG A 320 -12.73 13.99 -49.78
CA ARG A 320 -12.13 14.60 -50.97
C ARG A 320 -12.98 14.46 -52.23
N LYS A 321 -13.94 13.54 -52.19
CA LYS A 321 -14.83 13.33 -53.32
C LYS A 321 -15.96 14.37 -53.34
N GLY A 322 -16.16 15.03 -52.20
CA GLY A 322 -17.19 16.02 -52.05
C GLY A 322 -18.43 15.50 -51.36
N GLN A 323 -18.38 14.25 -50.90
CA GLN A 323 -19.50 13.64 -50.19
C GLN A 323 -19.54 14.09 -48.74
N VAL A 324 -20.70 14.55 -48.29
CA VAL A 324 -20.87 14.94 -46.90
C VAL A 324 -21.47 13.77 -46.15
N LEU A 325 -20.61 12.95 -45.56
CA LEU A 325 -21.06 11.72 -44.91
C LEU A 325 -21.34 11.87 -43.41
N SER A 326 -22.25 11.04 -42.94
CA SER A 326 -22.66 11.06 -41.53
C SER A 326 -22.85 9.67 -40.95
N VAL A 327 -22.20 9.42 -39.82
CA VAL A 327 -22.33 8.14 -39.13
C VAL A 327 -22.73 8.35 -37.66
N CYS A 328 -23.75 7.62 -37.20
CA CYS A 328 -24.17 7.73 -35.82
C CYS A 328 -24.70 6.40 -35.30
N VAL A 329 -24.86 6.30 -33.99
CA VAL A 329 -25.38 5.09 -33.37
C VAL A 329 -26.85 4.87 -33.69
N GLU A 330 -27.17 3.69 -34.22
CA GLU A 330 -28.55 3.31 -34.46
C GLU A 330 -29.09 2.74 -33.15
N GLU A 331 -29.83 3.57 -32.42
CA GLU A 331 -30.31 3.25 -31.09
C GLU A 331 -31.20 2.00 -31.04
N GLU A 332 -31.87 1.70 -32.14
CA GLU A 332 -32.74 0.53 -32.22
C GLU A 332 -31.94 -0.77 -32.38
N ASN A 333 -30.83 -0.71 -33.11
CA ASN A 333 -30.07 -1.93 -33.41
C ASN A 333 -28.79 -2.22 -32.62
N ILE A 334 -28.24 -1.22 -31.95
CA ILE A 334 -26.95 -1.39 -31.28
C ILE A 334 -26.93 -2.56 -30.28
N ILE A 335 -27.93 -2.66 -29.41
CA ILE A 335 -27.97 -3.74 -28.43
C ILE A 335 -28.15 -5.12 -29.08
N PRO A 336 -29.13 -5.27 -30.00
CA PRO A 336 -29.19 -6.58 -30.68
C PRO A 336 -27.88 -6.96 -31.39
N TYR A 337 -27.25 -6.02 -32.08
CA TYR A 337 -25.99 -6.28 -32.79
C TYR A 337 -24.87 -6.76 -31.86
N ILE A 338 -24.68 -6.04 -30.76
CA ILE A 338 -23.67 -6.40 -29.78
C ILE A 338 -23.97 -7.79 -29.23
N THR A 339 -25.25 -8.07 -29.03
CA THR A 339 -25.69 -9.36 -28.52
C THR A 339 -25.51 -10.51 -29.50
N ASN A 340 -26.05 -10.36 -30.71
CA ASN A 340 -26.10 -11.50 -31.64
C ASN A 340 -25.06 -11.52 -32.77
N VAL A 341 -24.67 -10.36 -33.28
CA VAL A 341 -23.68 -10.33 -34.35
C VAL A 341 -22.27 -10.30 -33.78
N LEU A 342 -22.06 -9.47 -32.78
CA LEU A 342 -20.78 -9.38 -32.09
C LEU A 342 -20.66 -10.55 -31.11
N GLN A 343 -21.80 -10.96 -30.56
CA GLN A 343 -21.87 -12.05 -29.58
C GLN A 343 -21.07 -11.71 -28.31
N ASN A 344 -21.31 -10.51 -27.82
CA ASN A 344 -20.72 -10.01 -26.59
C ASN A 344 -21.80 -9.63 -25.58
N PRO A 345 -22.50 -10.63 -25.01
CA PRO A 345 -23.60 -10.35 -24.06
C PRO A 345 -23.23 -9.45 -22.90
N ASP A 346 -22.06 -9.65 -22.30
CA ASP A 346 -21.63 -8.83 -21.17
C ASP A 346 -21.64 -7.33 -21.48
N LEU A 347 -21.19 -6.97 -22.67
CA LEU A 347 -21.19 -5.58 -23.11
C LEU A 347 -22.61 -5.09 -23.39
N ALA A 348 -23.43 -5.95 -24.00
CA ALA A 348 -24.82 -5.60 -24.29
C ALA A 348 -25.59 -5.30 -23.01
N LEU A 349 -25.42 -6.15 -22.01
CA LEU A 349 -26.05 -5.94 -20.70
C LEU A 349 -25.59 -4.63 -20.07
N ARG A 350 -24.29 -4.40 -20.09
CA ARG A 350 -23.74 -3.16 -19.51
C ARG A 350 -24.25 -1.94 -20.24
N MET A 351 -24.34 -2.03 -21.56
CA MET A 351 -24.80 -0.93 -22.40
C MET A 351 -26.28 -0.59 -22.23
N ALA A 352 -27.12 -1.61 -22.06
CA ALA A 352 -28.56 -1.40 -21.94
C ALA A 352 -28.95 -0.81 -20.60
N VAL A 353 -28.14 -1.07 -19.59
CA VAL A 353 -28.41 -0.56 -18.25
C VAL A 353 -27.74 0.81 -18.07
N ARG A 354 -26.59 1.01 -18.69
CA ARG A 354 -25.84 2.26 -18.59
C ARG A 354 -26.61 3.38 -19.25
N ASN A 355 -26.90 3.20 -20.55
CA ASN A 355 -27.69 4.15 -21.29
C ASN A 355 -29.05 3.47 -21.35
N ASN A 356 -30.15 4.19 -21.23
CA ASN A 356 -31.42 3.48 -21.24
C ASN A 356 -31.85 3.03 -22.63
N LEU A 357 -31.15 2.02 -23.14
CA LEU A 357 -31.42 1.43 -24.44
C LEU A 357 -32.23 0.15 -24.26
N ALA A 358 -32.94 -0.25 -25.30
CA ALA A 358 -33.84 -1.41 -25.25
C ALA A 358 -33.48 -2.52 -26.25
N GLY A 359 -33.77 -3.77 -25.88
CA GLY A 359 -33.49 -4.93 -26.72
C GLY A 359 -32.67 -5.97 -25.99
N ALA A 360 -32.42 -5.71 -24.71
CA ALA A 360 -31.63 -6.57 -23.84
C ALA A 360 -32.44 -7.59 -23.04
N GLU A 361 -33.78 -7.50 -23.09
CA GLU A 361 -34.66 -8.32 -22.24
C GLU A 361 -34.34 -9.81 -22.10
N GLU A 362 -34.05 -10.49 -23.19
CA GLU A 362 -33.76 -11.92 -23.12
C GLU A 362 -32.57 -12.18 -22.20
N LEU A 363 -31.57 -11.30 -22.26
CA LEU A 363 -30.33 -11.43 -21.49
C LEU A 363 -30.56 -11.31 -19.98
N PHE A 364 -31.42 -10.37 -19.61
CA PHE A 364 -31.75 -10.14 -18.21
C PHE A 364 -32.50 -11.32 -17.62
N ALA A 365 -33.36 -11.92 -18.43
CA ALA A 365 -34.08 -13.13 -18.02
C ALA A 365 -33.10 -14.30 -17.85
N ARG A 366 -32.21 -14.49 -18.82
CA ARG A 366 -31.17 -15.51 -18.74
C ARG A 366 -30.29 -15.34 -17.50
N LYS A 367 -29.81 -14.12 -17.29
CA LYS A 367 -28.96 -13.85 -16.14
C LYS A 367 -29.69 -14.11 -14.81
N PHE A 368 -30.99 -13.84 -14.80
CA PHE A 368 -31.81 -14.10 -13.62
C PHE A 368 -32.01 -15.59 -13.36
N ASN A 369 -32.50 -16.30 -14.37
CA ASN A 369 -32.73 -17.74 -14.25
C ASN A 369 -31.46 -18.49 -13.86
N ALA A 370 -30.32 -18.03 -14.38
CA ALA A 370 -29.03 -18.66 -14.09
C ALA A 370 -28.61 -18.47 -12.63
N LEU A 371 -28.81 -17.27 -12.10
CA LEU A 371 -28.45 -16.96 -10.71
C LEU A 371 -29.44 -17.59 -9.73
N PHE A 372 -30.67 -17.78 -10.21
CA PHE A 372 -31.73 -18.40 -9.41
C PHE A 372 -31.40 -19.87 -9.22
N ALA A 373 -31.02 -20.52 -10.31
CA ALA A 373 -30.59 -21.91 -10.31
C ALA A 373 -29.28 -22.07 -9.55
N GLN A 374 -28.48 -21.01 -9.55
CA GLN A 374 -27.18 -21.02 -8.89
C GLN A 374 -27.24 -20.92 -7.36
N GLY A 375 -28.42 -20.66 -6.81
CA GLY A 375 -28.57 -20.54 -5.38
C GLY A 375 -28.26 -19.12 -4.91
N ASN A 376 -27.62 -18.34 -5.78
CA ASN A 376 -27.25 -16.98 -5.41
C ASN A 376 -28.48 -16.11 -5.64
N TYR A 377 -29.35 -16.07 -4.63
CA TYR A 377 -30.59 -15.31 -4.72
C TYR A 377 -30.36 -13.83 -4.45
N SER A 378 -29.29 -13.53 -3.72
CA SER A 378 -28.93 -12.15 -3.39
C SER A 378 -28.58 -11.34 -4.63
N GLU A 379 -27.76 -11.91 -5.50
CA GLU A 379 -27.35 -11.27 -6.74
C GLU A 379 -28.46 -11.33 -7.79
N ALA A 380 -29.23 -12.41 -7.75
CA ALA A 380 -30.36 -12.58 -8.66
C ALA A 380 -31.36 -11.43 -8.49
N ALA A 381 -31.55 -11.01 -7.24
CA ALA A 381 -32.44 -9.90 -6.93
C ALA A 381 -31.94 -8.58 -7.53
N LYS A 382 -30.63 -8.36 -7.45
CA LYS A 382 -30.02 -7.14 -7.98
C LYS A 382 -30.25 -7.01 -9.47
N VAL A 383 -30.22 -8.16 -10.16
CA VAL A 383 -30.46 -8.19 -11.60
C VAL A 383 -31.87 -7.70 -11.92
N ALA A 384 -32.84 -8.22 -11.17
CA ALA A 384 -34.23 -7.82 -11.33
C ALA A 384 -34.40 -6.33 -11.00
N ALA A 385 -33.70 -5.87 -9.98
CA ALA A 385 -33.76 -4.47 -9.54
C ALA A 385 -33.22 -3.49 -10.57
N ASN A 386 -32.12 -3.85 -11.23
CA ASN A 386 -31.52 -2.97 -12.22
C ASN A 386 -31.89 -3.34 -13.64
N ALA A 387 -33.16 -3.65 -13.84
CA ALA A 387 -33.69 -3.84 -15.18
C ALA A 387 -33.84 -2.46 -15.81
N PRO A 388 -33.60 -2.36 -17.12
CA PRO A 388 -33.62 -1.05 -17.78
C PRO A 388 -34.96 -0.31 -17.61
N LYS A 389 -36.07 -0.96 -17.95
CA LYS A 389 -37.37 -0.33 -17.82
C LYS A 389 -38.34 -1.17 -17.00
N GLY A 390 -37.89 -1.58 -15.82
CA GLY A 390 -38.66 -2.42 -14.91
C GLY A 390 -39.11 -3.72 -15.53
N ILE A 391 -38.24 -4.29 -16.35
CA ILE A 391 -38.56 -5.52 -17.08
C ILE A 391 -38.81 -6.72 -16.16
N LEU A 392 -37.97 -6.87 -15.14
CA LEU A 392 -38.09 -7.97 -14.19
C LEU A 392 -38.75 -7.58 -12.89
N ARG A 393 -39.30 -6.38 -12.85
CA ARG A 393 -40.05 -5.90 -11.68
C ARG A 393 -41.54 -6.17 -11.87
N THR A 394 -41.87 -7.46 -11.85
CA THR A 394 -43.23 -7.94 -12.12
C THR A 394 -43.70 -8.94 -11.06
N PRO A 395 -45.01 -9.23 -11.03
CA PRO A 395 -45.47 -10.22 -10.06
C PRO A 395 -44.90 -11.63 -10.28
N ASP A 396 -44.64 -12.01 -11.54
CA ASP A 396 -44.08 -13.34 -11.82
C ASP A 396 -42.76 -13.52 -11.11
N THR A 397 -42.02 -12.42 -10.96
CA THR A 397 -40.75 -12.45 -10.26
C THR A 397 -40.94 -12.79 -8.79
N ILE A 398 -41.89 -12.10 -8.16
CA ILE A 398 -42.21 -12.33 -6.76
C ILE A 398 -42.72 -13.75 -6.54
N ARG A 399 -43.51 -14.23 -7.49
CA ARG A 399 -44.03 -15.59 -7.48
C ARG A 399 -42.90 -16.62 -7.49
N ARG A 400 -41.82 -16.29 -8.18
CA ARG A 400 -40.68 -17.18 -8.28
C ARG A 400 -39.95 -17.21 -6.93
N PHE A 401 -39.77 -16.02 -6.35
CA PHE A 401 -39.15 -15.84 -5.02
C PHE A 401 -40.02 -16.38 -3.90
N GLN A 402 -41.32 -16.37 -4.11
CA GLN A 402 -42.24 -16.95 -3.12
C GLN A 402 -42.15 -18.48 -3.06
N SER A 403 -41.77 -19.07 -4.20
CA SER A 403 -41.63 -20.52 -4.35
C SER A 403 -40.48 -21.15 -3.58
N VAL A 404 -39.57 -20.34 -3.07
CA VAL A 404 -38.46 -20.84 -2.31
C VAL A 404 -38.75 -20.65 -0.84
N PRO A 405 -38.33 -21.61 -0.01
CA PRO A 405 -38.71 -21.62 1.39
C PRO A 405 -37.93 -20.71 2.32
N ALA A 406 -38.16 -21.00 3.60
CA ALA A 406 -37.43 -20.41 4.68
C ALA A 406 -36.48 -21.49 5.02
N GLN A 407 -35.20 -21.17 5.09
CA GLN A 407 -34.14 -22.16 5.32
C GLN A 407 -33.71 -22.17 6.81
N PRO A 408 -32.67 -22.95 7.20
CA PRO A 408 -32.42 -22.77 8.63
C PRO A 408 -31.77 -21.43 9.03
N GLY A 409 -32.50 -20.33 8.98
CA GLY A 409 -31.97 -19.07 9.45
C GLY A 409 -31.36 -18.22 8.35
N GLN A 410 -31.27 -18.78 7.15
CA GLN A 410 -30.68 -18.12 5.98
C GLN A 410 -31.73 -17.36 5.18
N THR A 411 -32.96 -17.47 5.67
CA THR A 411 -34.18 -16.92 5.07
C THR A 411 -34.15 -15.42 4.79
N SER A 412 -34.97 -14.93 3.86
CA SER A 412 -35.66 -15.70 2.82
C SER A 412 -35.40 -14.99 1.49
N PRO A 413 -35.26 -15.75 0.39
CA PRO A 413 -34.91 -15.06 -0.86
C PRO A 413 -35.92 -13.98 -1.27
N LEU A 414 -37.20 -14.15 -0.94
CA LEU A 414 -38.18 -13.10 -1.21
C LEU A 414 -37.90 -11.90 -0.30
N LEU A 415 -37.49 -12.18 0.94
CA LEU A 415 -37.13 -11.11 1.88
C LEU A 415 -35.93 -10.33 1.36
N GLN A 416 -34.96 -11.06 0.82
CA GLN A 416 -33.76 -10.45 0.24
C GLN A 416 -34.12 -9.56 -0.95
N TYR A 417 -35.01 -10.04 -1.81
CA TYR A 417 -35.45 -9.32 -3.00
C TYR A 417 -36.05 -7.96 -2.65
N PHE A 418 -36.92 -7.92 -1.65
CA PHE A 418 -37.52 -6.67 -1.21
C PHE A 418 -36.50 -5.75 -0.56
N GLY A 419 -35.61 -6.33 0.25
CA GLY A 419 -34.60 -5.55 0.97
C GLY A 419 -33.77 -4.63 0.09
N ILE A 420 -33.30 -5.13 -1.03
CA ILE A 420 -32.52 -4.29 -1.96
C ILE A 420 -33.46 -3.42 -2.80
N LEU A 421 -34.66 -3.93 -3.13
CA LEU A 421 -35.58 -3.19 -4.00
C LEU A 421 -35.96 -1.80 -3.53
N LEU A 422 -36.33 -1.65 -2.26
CA LEU A 422 -36.69 -0.34 -1.75
C LEU A 422 -35.50 0.63 -1.77
N ASP A 423 -34.29 0.08 -1.75
CA ASP A 423 -33.09 0.93 -1.76
C ASP A 423 -32.93 1.67 -3.07
N GLN A 424 -33.57 1.17 -4.12
CA GLN A 424 -33.47 1.77 -5.44
C GLN A 424 -34.47 2.91 -5.64
N GLY A 425 -35.70 2.65 -5.21
CA GLY A 425 -36.77 3.60 -5.35
C GLY A 425 -38.01 3.12 -4.61
N GLN A 426 -39.13 3.70 -4.99
CA GLN A 426 -40.41 3.43 -4.35
C GLN A 426 -41.09 2.13 -4.81
N LEU A 427 -41.45 1.26 -3.87
CA LEU A 427 -42.08 0.00 -4.23
C LEU A 427 -43.51 0.20 -4.74
N ASN A 428 -43.84 -0.54 -5.79
CA ASN A 428 -45.17 -0.47 -6.39
C ASN A 428 -46.23 -1.15 -5.54
N LYS A 429 -47.48 -0.70 -5.70
CA LYS A 429 -48.64 -1.21 -4.97
C LYS A 429 -48.64 -2.71 -4.66
N TYR A 430 -48.39 -3.54 -5.68
CA TYR A 430 -48.38 -4.99 -5.47
C TYR A 430 -47.21 -5.46 -4.60
N GLU A 431 -46.06 -4.83 -4.78
CA GLU A 431 -44.87 -5.19 -4.02
C GLU A 431 -45.07 -4.86 -2.54
N SER A 432 -45.68 -3.70 -2.26
CA SER A 432 -45.98 -3.28 -0.90
C SER A 432 -46.93 -4.24 -0.20
N LEU A 433 -47.92 -4.73 -0.95
CA LEU A 433 -48.91 -5.66 -0.44
C LEU A 433 -48.27 -6.97 0.00
N GLU A 434 -47.48 -7.57 -0.89
CA GLU A 434 -46.83 -8.85 -0.63
C GLU A 434 -45.73 -8.74 0.43
N LEU A 435 -45.24 -7.52 0.64
CA LEU A 435 -44.20 -7.26 1.63
C LEU A 435 -44.71 -7.26 3.06
N CYS A 436 -45.87 -6.67 3.27
CA CYS A 436 -46.45 -6.53 4.60
C CYS A 436 -47.19 -7.76 5.11
N ARG A 437 -47.64 -8.62 4.19
CA ARG A 437 -48.41 -9.80 4.56
C ARG A 437 -47.68 -10.72 5.55
N PRO A 438 -46.41 -11.10 5.29
CA PRO A 438 -45.76 -11.93 6.31
C PRO A 438 -45.30 -11.14 7.52
N VAL A 439 -45.21 -9.82 7.39
CA VAL A 439 -44.77 -8.97 8.49
C VAL A 439 -45.86 -8.76 9.51
N LEU A 440 -47.06 -8.54 9.01
CA LEU A 440 -48.23 -8.33 9.83
C LEU A 440 -48.66 -9.65 10.45
N GLN A 441 -48.35 -10.74 9.75
CA GLN A 441 -48.72 -12.10 10.16
C GLN A 441 -48.35 -12.53 11.59
N GLN A 442 -47.14 -12.28 12.06
CA GLN A 442 -46.82 -12.64 13.45
C GLN A 442 -46.42 -11.43 14.28
N GLY A 443 -47.44 -10.73 14.77
CA GLY A 443 -47.30 -9.61 15.67
C GLY A 443 -46.22 -8.58 15.45
N ARG A 444 -45.93 -8.27 14.19
CA ARG A 444 -44.91 -7.29 13.87
C ARG A 444 -45.52 -6.15 13.03
N LYS A 445 -45.63 -4.95 13.61
CA LYS A 445 -46.19 -3.81 12.89
C LYS A 445 -45.30 -2.55 12.91
N GLN A 446 -44.35 -2.49 13.82
CA GLN A 446 -43.50 -1.30 13.96
C GLN A 446 -42.70 -1.00 12.69
N LEU A 447 -42.26 -2.04 11.98
CA LEU A 447 -41.48 -1.85 10.75
C LEU A 447 -42.20 -0.98 9.73
N LEU A 448 -43.53 -1.07 9.73
CA LEU A 448 -44.33 -0.26 8.83
C LEU A 448 -44.18 1.22 9.14
N GLU A 449 -44.03 1.56 10.42
CA GLU A 449 -43.86 2.95 10.83
C GLU A 449 -42.68 3.63 10.12
N LYS A 450 -41.53 2.94 10.09
CA LYS A 450 -40.34 3.45 9.43
C LYS A 450 -40.55 3.55 7.92
N TRP A 451 -41.10 2.49 7.33
CA TRP A 451 -41.36 2.46 5.91
C TRP A 451 -42.31 3.57 5.44
N LEU A 452 -43.40 3.78 6.17
CA LEU A 452 -44.37 4.83 5.82
C LEU A 452 -43.83 6.24 6.06
N LYS A 453 -43.10 6.42 7.15
CA LYS A 453 -42.53 7.73 7.49
C LYS A 453 -41.49 8.09 6.43
N GLU A 454 -40.71 7.09 6.02
CA GLU A 454 -39.70 7.32 4.99
C GLU A 454 -40.34 7.45 3.62
N ASP A 455 -41.61 7.09 3.52
CA ASP A 455 -42.36 7.17 2.26
C ASP A 455 -41.82 6.31 1.10
N LYS A 456 -41.17 5.19 1.41
CA LYS A 456 -40.57 4.31 0.39
C LYS A 456 -41.53 3.37 -0.39
N LEU A 457 -42.76 3.17 0.08
CA LEU A 457 -43.71 2.27 -0.61
C LEU A 457 -44.94 2.98 -1.16
N GLU A 458 -45.53 2.45 -2.23
CA GLU A 458 -46.72 3.10 -2.79
C GLU A 458 -47.99 2.42 -2.29
N CYS A 459 -48.92 3.24 -1.78
CA CYS A 459 -50.18 2.75 -1.17
C CYS A 459 -51.45 2.88 -1.97
N SER A 460 -52.22 1.80 -2.00
CA SER A 460 -53.53 1.84 -2.61
C SER A 460 -54.46 1.44 -1.49
N GLU A 461 -55.71 1.08 -1.78
CA GLU A 461 -56.66 0.85 -0.69
C GLU A 461 -56.47 -0.55 -0.09
N GLU A 462 -56.19 -1.51 -0.95
CA GLU A 462 -56.12 -2.90 -0.53
C GLU A 462 -55.13 -3.12 0.62
N LEU A 463 -54.11 -2.28 0.72
CA LEU A 463 -53.15 -2.35 1.83
C LEU A 463 -53.78 -1.88 3.15
N GLY A 464 -54.54 -0.78 3.06
CA GLY A 464 -55.19 -0.19 4.22
C GLY A 464 -56.13 -1.12 4.96
N ASP A 465 -57.03 -1.78 4.25
CA ASP A 465 -57.92 -2.72 4.91
C ASP A 465 -57.12 -3.95 5.38
N LEU A 466 -55.99 -4.23 4.76
CA LEU A 466 -55.14 -5.32 5.20
C LEU A 466 -54.46 -5.01 6.55
N VAL A 467 -53.93 -3.80 6.69
CA VAL A 467 -53.32 -3.39 7.95
C VAL A 467 -54.37 -3.06 9.00
N LYS A 468 -55.52 -2.60 8.53
CA LYS A 468 -56.62 -2.24 9.40
C LYS A 468 -56.98 -3.47 10.24
N SER A 469 -56.85 -4.65 9.63
CA SER A 469 -57.09 -5.96 10.26
C SER A 469 -56.47 -6.19 11.64
N VAL A 470 -55.30 -5.59 11.89
CA VAL A 470 -54.66 -5.65 13.21
C VAL A 470 -54.58 -4.35 14.05
N ASP A 471 -54.28 -3.22 13.39
CA ASP A 471 -54.08 -1.87 13.97
C ASP A 471 -54.74 -0.85 13.05
N PRO A 472 -55.98 -0.42 13.39
CA PRO A 472 -56.70 0.50 12.51
C PRO A 472 -56.14 1.92 12.54
N THR A 473 -55.44 2.27 13.62
CA THR A 473 -54.82 3.58 13.75
C THR A 473 -53.72 3.77 12.71
N LEU A 474 -52.96 2.70 12.46
CA LEU A 474 -51.91 2.70 11.45
C LEU A 474 -52.51 2.69 10.05
N ALA A 475 -53.64 2.01 9.90
CA ALA A 475 -54.35 1.96 8.63
C ALA A 475 -54.73 3.35 8.13
N LEU A 476 -55.02 4.25 9.07
CA LEU A 476 -55.36 5.63 8.73
C LEU A 476 -54.21 6.29 7.96
N SER A 477 -52.98 6.03 8.40
CA SER A 477 -51.80 6.57 7.73
C SER A 477 -51.69 6.06 6.31
N VAL A 478 -51.96 4.76 6.13
CA VAL A 478 -51.94 4.15 4.82
C VAL A 478 -53.02 4.74 3.92
N TYR A 479 -54.24 4.80 4.45
CA TYR A 479 -55.39 5.35 3.73
C TYR A 479 -55.17 6.81 3.33
N LEU A 480 -54.50 7.57 4.18
CA LEU A 480 -54.23 8.98 3.94
C LEU A 480 -53.41 9.18 2.67
N ARG A 481 -52.32 8.43 2.58
CA ARG A 481 -51.42 8.49 1.44
C ARG A 481 -52.01 7.86 0.17
N ALA A 482 -52.92 6.90 0.35
CA ALA A 482 -53.59 6.24 -0.78
C ALA A 482 -54.60 7.12 -1.52
N ASN A 483 -54.93 8.26 -0.92
CA ASN A 483 -55.85 9.27 -1.45
C ASN A 483 -57.35 8.94 -1.29
N VAL A 484 -57.67 7.72 -0.91
CA VAL A 484 -59.06 7.32 -0.65
C VAL A 484 -59.69 8.08 0.52
N PRO A 485 -60.57 9.06 0.23
CA PRO A 485 -61.16 9.86 1.31
C PRO A 485 -62.22 9.09 2.08
N ASN A 486 -63.02 8.31 1.36
CA ASN A 486 -64.07 7.48 1.94
C ASN A 486 -63.60 6.63 3.11
N LYS A 487 -62.38 6.08 2.97
CA LYS A 487 -61.84 5.20 3.99
C LYS A 487 -61.08 5.95 5.08
N VAL A 488 -60.79 7.21 4.82
CA VAL A 488 -60.12 8.07 5.82
C VAL A 488 -61.14 8.61 6.80
N ILE A 489 -62.21 9.15 6.25
CA ILE A 489 -63.32 9.69 7.02
C ILE A 489 -63.93 8.58 7.85
N GLN A 490 -63.97 7.37 7.28
CA GLN A 490 -64.48 6.24 8.02
C GLN A 490 -63.69 5.98 9.29
N CYS A 491 -62.38 6.20 9.24
CA CYS A 491 -61.50 5.98 10.40
C CYS A 491 -61.72 7.02 11.49
N PHE A 492 -61.89 8.26 11.07
CA PHE A 492 -62.14 9.35 12.01
C PHE A 492 -63.48 9.13 12.68
N ALA A 493 -64.41 8.57 11.93
CA ALA A 493 -65.77 8.32 12.42
C ALA A 493 -65.80 7.19 13.44
N GLU A 494 -65.07 6.10 13.19
CA GLU A 494 -65.03 5.00 14.14
C GLU A 494 -64.48 5.47 15.47
N THR A 495 -63.42 6.26 15.39
CA THR A 495 -62.75 6.76 16.59
C THR A 495 -63.31 8.08 17.15
N GLY A 496 -64.47 8.49 16.64
CA GLY A 496 -65.12 9.70 17.12
C GLY A 496 -64.58 11.07 16.76
N GLN A 497 -63.38 11.14 16.21
CA GLN A 497 -62.79 12.42 15.82
C GLN A 497 -63.60 13.08 14.73
N VAL A 498 -64.47 14.00 15.17
CA VAL A 498 -65.44 14.63 14.29
C VAL A 498 -64.88 15.86 13.62
N GLN A 499 -64.05 16.56 14.36
CA GLN A 499 -63.44 17.81 13.90
C GLN A 499 -62.53 17.54 12.68
N LYS A 500 -61.76 16.46 12.76
CA LYS A 500 -60.88 16.06 11.67
C LYS A 500 -61.66 15.60 10.43
N ILE A 501 -62.87 15.07 10.65
CA ILE A 501 -63.71 14.67 9.53
C ILE A 501 -64.00 15.88 8.66
N VAL A 502 -64.41 16.96 9.31
CA VAL A 502 -64.77 18.20 8.63
C VAL A 502 -63.57 18.91 8.00
N LEU A 503 -62.45 18.91 8.71
CA LEU A 503 -61.25 19.57 8.20
C LEU A 503 -60.70 18.85 6.98
N TYR A 504 -60.68 17.52 7.03
CA TYR A 504 -60.19 16.70 5.91
C TYR A 504 -61.06 16.85 4.67
N ALA A 505 -62.36 16.67 4.82
CA ALA A 505 -63.31 16.75 3.70
C ALA A 505 -63.34 18.13 3.05
N LYS A 506 -63.01 19.17 3.81
CA LYS A 506 -62.97 20.52 3.25
C LYS A 506 -61.66 20.72 2.49
N LYS A 507 -60.59 20.09 2.95
CA LYS A 507 -59.30 20.22 2.28
C LYS A 507 -59.23 19.45 0.96
N VAL A 508 -59.57 18.16 0.99
CA VAL A 508 -59.53 17.34 -0.21
C VAL A 508 -60.72 17.52 -1.16
N GLY A 509 -61.76 18.22 -0.68
CA GLY A 509 -62.94 18.54 -1.50
C GLY A 509 -63.96 17.42 -1.65
N TYR A 510 -63.75 16.35 -0.90
CA TYR A 510 -64.63 15.19 -0.89
C TYR A 510 -65.94 15.50 -0.15
N THR A 511 -67.10 15.15 -0.71
CA THR A 511 -68.34 15.36 0.03
C THR A 511 -69.00 14.05 0.43
N PRO A 512 -69.02 13.76 1.74
CA PRO A 512 -69.66 12.54 2.23
C PRO A 512 -71.14 12.76 2.54
N ASP A 513 -71.82 11.74 3.04
CA ASP A 513 -73.23 11.85 3.40
C ASP A 513 -73.25 12.37 4.83
N TRP A 514 -73.21 13.70 4.95
CA TRP A 514 -73.15 14.41 6.23
C TRP A 514 -74.22 13.98 7.26
N ILE A 515 -75.48 13.90 6.84
CA ILE A 515 -76.58 13.50 7.72
C ILE A 515 -76.39 12.10 8.28
N PHE A 516 -76.04 11.15 7.41
CA PHE A 516 -75.80 9.77 7.84
C PHE A 516 -74.69 9.70 8.89
N LEU A 517 -73.69 10.58 8.74
CA LEU A 517 -72.60 10.67 9.70
C LEU A 517 -73.12 11.27 11.01
N LEU A 518 -74.01 12.25 10.89
CA LEU A 518 -74.64 12.88 12.04
C LEU A 518 -75.41 11.86 12.87
N ARG A 519 -76.26 11.09 12.20
CA ARG A 519 -77.05 10.06 12.85
C ARG A 519 -76.16 9.08 13.60
N ASN A 520 -75.05 8.70 12.98
CA ASN A 520 -74.12 7.79 13.61
C ASN A 520 -73.54 8.41 14.86
N VAL A 521 -73.17 9.68 14.74
CA VAL A 521 -72.58 10.41 15.87
C VAL A 521 -73.61 10.54 16.98
N MET A 522 -74.84 10.88 16.60
CA MET A 522 -75.95 11.04 17.53
C MET A 522 -76.23 9.75 18.28
N ARG A 523 -76.15 8.64 17.56
CA ARG A 523 -76.42 7.31 18.10
C ARG A 523 -75.47 6.97 19.24
N ILE A 524 -74.17 7.01 18.94
CA ILE A 524 -73.16 6.66 19.92
C ILE A 524 -73.14 7.68 21.06
N SER A 525 -73.05 8.97 20.72
CA SER A 525 -72.95 10.03 21.73
C SER A 525 -73.44 11.38 21.18
N PRO A 526 -74.63 11.82 21.62
CA PRO A 526 -75.34 13.04 21.21
C PRO A 526 -74.59 14.34 21.52
N ASP A 527 -73.83 14.35 22.61
CA ASP A 527 -73.08 15.54 23.02
C ASP A 527 -72.14 15.93 21.90
N GLN A 528 -71.49 14.92 21.33
CA GLN A 528 -70.60 15.14 20.21
C GLN A 528 -71.45 15.51 19.00
N GLY A 529 -72.66 14.92 18.95
CA GLY A 529 -73.61 15.18 17.89
C GLY A 529 -73.91 16.65 17.67
N GLN A 530 -74.19 17.33 18.77
CA GLN A 530 -74.50 18.77 18.71
C GLN A 530 -73.32 19.60 18.23
N GLN A 531 -72.12 19.24 18.67
CA GLN A 531 -70.91 19.94 18.23
C GLN A 531 -70.74 19.76 16.73
N PHE A 532 -70.94 18.52 16.29
CA PHE A 532 -70.84 18.17 14.88
C PHE A 532 -71.86 18.95 14.05
N ALA A 533 -73.08 19.07 14.58
CA ALA A 533 -74.13 19.84 13.91
C ALA A 533 -73.70 21.29 13.71
N GLN A 534 -72.94 21.82 14.65
CA GLN A 534 -72.45 23.19 14.59
C GLN A 534 -71.51 23.43 13.42
N MET A 535 -70.62 22.46 13.20
CA MET A 535 -69.64 22.53 12.13
C MET A 535 -70.26 22.45 10.74
N LEU A 536 -71.34 21.68 10.64
CA LEU A 536 -72.02 21.47 9.37
C LEU A 536 -72.63 22.74 8.81
N VAL A 537 -73.02 23.67 9.68
CA VAL A 537 -73.55 24.95 9.21
C VAL A 537 -72.66 26.16 9.52
N GLN A 538 -71.85 26.56 8.54
CA GLN A 538 -71.05 27.79 8.64
C GLN A 538 -70.94 28.45 7.27
N ASP A 539 -70.66 29.75 7.27
CA ASP A 539 -71.14 30.69 6.24
C ASP A 539 -70.65 30.44 4.81
N GLU A 540 -71.47 30.87 3.85
CA GLU A 540 -71.20 30.85 2.40
C GLU A 540 -71.35 29.49 1.76
N GLU A 541 -70.78 28.51 2.44
CA GLU A 541 -70.84 27.14 2.03
C GLU A 541 -71.18 26.31 3.26
N PRO A 542 -72.43 25.84 3.33
CA PRO A 542 -72.88 24.99 4.42
C PRO A 542 -72.81 23.54 3.94
N LEU A 543 -72.18 22.70 4.76
CA LEU A 543 -71.91 21.33 4.36
C LEU A 543 -73.20 20.54 4.31
N ALA A 544 -74.15 20.90 5.15
CA ALA A 544 -75.42 20.19 5.21
C ALA A 544 -76.65 21.10 5.34
N ASP A 545 -77.81 20.52 5.06
CA ASP A 545 -79.07 21.23 5.18
C ASP A 545 -79.49 21.41 6.64
N ILE A 546 -79.81 22.65 7.02
CA ILE A 546 -80.19 22.97 8.39
C ILE A 546 -81.51 22.31 8.80
N THR A 547 -82.48 22.30 7.90
CA THR A 547 -83.76 21.65 8.17
C THR A 547 -83.52 20.15 8.37
N GLN A 548 -82.67 19.56 7.54
CA GLN A 548 -82.37 18.14 7.68
C GLN A 548 -81.68 17.78 8.98
N ILE A 549 -80.82 18.65 9.49
CA ILE A 549 -80.15 18.29 10.74
C ILE A 549 -81.09 18.43 11.94
N VAL A 550 -81.97 19.42 11.94
CA VAL A 550 -82.86 19.57 13.08
C VAL A 550 -83.87 18.42 13.21
N ASP A 551 -84.36 17.86 12.11
CA ASP A 551 -85.29 16.75 12.25
C ASP A 551 -84.53 15.49 12.66
N VAL A 552 -83.21 15.49 12.52
CA VAL A 552 -82.40 14.39 13.06
C VAL A 552 -82.39 14.52 14.58
N PHE A 553 -82.28 15.76 15.07
CA PHE A 553 -82.33 16.03 16.49
C PHE A 553 -83.66 15.56 17.06
N MET A 554 -84.72 15.89 16.33
CA MET A 554 -86.09 15.55 16.73
C MET A 554 -86.34 14.05 16.84
N GLU A 555 -85.66 13.29 15.98
CA GLU A 555 -85.80 11.83 15.97
C GLU A 555 -85.36 11.26 17.32
N TYR A 556 -84.29 11.81 17.87
CA TYR A 556 -83.81 11.41 19.18
C TYR A 556 -84.48 12.22 20.30
N ASN A 557 -85.37 13.16 19.93
CA ASN A 557 -86.03 14.02 20.91
C ASN A 557 -85.04 14.78 21.76
N LEU A 558 -84.07 15.37 21.07
CA LEU A 558 -83.06 16.18 21.72
C LEU A 558 -83.48 17.63 21.54
N ILE A 559 -84.65 17.94 22.09
CA ILE A 559 -85.29 19.25 21.99
C ILE A 559 -84.48 20.35 22.64
N GLN A 560 -83.99 20.12 23.85
CA GLN A 560 -83.22 21.15 24.52
C GLN A 560 -81.87 21.42 23.83
N GLN A 561 -81.17 20.37 23.42
CA GLN A 561 -79.90 20.58 22.71
C GLN A 561 -80.14 21.08 21.28
N CYS A 562 -81.27 20.68 20.68
CA CYS A 562 -81.61 21.19 19.34
C CYS A 562 -81.77 22.69 19.44
N THR A 563 -82.50 23.10 20.47
CA THR A 563 -82.70 24.51 20.79
C THR A 563 -81.40 25.24 21.00
N ALA A 564 -80.53 24.66 21.82
CA ALA A 564 -79.20 25.19 22.09
C ALA A 564 -78.38 25.32 20.82
N PHE A 565 -78.48 24.32 19.97
CA PHE A 565 -77.77 24.28 18.70
C PHE A 565 -78.14 25.46 17.79
N LEU A 566 -79.43 25.75 17.71
CA LEU A 566 -79.92 26.84 16.87
C LEU A 566 -79.59 28.22 17.45
N LEU A 567 -79.66 28.35 18.78
CA LEU A 567 -79.31 29.61 19.43
C LEU A 567 -77.82 29.88 19.29
N ASP A 568 -77.02 28.83 19.31
CA ASP A 568 -75.58 28.94 19.09
C ASP A 568 -75.32 29.37 17.66
N ALA A 569 -76.11 28.82 16.74
CA ALA A 569 -76.00 29.13 15.33
C ALA A 569 -76.30 30.60 15.03
N LEU A 570 -77.16 31.20 15.85
CA LEU A 570 -77.49 32.61 15.69
C LEU A 570 -76.36 33.51 16.20
N LYS A 571 -75.76 33.12 17.33
CA LYS A 571 -74.66 33.87 17.92
C LYS A 571 -73.37 33.82 17.10
N ASN A 572 -73.23 32.79 16.29
CA ASN A 572 -72.03 32.63 15.48
C ASN A 572 -72.19 33.38 14.16
N ASN A 573 -73.44 33.63 13.81
CA ASN A 573 -73.79 34.44 12.67
C ASN A 573 -73.72 35.92 13.03
N ARG A 574 -73.66 36.22 14.31
CA ARG A 574 -73.58 37.61 14.75
C ARG A 574 -72.16 37.98 15.14
N GLN B 3 3.77 -10.86 -51.09
CA GLN B 3 4.48 -10.22 -49.99
C GLN B 3 4.76 -11.24 -48.89
N ILE B 4 5.65 -10.88 -47.96
CA ILE B 4 6.03 -11.78 -46.88
C ILE B 4 4.97 -11.97 -45.81
N LEU B 5 5.01 -13.14 -45.17
CA LEU B 5 4.15 -13.47 -44.04
C LEU B 5 4.99 -14.12 -42.95
N PRO B 6 4.58 -13.97 -41.67
CA PRO B 6 5.43 -14.50 -40.60
C PRO B 6 5.27 -16.01 -40.39
N ILE B 7 4.36 -16.64 -41.13
CA ILE B 7 4.16 -18.07 -40.98
C ILE B 7 4.67 -18.87 -42.18
N ARG B 8 4.78 -20.17 -41.99
CA ARG B 8 5.19 -21.08 -43.06
C ARG B 8 4.16 -22.20 -43.12
N PHE B 9 3.18 -22.03 -43.99
CA PHE B 9 2.10 -22.99 -44.18
C PHE B 9 2.52 -24.10 -45.14
N GLN B 10 2.23 -25.34 -44.78
CA GLN B 10 2.65 -26.48 -45.57
C GLN B 10 1.67 -27.64 -45.56
N GLU B 11 1.50 -28.27 -46.72
CA GLU B 11 0.70 -29.49 -46.80
C GLU B 11 1.64 -30.67 -46.90
N HIS B 12 1.68 -31.47 -45.84
CA HIS B 12 2.60 -32.59 -45.77
C HIS B 12 2.11 -33.79 -46.57
N LEU B 13 0.81 -34.06 -46.55
CA LEU B 13 0.23 -35.16 -47.34
C LEU B 13 -1.29 -35.15 -47.40
N GLN B 14 -1.81 -35.88 -48.39
CA GLN B 14 -3.25 -36.09 -48.55
C GLN B 14 -3.54 -37.54 -48.18
N LEU B 15 -4.33 -37.75 -47.13
CA LEU B 15 -4.59 -39.10 -46.66
C LEU B 15 -5.37 -39.93 -47.66
N GLN B 16 -6.14 -39.27 -48.52
CA GLN B 16 -6.89 -39.95 -49.56
C GLN B 16 -5.95 -40.65 -50.54
N ASN B 17 -4.73 -40.14 -50.67
CA ASN B 17 -3.74 -40.78 -51.55
C ASN B 17 -3.05 -41.97 -50.91
N LEU B 18 -3.55 -42.39 -49.76
CA LEU B 18 -2.99 -43.53 -49.06
C LEU B 18 -4.06 -44.59 -48.80
N GLY B 19 -5.12 -44.55 -49.60
CA GLY B 19 -6.21 -45.51 -49.51
C GLY B 19 -7.13 -45.32 -48.32
N ILE B 20 -6.93 -44.24 -47.58
CA ILE B 20 -7.76 -43.95 -46.42
C ILE B 20 -9.16 -43.51 -46.85
N ASN B 21 -10.17 -44.17 -46.29
CA ASN B 21 -11.56 -43.86 -46.60
C ASN B 21 -11.94 -42.47 -46.07
N PRO B 22 -12.47 -41.59 -46.95
CA PRO B 22 -12.87 -40.24 -46.56
C PRO B 22 -13.74 -40.22 -45.32
N ALA B 23 -14.59 -41.24 -45.18
CA ALA B 23 -15.49 -41.37 -44.04
C ALA B 23 -14.74 -41.56 -42.71
N ASN B 24 -13.56 -42.17 -42.76
CA ASN B 24 -12.79 -42.42 -41.55
C ASN B 24 -11.94 -41.23 -41.11
N ILE B 25 -12.02 -40.15 -41.87
CA ILE B 25 -11.28 -38.94 -41.54
C ILE B 25 -12.11 -38.06 -40.60
N GLY B 26 -12.04 -38.37 -39.31
CA GLY B 26 -12.81 -37.65 -38.31
C GLY B 26 -12.38 -37.89 -36.87
N PHE B 27 -12.80 -37.00 -35.99
CA PHE B 27 -12.48 -37.03 -34.55
C PHE B 27 -12.64 -38.39 -33.88
N SER B 28 -13.70 -39.12 -34.24
CA SER B 28 -14.00 -40.41 -33.62
C SER B 28 -13.15 -41.59 -34.10
N THR B 29 -12.62 -41.50 -35.31
CA THR B 29 -11.88 -42.64 -35.88
C THR B 29 -10.41 -42.37 -36.12
N LEU B 30 -10.05 -41.10 -36.23
CA LEU B 30 -8.68 -40.71 -36.51
C LEU B 30 -8.08 -39.97 -35.31
N THR B 31 -6.92 -40.42 -34.88
CA THR B 31 -6.23 -39.82 -33.75
C THR B 31 -4.82 -39.40 -34.10
N MET B 32 -4.39 -38.27 -33.54
CA MET B 32 -3.02 -37.80 -33.71
C MET B 32 -2.57 -37.23 -32.37
N GLU B 33 -1.59 -37.91 -31.79
CA GLU B 33 -1.13 -37.62 -30.44
C GLU B 33 0.23 -36.91 -30.47
N SER B 34 0.87 -36.91 -31.63
CA SER B 34 2.15 -36.25 -31.84
C SER B 34 2.44 -36.15 -33.34
N ASP B 35 3.45 -35.39 -33.73
CA ASP B 35 3.81 -35.29 -35.15
C ASP B 35 4.42 -36.59 -35.70
N LYS B 36 4.58 -37.60 -34.85
CA LYS B 36 5.20 -38.86 -35.26
C LYS B 36 4.25 -39.84 -35.98
N PHE B 37 3.03 -40.00 -35.48
CA PHE B 37 2.09 -40.96 -36.07
C PHE B 37 0.68 -40.42 -36.27
N ILE B 38 -0.02 -41.04 -37.21
CA ILE B 38 -1.45 -40.81 -37.43
C ILE B 38 -2.14 -42.16 -37.41
N CYS B 39 -3.10 -42.34 -36.51
CA CYS B 39 -3.76 -43.64 -36.38
C CYS B 39 -5.23 -43.60 -36.74
N ILE B 40 -5.60 -44.41 -37.73
CA ILE B 40 -6.98 -44.44 -38.24
C ILE B 40 -7.65 -45.80 -38.03
N ARG B 41 -8.91 -45.77 -37.63
CA ARG B 41 -9.68 -46.99 -37.46
C ARG B 41 -10.68 -47.16 -38.60
N GLU B 42 -10.50 -48.21 -39.40
CA GLU B 42 -11.37 -48.44 -40.56
C GLU B 42 -12.01 -49.83 -40.48
N LYS B 43 -13.05 -50.03 -41.29
CA LYS B 43 -13.68 -51.34 -41.36
C LYS B 43 -13.86 -51.79 -42.80
N VAL B 44 -13.02 -52.70 -43.25
CA VAL B 44 -13.18 -53.30 -44.57
C VAL B 44 -13.94 -54.62 -44.47
N GLY B 45 -15.09 -54.69 -45.14
CA GLY B 45 -15.82 -55.94 -45.30
C GLY B 45 -16.05 -56.75 -44.04
N GLU B 46 -16.56 -56.10 -42.99
CA GLU B 46 -16.86 -56.71 -41.69
C GLU B 46 -15.56 -57.07 -40.94
N GLN B 47 -14.41 -56.61 -41.43
CA GLN B 47 -13.17 -56.79 -40.69
C GLN B 47 -12.76 -55.50 -39.98
N ALA B 48 -12.48 -55.61 -38.69
CA ALA B 48 -12.08 -54.48 -37.87
C ALA B 48 -10.56 -54.35 -37.93
N GLN B 49 -10.07 -53.22 -38.39
CA GLN B 49 -8.63 -53.05 -38.48
C GLN B 49 -8.17 -51.66 -38.10
N VAL B 50 -6.86 -51.55 -37.88
CA VAL B 50 -6.26 -50.30 -37.46
C VAL B 50 -5.08 -49.92 -38.36
N VAL B 51 -5.14 -48.72 -38.91
CA VAL B 51 -4.07 -48.22 -39.78
C VAL B 51 -3.16 -47.23 -39.10
N ILE B 52 -1.86 -47.53 -39.10
CA ILE B 52 -0.87 -46.66 -38.50
C ILE B 52 0.06 -46.03 -39.54
N ILE B 53 0.08 -44.71 -39.59
CA ILE B 53 0.96 -44.02 -40.53
C ILE B 53 2.16 -43.36 -39.86
N ASP B 54 3.34 -43.91 -40.12
CA ASP B 54 4.58 -43.32 -39.63
C ASP B 54 4.87 -42.08 -40.47
N MET B 55 5.10 -40.94 -39.81
CA MET B 55 5.30 -39.70 -40.55
C MET B 55 6.72 -39.58 -41.11
N ASN B 56 7.62 -40.43 -40.62
CA ASN B 56 8.97 -40.49 -41.16
C ASN B 56 8.97 -41.24 -42.48
N ASP B 57 8.12 -42.27 -42.54
CA ASP B 57 7.89 -43.02 -43.76
C ASP B 57 6.38 -43.11 -43.98
N PRO B 58 5.79 -42.05 -44.58
CA PRO B 58 4.35 -41.99 -44.80
C PRO B 58 3.86 -42.78 -46.00
N SER B 59 4.75 -43.01 -46.97
CA SER B 59 4.42 -43.76 -48.19
C SER B 59 3.88 -45.16 -47.92
N ASN B 60 4.42 -45.83 -46.91
CA ASN B 60 4.02 -47.20 -46.60
C ASN B 60 3.31 -47.35 -45.26
N PRO B 61 1.96 -47.32 -45.27
CA PRO B 61 1.22 -47.52 -44.01
C PRO B 61 0.98 -48.99 -43.67
N ILE B 62 0.89 -49.27 -42.37
CA ILE B 62 0.67 -50.63 -41.91
C ILE B 62 -0.78 -50.90 -41.50
N ARG B 63 -1.42 -51.85 -42.17
CA ARG B 63 -2.80 -52.21 -41.85
C ARG B 63 -2.84 -53.51 -41.04
N ARG B 64 -3.04 -53.37 -39.73
CA ARG B 64 -3.12 -54.52 -38.82
C ARG B 64 -4.56 -54.77 -38.40
N PRO B 65 -4.97 -56.05 -38.36
CA PRO B 65 -6.37 -56.38 -38.02
C PRO B 65 -6.63 -56.35 -36.52
N ILE B 66 -7.13 -55.20 -36.04
CA ILE B 66 -7.40 -54.98 -34.63
C ILE B 66 -8.84 -54.48 -34.39
N SER B 67 -9.52 -55.11 -33.44
CA SER B 67 -10.87 -54.72 -33.06
C SER B 67 -10.89 -53.85 -31.79
N ALA B 68 -11.08 -52.55 -31.97
CA ALA B 68 -11.10 -51.62 -30.84
C ALA B 68 -11.99 -50.40 -31.13
N ASP B 69 -12.64 -49.87 -30.10
CA ASP B 69 -13.47 -48.69 -30.28
C ASP B 69 -12.64 -47.43 -30.17
N SER B 70 -11.35 -47.59 -29.89
CA SER B 70 -10.44 -46.45 -29.79
C SER B 70 -8.98 -46.91 -29.81
N ALA B 71 -8.14 -46.18 -30.53
CA ALA B 71 -6.73 -46.54 -30.61
C ALA B 71 -5.83 -45.29 -30.65
N ILE B 72 -4.98 -45.14 -29.63
CA ILE B 72 -4.09 -43.98 -29.57
C ILE B 72 -2.62 -44.37 -29.37
N MET B 73 -1.79 -43.92 -30.30
CA MET B 73 -0.35 -44.20 -30.28
C MET B 73 0.40 -43.36 -29.25
N ASN B 74 1.56 -43.87 -28.84
CA ASN B 74 2.45 -43.13 -27.95
C ASN B 74 3.04 -41.95 -28.70
N PRO B 75 3.30 -40.82 -28.01
CA PRO B 75 3.87 -39.66 -28.70
C PRO B 75 5.22 -39.90 -29.40
N ALA B 76 5.90 -41.01 -29.12
CA ALA B 76 7.15 -41.31 -29.81
C ALA B 76 7.31 -42.81 -30.07
N SER B 77 7.16 -43.60 -29.02
CA SER B 77 7.36 -45.05 -29.11
C SER B 77 6.36 -45.73 -30.04
N LYS B 78 6.76 -46.90 -30.53
CA LYS B 78 5.87 -47.71 -31.37
C LYS B 78 4.98 -48.53 -30.43
N VAL B 79 4.33 -47.81 -29.52
CA VAL B 79 3.45 -48.40 -28.52
C VAL B 79 2.04 -47.84 -28.71
N ILE B 80 1.05 -48.73 -28.75
CA ILE B 80 -0.33 -48.29 -28.94
C ILE B 80 -1.21 -48.62 -27.72
N ALA B 81 -2.23 -47.81 -27.51
CA ALA B 81 -3.21 -48.06 -26.46
C ALA B 81 -4.60 -48.23 -27.09
N LEU B 82 -5.25 -49.35 -26.81
CA LEU B 82 -6.56 -49.62 -27.43
C LEU B 82 -7.67 -49.90 -26.42
N LYS B 83 -8.85 -49.40 -26.76
CA LYS B 83 -10.04 -49.54 -25.92
C LYS B 83 -11.03 -50.54 -26.50
N ALA B 84 -11.50 -51.46 -25.68
CA ALA B 84 -12.54 -52.37 -26.15
C ALA B 84 -13.59 -52.42 -25.04
N GLY B 85 -14.62 -51.61 -25.19
CA GLY B 85 -15.69 -51.53 -24.22
C GLY B 85 -15.21 -50.82 -22.97
N LYS B 86 -15.12 -51.56 -21.87
CA LYS B 86 -14.62 -51.02 -20.62
C LYS B 86 -13.23 -51.59 -20.37
N THR B 87 -12.73 -52.31 -21.39
CA THR B 87 -11.43 -52.98 -21.29
C THR B 87 -10.32 -52.25 -22.05
N LEU B 88 -9.33 -51.80 -21.29
CA LEU B 88 -8.20 -51.05 -21.81
C LEU B 88 -6.94 -51.91 -21.94
N GLN B 89 -6.07 -51.58 -22.90
CA GLN B 89 -4.86 -52.37 -23.12
C GLN B 89 -3.72 -51.61 -23.79
N ILE B 90 -2.59 -51.52 -23.09
CA ILE B 90 -1.38 -50.92 -23.67
C ILE B 90 -0.58 -52.03 -24.35
N PHE B 91 -0.43 -51.89 -25.66
CA PHE B 91 0.13 -52.95 -26.50
C PHE B 91 1.39 -52.52 -27.26
N ASN B 92 2.39 -53.40 -27.29
CA ASN B 92 3.63 -53.12 -28.03
C ASN B 92 3.53 -53.56 -29.47
N ILE B 93 3.52 -52.60 -30.38
CA ILE B 93 3.35 -52.88 -31.80
C ILE B 93 4.50 -53.70 -32.38
N GLU B 94 5.72 -53.26 -32.13
CA GLU B 94 6.92 -53.92 -32.66
C GLU B 94 7.09 -55.35 -32.14
N MET B 95 6.82 -55.55 -30.86
CA MET B 95 7.00 -56.85 -30.22
C MET B 95 5.75 -57.72 -30.25
N LYS B 96 4.69 -57.21 -30.88
CA LYS B 96 3.37 -57.87 -30.94
C LYS B 96 2.96 -58.51 -29.62
N SER B 97 3.28 -57.83 -28.51
CA SER B 97 2.98 -58.34 -27.18
C SER B 97 2.27 -57.29 -26.32
N LYS B 98 1.38 -57.74 -25.44
CA LYS B 98 0.66 -56.82 -24.55
C LYS B 98 1.51 -56.37 -23.37
N MET B 99 1.57 -55.06 -23.16
CA MET B 99 2.34 -54.49 -22.05
C MET B 99 1.54 -54.41 -20.76
N LYS B 100 0.44 -53.65 -20.80
CA LYS B 100 -0.41 -53.49 -19.63
C LYS B 100 -1.87 -53.71 -20.01
N ALA B 101 -2.74 -53.83 -19.00
CA ALA B 101 -4.17 -53.98 -19.26
C ALA B 101 -5.00 -53.58 -18.05
N HIS B 102 -6.21 -53.08 -18.31
CA HIS B 102 -7.12 -52.70 -17.24
C HIS B 102 -8.57 -52.67 -17.68
N THR B 103 -9.45 -53.18 -16.83
CA THR B 103 -10.89 -53.14 -17.06
C THR B 103 -11.52 -52.15 -16.09
N MET B 104 -12.17 -51.12 -16.64
CA MET B 104 -12.74 -50.04 -15.85
C MET B 104 -14.19 -50.26 -15.41
N THR B 105 -14.49 -49.79 -14.21
CA THR B 105 -15.85 -49.90 -13.67
C THR B 105 -16.82 -49.06 -14.50
N ASP B 106 -16.65 -47.75 -14.48
CA ASP B 106 -17.45 -46.87 -15.34
C ASP B 106 -16.67 -46.49 -16.60
N ASP B 107 -17.39 -46.45 -17.71
CA ASP B 107 -16.82 -46.26 -19.04
C ASP B 107 -15.91 -45.05 -19.23
N VAL B 108 -14.84 -45.27 -19.99
CA VAL B 108 -13.91 -44.19 -20.33
C VAL B 108 -14.40 -43.42 -21.56
N THR B 109 -14.85 -42.19 -21.32
CA THR B 109 -15.45 -41.36 -22.35
C THR B 109 -14.42 -40.60 -23.20
N PHE B 110 -13.21 -40.40 -22.66
CA PHE B 110 -12.14 -39.70 -23.38
C PHE B 110 -10.77 -40.14 -22.86
N TRP B 111 -9.77 -40.28 -23.73
CA TRP B 111 -8.42 -40.59 -23.28
C TRP B 111 -7.32 -40.06 -24.22
N LYS B 112 -6.19 -39.69 -23.64
CA LYS B 112 -5.10 -39.02 -24.34
C LYS B 112 -3.77 -39.35 -23.70
N TRP B 113 -2.68 -39.28 -24.46
CA TRP B 113 -1.35 -39.48 -23.89
C TRP B 113 -0.84 -38.17 -23.30
N ILE B 114 -0.67 -38.16 -21.99
CA ILE B 114 -0.18 -36.98 -21.30
C ILE B 114 1.30 -36.74 -21.61
N SER B 115 2.07 -37.81 -21.64
CA SER B 115 3.49 -37.72 -21.96
C SER B 115 3.97 -39.05 -22.50
N LEU B 116 5.28 -39.20 -22.61
CA LEU B 116 5.84 -40.51 -22.94
C LEU B 116 5.72 -41.33 -21.67
N ASN B 117 5.01 -42.45 -21.77
CA ASN B 117 4.79 -43.40 -20.67
C ASN B 117 3.74 -42.95 -19.63
N THR B 118 2.73 -42.23 -20.10
CA THR B 118 1.60 -41.86 -19.25
C THR B 118 0.34 -41.51 -20.08
N VAL B 119 -0.75 -42.25 -19.85
CA VAL B 119 -2.00 -41.99 -20.55
C VAL B 119 -3.15 -41.63 -19.61
N ALA B 120 -3.80 -40.49 -19.87
CA ALA B 120 -4.91 -40.02 -19.05
C ALA B 120 -6.28 -40.55 -19.48
N LEU B 121 -7.10 -40.92 -18.50
CA LEU B 121 -8.41 -41.48 -18.75
C LEU B 121 -9.53 -40.63 -18.14
N VAL B 122 -10.57 -40.36 -18.92
CA VAL B 122 -11.68 -39.55 -18.44
C VAL B 122 -13.00 -40.34 -18.44
N THR B 123 -13.54 -40.54 -17.26
CA THR B 123 -14.86 -41.16 -17.11
C THR B 123 -15.85 -40.03 -16.88
N ASP B 124 -17.13 -40.35 -16.74
CA ASP B 124 -18.11 -39.30 -16.51
C ASP B 124 -17.97 -38.66 -15.13
N ASN B 125 -17.23 -39.31 -14.25
CA ASN B 125 -17.12 -38.83 -12.87
C ASN B 125 -15.74 -38.36 -12.43
N ALA B 126 -14.68 -38.88 -13.05
CA ALA B 126 -13.34 -38.50 -12.63
C ALA B 126 -12.29 -38.63 -13.73
N VAL B 127 -11.08 -38.16 -13.42
CA VAL B 127 -9.94 -38.22 -14.34
C VAL B 127 -8.80 -39.05 -13.76
N TYR B 128 -8.27 -39.98 -14.56
CA TYR B 128 -7.22 -40.87 -14.08
C TYR B 128 -5.91 -40.75 -14.86
N HIS B 129 -4.81 -41.10 -14.20
CA HIS B 129 -3.50 -41.18 -14.86
C HIS B 129 -2.96 -42.60 -14.81
N TRP B 130 -2.80 -43.20 -15.98
CA TRP B 130 -2.34 -44.59 -16.10
C TRP B 130 -0.95 -44.64 -16.72
N SER B 131 0.03 -45.09 -15.94
CA SER B 131 1.41 -45.16 -16.42
C SER B 131 1.64 -46.38 -17.28
N MET B 132 2.37 -46.17 -18.37
CA MET B 132 2.73 -47.24 -19.30
C MET B 132 3.79 -48.17 -18.72
N GLU B 133 4.63 -47.62 -17.85
CA GLU B 133 5.71 -48.37 -17.23
C GLU B 133 5.28 -49.13 -15.97
N GLY B 134 5.90 -50.30 -15.76
CA GLY B 134 5.67 -51.11 -14.57
C GLY B 134 4.32 -51.78 -14.43
N GLU B 135 3.90 -52.01 -13.18
CA GLU B 135 2.60 -52.64 -12.89
C GLU B 135 1.74 -51.75 -11.99
N SER B 136 1.44 -50.55 -12.47
CA SER B 136 0.64 -49.59 -11.74
C SER B 136 -0.75 -49.41 -12.37
N GLN B 137 -1.78 -49.56 -11.54
CA GLN B 137 -3.18 -49.38 -11.98
C GLN B 137 -3.45 -47.89 -12.21
N PRO B 138 -4.49 -47.56 -13.00
CA PRO B 138 -4.82 -46.14 -13.20
C PRO B 138 -5.12 -45.39 -11.90
N VAL B 139 -4.45 -44.26 -11.71
CA VAL B 139 -4.57 -43.48 -10.47
C VAL B 139 -5.50 -42.27 -10.62
N LYS B 140 -6.48 -42.17 -9.73
CA LYS B 140 -7.42 -41.06 -9.73
C LYS B 140 -6.73 -39.73 -9.40
N MET B 141 -6.93 -38.74 -10.27
CA MET B 141 -6.30 -37.43 -10.12
C MET B 141 -7.23 -36.40 -9.48
N PHE B 142 -8.46 -36.33 -9.98
CA PHE B 142 -9.44 -35.41 -9.43
C PHE B 142 -10.84 -35.82 -9.88
N ASP B 143 -11.85 -35.34 -9.17
CA ASP B 143 -13.24 -35.63 -9.51
C ASP B 143 -13.75 -34.59 -10.49
N ARG B 144 -14.52 -35.04 -11.47
CA ARG B 144 -15.09 -34.14 -12.48
C ARG B 144 -16.07 -33.14 -11.85
N HIS B 145 -15.87 -31.86 -12.18
CA HIS B 145 -16.72 -30.80 -11.68
C HIS B 145 -18.10 -30.85 -12.35
N SER B 146 -19.12 -30.42 -11.61
CA SER B 146 -20.50 -30.41 -12.10
C SER B 146 -20.71 -29.53 -13.33
N SER B 147 -19.89 -28.50 -13.48
CA SER B 147 -20.00 -27.60 -14.63
C SER B 147 -19.74 -28.31 -15.96
N LEU B 148 -18.97 -29.38 -15.91
CA LEU B 148 -18.65 -30.15 -17.11
C LEU B 148 -19.60 -31.33 -17.36
N ALA B 149 -20.60 -31.48 -16.51
CA ALA B 149 -21.58 -32.56 -16.66
C ALA B 149 -22.40 -32.38 -17.94
N GLY B 150 -22.48 -33.45 -18.73
CA GLY B 150 -23.20 -33.44 -19.99
C GLY B 150 -22.40 -32.94 -21.17
N CYS B 151 -21.19 -32.48 -20.91
CA CYS B 151 -20.30 -31.95 -21.96
C CYS B 151 -19.59 -33.05 -22.74
N GLN B 152 -19.29 -32.76 -24.00
CA GLN B 152 -18.46 -33.65 -24.81
C GLN B 152 -17.02 -33.26 -24.56
N ILE B 153 -16.26 -34.16 -23.95
CA ILE B 153 -14.87 -33.88 -23.62
C ILE B 153 -14.04 -33.84 -24.88
N ILE B 154 -13.40 -32.71 -25.11
CA ILE B 154 -12.67 -32.45 -26.34
C ILE B 154 -11.15 -32.50 -26.13
N ASN B 155 -10.69 -32.22 -24.90
CA ASN B 155 -9.27 -32.24 -24.57
C ASN B 155 -8.92 -32.36 -23.08
N TYR B 156 -7.68 -32.78 -22.82
CA TYR B 156 -7.10 -32.83 -21.47
C TYR B 156 -5.61 -32.47 -21.50
N ARG B 157 -5.22 -31.45 -20.74
CA ARG B 157 -3.84 -30.94 -20.74
C ARG B 157 -3.27 -30.79 -19.33
N THR B 158 -1.94 -30.78 -19.24
CA THR B 158 -1.23 -30.59 -17.96
C THR B 158 -0.01 -29.70 -18.19
N ASP B 159 0.49 -29.00 -17.16
CA ASP B 159 1.74 -28.26 -17.37
C ASP B 159 2.89 -29.24 -17.36
N ALA B 160 4.10 -28.71 -17.57
CA ALA B 160 5.31 -29.50 -17.60
C ALA B 160 5.50 -30.31 -16.31
N LYS B 161 5.49 -29.62 -15.17
CA LYS B 161 5.67 -30.26 -13.87
C LYS B 161 4.48 -31.13 -13.44
N GLN B 162 3.40 -31.09 -14.20
CA GLN B 162 2.17 -31.85 -13.93
C GLN B 162 1.57 -31.53 -12.57
N LYS B 163 1.66 -30.26 -12.18
CA LYS B 163 1.05 -29.81 -10.94
C LYS B 163 -0.29 -29.16 -11.26
N TRP B 164 -0.50 -28.87 -12.54
CA TRP B 164 -1.76 -28.27 -13.00
C TRP B 164 -2.39 -29.11 -14.11
N LEU B 165 -3.64 -29.50 -13.90
CA LEU B 165 -4.36 -30.35 -14.85
C LEU B 165 -5.57 -29.61 -15.41
N LEU B 166 -5.89 -29.86 -16.68
CA LEU B 166 -6.98 -29.12 -17.31
C LEU B 166 -7.87 -29.98 -18.20
N LEU B 167 -9.14 -30.08 -17.84
CA LEU B 167 -10.12 -30.81 -18.62
C LEU B 167 -11.07 -29.87 -19.35
N THR B 168 -11.20 -30.05 -20.67
CA THR B 168 -12.08 -29.19 -21.46
C THR B 168 -13.23 -29.96 -22.08
N GLY B 169 -14.44 -29.44 -21.91
CA GLY B 169 -15.63 -30.04 -22.49
C GLY B 169 -16.51 -28.98 -23.13
N ILE B 170 -17.22 -29.34 -24.19
CA ILE B 170 -18.09 -28.39 -24.87
C ILE B 170 -19.52 -28.92 -24.99
N SER B 171 -20.47 -27.99 -25.06
CA SER B 171 -21.88 -28.33 -25.13
C SER B 171 -22.65 -27.27 -25.91
N ALA B 172 -23.74 -27.67 -26.53
CA ALA B 172 -24.56 -26.76 -27.32
C ALA B 172 -25.62 -26.05 -26.48
N GLN B 173 -25.43 -24.75 -26.27
CA GLN B 173 -26.37 -23.94 -25.50
C GLN B 173 -26.79 -22.73 -26.32
N GLN B 174 -28.06 -22.72 -26.73
CA GLN B 174 -28.65 -21.63 -27.51
C GLN B 174 -27.93 -21.43 -28.83
N ASN B 175 -27.80 -22.50 -29.61
CA ASN B 175 -27.15 -22.46 -30.92
C ASN B 175 -25.74 -21.91 -30.85
N ARG B 176 -25.10 -22.10 -29.71
CA ARG B 176 -23.75 -21.63 -29.52
C ARG B 176 -23.00 -22.72 -28.79
N VAL B 177 -21.78 -23.01 -29.24
CA VAL B 177 -20.97 -24.01 -28.59
C VAL B 177 -20.29 -23.40 -27.39
N VAL B 178 -20.63 -23.90 -26.21
CA VAL B 178 -20.12 -23.32 -24.97
C VAL B 178 -19.03 -24.19 -24.36
N GLY B 179 -17.86 -23.59 -24.16
CA GLY B 179 -16.73 -24.32 -23.61
C GLY B 179 -16.64 -24.28 -22.10
N ALA B 180 -16.50 -25.44 -21.49
CA ALA B 180 -16.38 -25.54 -20.04
C ALA B 180 -15.07 -26.21 -19.66
N MET B 181 -14.30 -25.56 -18.79
CA MET B 181 -13.03 -26.12 -18.36
C MET B 181 -12.95 -26.26 -16.85
N GLN B 182 -12.14 -27.23 -16.40
CA GLN B 182 -11.88 -27.45 -14.99
C GLN B 182 -10.38 -27.43 -14.76
N LEU B 183 -9.91 -26.40 -14.07
CA LEU B 183 -8.49 -26.27 -13.77
C LEU B 183 -8.20 -26.80 -12.37
N TYR B 184 -7.50 -27.92 -12.30
CA TYR B 184 -7.21 -28.55 -11.02
C TYR B 184 -5.75 -28.39 -10.60
N SER B 185 -5.56 -27.97 -9.35
CA SER B 185 -4.25 -27.85 -8.77
C SER B 185 -3.94 -29.08 -7.92
N VAL B 186 -2.84 -29.75 -8.25
CA VAL B 186 -2.44 -30.95 -7.53
C VAL B 186 -2.03 -30.60 -6.11
N ASP B 187 -1.19 -29.58 -5.99
CA ASP B 187 -0.73 -29.11 -4.69
C ASP B 187 -1.88 -28.57 -3.88
N ARG B 188 -2.66 -27.67 -4.48
CA ARG B 188 -3.79 -27.06 -3.78
C ARG B 188 -5.03 -27.95 -3.67
N LYS B 189 -5.07 -29.05 -4.41
CA LYS B 189 -6.18 -30.01 -4.35
C LYS B 189 -7.56 -29.38 -4.53
N VAL B 190 -7.66 -28.35 -5.35
CA VAL B 190 -8.92 -27.67 -5.62
C VAL B 190 -9.12 -27.39 -7.09
N SER B 191 -10.39 -27.33 -7.51
CA SER B 191 -10.73 -27.07 -8.90
C SER B 191 -11.38 -25.71 -9.10
N GLN B 192 -11.10 -25.12 -10.26
CA GLN B 192 -11.70 -23.84 -10.65
C GLN B 192 -12.42 -24.03 -11.99
N PRO B 193 -13.75 -23.82 -12.00
CA PRO B 193 -14.43 -23.90 -13.30
C PRO B 193 -14.21 -22.65 -14.14
N ILE B 194 -13.84 -22.84 -15.40
CA ILE B 194 -13.52 -21.72 -16.29
C ILE B 194 -14.24 -21.86 -17.63
N GLU B 195 -14.80 -20.78 -18.14
CA GLU B 195 -15.41 -20.82 -19.46
C GLU B 195 -14.33 -20.60 -20.52
N GLY B 196 -13.97 -21.69 -21.20
CA GLY B 196 -12.92 -21.63 -22.22
C GLY B 196 -13.13 -22.66 -23.31
N HIS B 197 -12.70 -22.33 -24.51
CA HIS B 197 -12.85 -23.24 -25.64
C HIS B 197 -11.56 -24.00 -25.92
N ALA B 198 -10.42 -23.31 -25.82
CA ALA B 198 -9.12 -23.92 -26.09
C ALA B 198 -8.06 -23.35 -25.16
N ALA B 199 -7.18 -24.21 -24.66
CA ALA B 199 -6.17 -23.75 -23.73
C ALA B 199 -4.84 -24.48 -23.87
N SER B 200 -3.82 -23.96 -23.19
CA SER B 200 -2.49 -24.54 -23.24
C SER B 200 -1.62 -23.97 -22.11
N PHE B 201 -0.63 -24.75 -21.68
CA PHE B 201 0.31 -24.30 -20.66
C PHE B 201 1.64 -23.93 -21.31
N ALA B 202 2.35 -22.99 -20.69
CA ALA B 202 3.64 -22.58 -21.22
C ALA B 202 4.61 -22.16 -20.11
N GLN B 203 5.89 -22.47 -20.32
CA GLN B 203 6.95 -22.06 -19.42
C GLN B 203 7.61 -20.82 -20.03
N PHE B 204 7.63 -19.72 -19.29
CA PHE B 204 8.14 -18.47 -19.84
C PHE B 204 8.95 -17.71 -18.78
N LYS B 205 10.21 -17.43 -19.09
CA LYS B 205 11.05 -16.65 -18.17
C LYS B 205 10.97 -15.18 -18.54
N MET B 206 10.46 -14.38 -17.61
CA MET B 206 10.27 -12.95 -17.81
C MET B 206 11.61 -12.21 -17.90
N GLU B 207 11.54 -10.93 -18.30
CA GLU B 207 12.71 -10.08 -18.37
C GLU B 207 13.17 -9.72 -16.97
N GLY B 208 14.38 -10.16 -16.62
CA GLY B 208 14.92 -9.91 -15.29
C GLY B 208 14.34 -10.84 -14.24
N ASN B 209 14.01 -12.05 -14.64
CA ASN B 209 13.46 -13.05 -13.73
C ASN B 209 14.38 -14.26 -13.58
N ALA B 210 14.59 -14.69 -12.33
CA ALA B 210 15.48 -15.81 -12.04
C ALA B 210 15.00 -17.14 -12.63
N GLU B 211 13.75 -17.50 -12.35
CA GLU B 211 13.20 -18.78 -12.78
C GLU B 211 12.10 -18.65 -13.82
N GLU B 212 11.79 -19.76 -14.48
CA GLU B 212 10.73 -19.81 -15.48
C GLU B 212 9.35 -19.77 -14.83
N SER B 213 8.46 -18.94 -15.38
CA SER B 213 7.10 -18.86 -14.88
C SER B 213 6.20 -19.81 -15.64
N THR B 214 5.29 -20.47 -14.92
CA THR B 214 4.34 -21.37 -15.57
C THR B 214 3.06 -20.61 -15.91
N LEU B 215 2.81 -20.44 -17.20
CA LEU B 215 1.66 -19.69 -17.68
C LEU B 215 0.51 -20.57 -18.15
N PHE B 216 -0.71 -20.12 -17.85
CA PHE B 216 -1.91 -20.79 -18.33
C PHE B 216 -2.59 -19.87 -19.34
N CYS B 217 -2.67 -20.32 -20.59
CA CYS B 217 -3.26 -19.50 -21.64
C CYS B 217 -4.51 -20.17 -22.20
N PHE B 218 -5.62 -19.44 -22.21
CA PHE B 218 -6.83 -20.00 -22.78
C PHE B 218 -7.62 -18.98 -23.59
N ALA B 219 -8.28 -19.47 -24.62
CA ALA B 219 -9.07 -18.64 -25.50
C ALA B 219 -10.52 -19.10 -25.45
N VAL B 220 -11.42 -18.15 -25.65
CA VAL B 220 -12.83 -18.43 -25.55
C VAL B 220 -13.63 -17.42 -26.36
N ARG B 221 -14.79 -17.85 -26.84
CA ARG B 221 -15.76 -16.93 -27.40
C ARG B 221 -16.98 -17.06 -26.51
N GLY B 222 -16.94 -16.35 -25.38
CA GLY B 222 -17.96 -16.48 -24.36
C GLY B 222 -18.79 -15.24 -24.09
N GLN B 223 -19.03 -15.00 -22.80
CA GLN B 223 -19.88 -13.91 -22.33
C GLN B 223 -19.34 -12.52 -22.68
N ALA B 224 -18.02 -12.37 -22.64
CA ALA B 224 -17.42 -11.10 -23.00
C ALA B 224 -16.77 -11.21 -24.37
N GLY B 225 -17.48 -11.87 -25.28
CA GLY B 225 -17.03 -12.10 -26.63
C GLY B 225 -15.76 -12.93 -26.72
N GLY B 226 -15.03 -12.77 -27.82
CA GLY B 226 -13.78 -13.47 -28.04
C GLY B 226 -12.66 -12.88 -27.21
N LYS B 227 -12.09 -13.69 -26.31
CA LYS B 227 -11.02 -13.24 -25.43
C LYS B 227 -9.89 -14.25 -25.32
N LEU B 228 -8.67 -13.74 -25.19
CA LEU B 228 -7.51 -14.59 -24.97
C LEU B 228 -6.88 -14.22 -23.63
N HIS B 229 -6.73 -15.19 -22.73
CA HIS B 229 -6.19 -14.89 -21.41
C HIS B 229 -4.83 -15.54 -21.16
N ILE B 230 -3.89 -14.75 -20.66
CA ILE B 230 -2.57 -15.25 -20.32
C ILE B 230 -2.27 -14.93 -18.85
N ILE B 231 -2.38 -15.95 -18.01
CA ILE B 231 -2.24 -15.78 -16.56
C ILE B 231 -1.22 -16.78 -16.00
N GLU B 232 -0.52 -16.39 -14.94
CA GLU B 232 0.45 -17.29 -14.30
C GLU B 232 -0.23 -18.11 -13.21
N VAL B 233 0.01 -19.42 -13.24
CA VAL B 233 -0.60 -20.33 -12.28
C VAL B 233 0.30 -20.65 -11.08
N GLY B 234 -0.26 -20.45 -9.89
CA GLY B 234 0.41 -20.71 -8.63
C GLY B 234 1.40 -19.64 -8.19
N THR B 235 1.99 -19.88 -7.03
CA THR B 235 2.93 -18.95 -6.42
C THR B 235 4.20 -18.83 -7.25
N PRO B 236 4.60 -17.59 -7.57
CA PRO B 236 5.83 -17.40 -8.33
C PRO B 236 7.04 -17.82 -7.52
N PRO B 237 8.09 -18.34 -8.20
CA PRO B 237 9.29 -18.76 -7.49
C PRO B 237 9.95 -17.62 -6.74
N THR B 238 10.81 -18.00 -5.79
CA THR B 238 11.55 -17.05 -4.97
C THR B 238 12.46 -16.16 -5.79
N GLY B 239 12.28 -14.86 -5.61
CA GLY B 239 13.07 -13.86 -6.32
C GLY B 239 12.57 -13.62 -7.73
N ASN B 240 11.30 -13.93 -7.97
CA ASN B 240 10.70 -13.70 -9.27
C ASN B 240 9.60 -12.66 -9.19
N GLN B 241 9.52 -11.79 -10.19
CA GLN B 241 8.45 -10.81 -10.29
C GLN B 241 7.24 -11.60 -10.80
N PRO B 242 6.03 -11.23 -10.37
CA PRO B 242 4.95 -12.06 -10.91
C PRO B 242 4.52 -11.62 -12.31
N PHE B 243 3.94 -12.53 -13.07
CA PHE B 243 3.46 -12.24 -14.42
C PHE B 243 2.13 -11.49 -14.37
N PRO B 244 2.10 -10.27 -14.92
CA PRO B 244 0.84 -9.49 -14.95
C PRO B 244 -0.19 -10.12 -15.89
N LYS B 245 -1.35 -10.49 -15.34
CA LYS B 245 -2.42 -11.13 -16.10
C LYS B 245 -2.73 -10.37 -17.38
N LYS B 246 -2.92 -11.10 -18.48
CA LYS B 246 -3.28 -10.49 -19.75
C LYS B 246 -4.67 -10.91 -20.20
N ALA B 247 -5.37 -9.99 -20.85
CA ALA B 247 -6.66 -10.28 -21.43
C ALA B 247 -6.86 -9.46 -22.69
N VAL B 248 -6.85 -10.12 -23.84
CA VAL B 248 -6.95 -9.46 -25.13
C VAL B 248 -8.10 -10.01 -25.94
N ASP B 249 -8.54 -9.24 -26.93
CA ASP B 249 -9.63 -9.65 -27.80
C ASP B 249 -9.19 -10.65 -28.84
N VAL B 250 -10.09 -11.56 -29.18
CA VAL B 250 -9.88 -12.51 -30.27
C VAL B 250 -10.86 -12.17 -31.39
N PHE B 251 -10.34 -11.85 -32.56
CA PHE B 251 -11.19 -11.37 -33.65
C PHE B 251 -11.86 -12.44 -34.49
N PHE B 252 -13.18 -12.30 -34.62
CA PHE B 252 -14.00 -13.14 -35.47
C PHE B 252 -14.76 -12.23 -36.43
N PRO B 253 -14.50 -12.37 -37.75
CA PRO B 253 -15.16 -11.53 -38.76
C PRO B 253 -16.67 -11.65 -38.71
N PRO B 254 -17.40 -10.68 -39.30
CA PRO B 254 -18.87 -10.69 -39.25
C PRO B 254 -19.48 -11.92 -39.92
N GLU B 255 -18.83 -12.42 -40.97
CA GLU B 255 -19.29 -13.61 -41.66
C GLU B 255 -19.08 -14.88 -40.82
N ALA B 256 -18.05 -14.85 -39.97
CA ALA B 256 -17.72 -16.04 -39.19
C ALA B 256 -18.49 -16.12 -37.86
N GLN B 257 -19.79 -15.87 -37.91
CA GLN B 257 -20.61 -16.11 -36.74
C GLN B 257 -20.65 -17.62 -36.59
N ASN B 258 -20.73 -18.09 -35.35
CA ASN B 258 -20.77 -19.52 -35.00
C ASN B 258 -19.39 -20.17 -35.05
N ASP B 259 -18.36 -19.33 -35.07
CA ASP B 259 -16.98 -19.79 -35.03
C ASP B 259 -16.41 -19.66 -33.61
N PHE B 260 -15.46 -20.51 -33.26
CA PHE B 260 -14.88 -20.46 -31.92
C PHE B 260 -13.51 -21.12 -31.91
N PRO B 261 -12.68 -20.80 -30.90
CA PRO B 261 -11.38 -21.47 -30.87
C PRO B 261 -11.50 -22.98 -30.67
N VAL B 262 -10.74 -23.72 -31.47
CA VAL B 262 -10.80 -25.19 -31.47
C VAL B 262 -9.51 -25.80 -30.96
N ALA B 263 -8.37 -25.18 -31.27
CA ALA B 263 -7.09 -25.71 -30.85
C ALA B 263 -6.09 -24.60 -30.51
N MET B 264 -5.15 -24.91 -29.62
CA MET B 264 -4.10 -23.96 -29.24
C MET B 264 -2.79 -24.66 -28.90
N GLN B 265 -1.72 -24.23 -29.54
CA GLN B 265 -0.37 -24.73 -29.27
C GLN B 265 0.55 -23.54 -29.05
N ILE B 266 1.33 -23.58 -27.98
CA ILE B 266 2.27 -22.48 -27.70
C ILE B 266 3.71 -22.88 -28.03
N SER B 267 4.38 -22.04 -28.81
CA SER B 267 5.76 -22.29 -29.18
C SER B 267 6.72 -21.65 -28.19
N GLU B 268 7.38 -22.48 -27.39
CA GLU B 268 8.31 -22.00 -26.37
C GLU B 268 9.53 -21.33 -27.03
N LYS B 269 9.88 -21.80 -28.21
CA LYS B 269 11.04 -21.31 -28.96
C LYS B 269 10.92 -19.82 -29.30
N HIS B 270 9.82 -19.44 -29.92
CA HIS B 270 9.61 -18.05 -30.33
C HIS B 270 8.71 -17.30 -29.36
N ASP B 271 8.16 -18.01 -28.38
CA ASP B 271 7.24 -17.44 -27.40
C ASP B 271 6.00 -16.83 -28.05
N VAL B 272 5.33 -17.63 -28.87
CA VAL B 272 4.12 -17.22 -29.56
C VAL B 272 3.00 -18.26 -29.42
N VAL B 273 1.76 -17.79 -29.47
CA VAL B 273 0.61 -18.67 -29.32
C VAL B 273 -0.09 -18.95 -30.64
N PHE B 274 -0.27 -20.23 -30.97
CA PHE B 274 -1.02 -20.59 -32.17
C PHE B 274 -2.47 -20.85 -31.80
N LEU B 275 -3.39 -20.27 -32.56
CA LEU B 275 -4.81 -20.49 -32.29
C LEU B 275 -5.55 -20.86 -33.57
N ILE B 276 -6.23 -21.99 -33.53
CA ILE B 276 -6.98 -22.48 -34.67
C ILE B 276 -8.46 -22.52 -34.35
N THR B 277 -9.28 -21.97 -35.24
CA THR B 277 -10.72 -21.91 -35.02
C THR B 277 -11.45 -23.02 -35.79
N LYS B 278 -12.73 -23.19 -35.47
CA LYS B 278 -13.56 -24.21 -36.10
C LYS B 278 -13.63 -24.05 -37.61
N TYR B 279 -13.71 -22.80 -38.07
CA TYR B 279 -13.81 -22.52 -39.50
C TYR B 279 -12.50 -22.75 -40.25
N GLY B 280 -11.39 -22.83 -39.52
CA GLY B 280 -10.11 -23.06 -40.16
C GLY B 280 -9.20 -21.85 -40.18
N TYR B 281 -9.54 -20.83 -39.39
CA TYR B 281 -8.71 -19.64 -39.28
C TYR B 281 -7.57 -19.86 -38.29
N ILE B 282 -6.37 -19.43 -38.65
CA ILE B 282 -5.26 -19.49 -37.71
C ILE B 282 -5.00 -18.11 -37.12
N HIS B 283 -4.58 -18.08 -35.85
CA HIS B 283 -4.28 -16.84 -35.16
C HIS B 283 -2.90 -16.96 -34.53
N LEU B 284 -2.14 -15.87 -34.53
CA LEU B 284 -0.81 -15.90 -33.91
C LEU B 284 -0.69 -14.75 -32.92
N TYR B 285 -0.27 -15.07 -31.70
CA TYR B 285 -0.20 -14.06 -30.65
C TYR B 285 1.14 -14.09 -29.94
N ASP B 286 1.54 -12.94 -29.41
CA ASP B 286 2.72 -12.87 -28.57
C ASP B 286 2.33 -13.43 -27.21
N LEU B 287 3.09 -14.40 -26.73
CA LEU B 287 2.80 -15.03 -25.44
C LEU B 287 2.95 -14.02 -24.29
N GLU B 288 3.91 -13.11 -24.43
CA GLU B 288 4.17 -12.13 -23.40
C GLU B 288 3.07 -11.08 -23.22
N THR B 289 2.61 -10.48 -24.32
CA THR B 289 1.63 -9.39 -24.23
C THR B 289 0.24 -9.73 -24.78
N GLY B 290 0.14 -10.81 -25.55
CA GLY B 290 -1.11 -11.16 -26.19
C GLY B 290 -1.38 -10.34 -27.43
N THR B 291 -0.34 -9.67 -27.92
CA THR B 291 -0.46 -8.87 -29.14
C THR B 291 -0.67 -9.83 -30.31
N CYS B 292 -1.64 -9.50 -31.17
CA CYS B 292 -1.91 -10.31 -32.34
C CYS B 292 -0.89 -10.00 -33.43
N ILE B 293 -0.37 -11.05 -34.07
CA ILE B 293 0.65 -10.88 -35.11
C ILE B 293 0.17 -11.24 -36.51
N TYR B 294 -0.53 -12.35 -36.64
CA TYR B 294 -1.07 -12.81 -37.94
C TYR B 294 -2.40 -13.53 -37.81
N MET B 295 -3.25 -13.27 -38.80
CA MET B 295 -4.59 -13.85 -38.88
C MET B 295 -4.90 -14.18 -40.32
N ASN B 296 -5.31 -15.40 -40.64
CA ASN B 296 -5.67 -15.69 -42.03
C ASN B 296 -6.26 -17.09 -42.09
N ARG B 297 -7.03 -17.38 -43.13
CA ARG B 297 -7.63 -18.69 -43.23
C ARG B 297 -6.67 -19.67 -43.85
N ILE B 298 -6.45 -20.80 -43.19
CA ILE B 298 -5.53 -21.80 -43.71
C ILE B 298 -6.29 -23.02 -44.24
N SER B 299 -7.51 -23.25 -43.76
CA SER B 299 -8.28 -24.40 -44.19
C SER B 299 -9.77 -24.09 -44.39
N GLY B 300 -10.36 -24.73 -45.40
CA GLY B 300 -11.79 -24.61 -45.67
C GLY B 300 -12.59 -25.60 -44.85
N GLU B 301 -11.90 -26.63 -44.37
CA GLU B 301 -12.53 -27.67 -43.56
C GLU B 301 -11.99 -27.61 -42.14
N THR B 302 -12.79 -28.06 -41.18
CA THR B 302 -12.38 -28.09 -39.78
C THR B 302 -11.15 -28.96 -39.57
N ILE B 303 -10.18 -28.46 -38.80
CA ILE B 303 -9.00 -29.24 -38.46
C ILE B 303 -9.24 -29.90 -37.09
N PHE B 304 -9.82 -31.10 -37.13
CA PHE B 304 -10.26 -31.78 -35.90
C PHE B 304 -9.16 -32.27 -34.96
N VAL B 305 -8.02 -32.72 -35.48
CA VAL B 305 -6.93 -33.15 -34.62
C VAL B 305 -5.68 -32.30 -34.82
N THR B 306 -5.04 -31.94 -33.72
CA THR B 306 -3.82 -31.15 -33.76
C THR B 306 -2.76 -31.71 -32.83
N ALA B 307 -1.51 -31.32 -33.06
CA ALA B 307 -0.39 -31.77 -32.25
C ALA B 307 0.75 -30.79 -32.44
N PRO B 308 1.69 -30.75 -31.49
CA PRO B 308 2.80 -29.82 -31.73
C PRO B 308 3.77 -30.36 -32.76
N HIS B 309 4.23 -29.49 -33.67
CA HIS B 309 5.22 -29.91 -34.65
C HIS B 309 6.59 -29.65 -34.06
N GLU B 310 7.02 -30.59 -33.22
CA GLU B 310 8.26 -30.50 -32.45
C GLU B 310 9.47 -29.95 -33.20
N ALA B 311 9.72 -30.48 -34.39
CA ALA B 311 10.87 -30.07 -35.20
C ALA B 311 10.91 -28.56 -35.48
N THR B 312 9.83 -28.06 -36.09
CA THR B 312 9.76 -26.65 -36.49
C THR B 312 9.25 -25.74 -35.38
N ALA B 313 8.86 -26.33 -34.26
CA ALA B 313 8.26 -25.60 -33.15
C ALA B 313 7.00 -24.86 -33.59
N GLY B 314 6.06 -25.62 -34.17
CA GLY B 314 4.83 -25.08 -34.67
C GLY B 314 3.67 -25.99 -34.35
N ILE B 315 2.65 -25.97 -35.20
CA ILE B 315 1.45 -26.79 -35.00
C ILE B 315 1.15 -27.62 -36.26
N ILE B 316 0.84 -28.89 -36.06
CA ILE B 316 0.51 -29.78 -37.18
C ILE B 316 -0.84 -30.46 -36.97
N GLY B 317 -1.75 -30.27 -37.91
CA GLY B 317 -3.08 -30.86 -37.79
C GLY B 317 -3.56 -31.62 -39.01
N VAL B 318 -4.76 -32.19 -38.89
CA VAL B 318 -5.40 -32.90 -39.99
C VAL B 318 -6.84 -32.45 -40.13
N ASN B 319 -7.25 -32.06 -41.33
CA ASN B 319 -8.62 -31.62 -41.55
C ASN B 319 -9.51 -32.70 -42.17
N ARG B 320 -10.82 -32.44 -42.16
CA ARG B 320 -11.83 -33.38 -42.65
C ARG B 320 -11.66 -33.75 -44.12
N LYS B 321 -10.89 -32.94 -44.86
CA LYS B 321 -10.62 -33.21 -46.25
C LYS B 321 -9.54 -34.27 -46.43
N GLY B 322 -8.78 -34.52 -45.35
CA GLY B 322 -7.71 -35.48 -45.37
C GLY B 322 -6.34 -34.84 -45.55
N GLN B 323 -6.32 -33.51 -45.57
CA GLN B 323 -5.06 -32.78 -45.71
C GLN B 323 -4.32 -32.69 -44.39
N VAL B 324 -3.05 -33.05 -44.40
CA VAL B 324 -2.21 -32.94 -43.20
C VAL B 324 -1.42 -31.64 -43.26
N LEU B 325 -1.98 -30.59 -42.67
CA LEU B 325 -1.38 -29.26 -42.72
C LEU B 325 -0.54 -28.95 -41.48
N SER B 326 0.54 -28.19 -41.66
CA SER B 326 1.40 -27.78 -40.54
C SER B 326 1.81 -26.32 -40.74
N VAL B 327 1.62 -25.52 -39.68
CA VAL B 327 1.95 -24.09 -39.70
C VAL B 327 2.94 -23.76 -38.59
N CYS B 328 3.99 -23.04 -38.96
CA CYS B 328 5.01 -22.66 -37.99
C CYS B 328 5.57 -21.28 -38.29
N VAL B 329 6.32 -20.75 -37.34
CA VAL B 329 6.94 -19.44 -37.48
C VAL B 329 8.06 -19.46 -38.51
N GLU B 330 7.97 -18.56 -39.48
CA GLU B 330 9.04 -18.39 -40.46
C GLU B 330 10.08 -17.46 -39.84
N GLU B 331 11.14 -18.06 -39.33
CA GLU B 331 12.17 -17.35 -38.58
C GLU B 331 12.85 -16.23 -39.38
N GLU B 332 12.87 -16.37 -40.70
CA GLU B 332 13.48 -15.36 -41.57
C GLU B 332 12.58 -14.12 -41.73
N ASN B 333 11.26 -14.34 -41.76
CA ASN B 333 10.32 -13.26 -42.03
C ASN B 333 9.58 -12.65 -40.86
N ILE B 334 9.57 -13.32 -39.71
CA ILE B 334 8.79 -12.87 -38.56
C ILE B 334 9.09 -11.44 -38.11
N ILE B 335 10.36 -11.10 -37.93
CA ILE B 335 10.73 -9.76 -37.49
C ILE B 335 10.43 -8.68 -38.53
N PRO B 336 10.82 -8.90 -39.80
CA PRO B 336 10.43 -7.89 -40.79
C PRO B 336 8.92 -7.64 -40.89
N TYR B 337 8.12 -8.70 -40.85
CA TYR B 337 6.66 -8.57 -40.92
C TYR B 337 6.10 -7.73 -39.77
N ILE B 338 6.53 -8.06 -38.56
CA ILE B 338 6.11 -7.32 -37.37
C ILE B 338 6.52 -5.86 -37.50
N THR B 339 7.70 -5.63 -38.05
CA THR B 339 8.22 -4.28 -38.23
C THR B 339 7.49 -3.49 -39.31
N ASN B 340 7.38 -4.04 -40.52
CA ASN B 340 6.88 -3.27 -41.65
C ASN B 340 5.43 -3.51 -42.06
N VAL B 341 4.93 -4.74 -41.93
CA VAL B 341 3.56 -5.03 -42.30
C VAL B 341 2.61 -4.75 -41.15
N LEU B 342 2.98 -5.22 -39.97
CA LEU B 342 2.20 -4.97 -38.76
C LEU B 342 2.48 -3.55 -38.25
N GLN B 343 3.71 -3.08 -38.48
CA GLN B 343 4.16 -1.77 -38.04
C GLN B 343 4.12 -1.63 -36.52
N ASN B 344 4.67 -2.64 -35.87
CA ASN B 344 4.81 -2.69 -34.42
C ASN B 344 6.28 -2.83 -34.01
N PRO B 345 7.10 -1.78 -34.21
CA PRO B 345 8.52 -1.86 -33.88
C PRO B 345 8.84 -2.30 -32.46
N ASP B 346 8.09 -1.83 -31.47
CA ASP B 346 8.30 -2.22 -30.08
C ASP B 346 8.23 -3.73 -29.87
N LEU B 347 7.29 -4.38 -30.54
CA LEU B 347 7.16 -5.83 -30.44
C LEU B 347 8.32 -6.53 -31.13
N ALA B 348 8.72 -6.00 -32.28
CA ALA B 348 9.85 -6.57 -33.03
C ALA B 348 11.15 -6.52 -32.23
N LEU B 349 11.41 -5.38 -31.59
CA LEU B 349 12.60 -5.21 -30.75
C LEU B 349 12.66 -6.20 -29.60
N ARG B 350 11.56 -6.33 -28.86
CA ARG B 350 11.49 -7.27 -27.75
C ARG B 350 11.63 -8.70 -28.26
N MET B 351 11.03 -8.97 -29.42
CA MET B 351 11.09 -10.31 -30.02
C MET B 351 12.48 -10.71 -30.49
N ALA B 352 13.23 -9.77 -31.05
CA ALA B 352 14.57 -10.07 -31.56
C ALA B 352 15.61 -10.25 -30.47
N VAL B 353 15.38 -9.62 -29.32
CA VAL B 353 16.31 -9.71 -28.21
C VAL B 353 15.96 -10.91 -27.33
N ARG B 354 14.67 -11.20 -27.22
CA ARG B 354 14.19 -12.32 -26.42
C ARG B 354 14.57 -13.68 -27.01
N ASN B 355 14.16 -13.93 -28.25
CA ASN B 355 14.43 -15.22 -28.91
C ASN B 355 15.58 -15.21 -29.91
N ASN B 356 16.50 -14.28 -29.70
CA ASN B 356 17.65 -14.04 -30.58
C ASN B 356 17.35 -14.26 -32.07
N LEU B 357 16.48 -13.42 -32.62
CA LEU B 357 16.11 -13.45 -34.03
C LEU B 357 16.76 -12.29 -34.78
N ALA B 358 16.82 -12.38 -36.10
CA ALA B 358 17.48 -11.36 -36.92
C ALA B 358 16.56 -10.63 -37.89
N GLY B 359 16.88 -9.36 -38.15
CA GLY B 359 16.11 -8.51 -39.05
C GLY B 359 15.69 -7.17 -38.45
N ALA B 360 16.11 -6.94 -37.21
CA ALA B 360 15.82 -5.72 -36.47
C ALA B 360 16.93 -4.66 -36.57
N GLU B 361 18.03 -4.99 -37.24
CA GLU B 361 19.24 -4.15 -37.27
C GLU B 361 18.96 -2.67 -37.45
N GLU B 362 18.14 -2.33 -38.43
CA GLU B 362 17.79 -0.94 -38.71
C GLU B 362 17.13 -0.25 -37.51
N LEU B 363 16.26 -0.96 -36.81
CA LEU B 363 15.56 -0.41 -35.65
C LEU B 363 16.50 -0.10 -34.51
N PHE B 364 17.47 -1.01 -34.30
CA PHE B 364 18.47 -0.83 -33.25
C PHE B 364 19.35 0.39 -33.53
N ALA B 365 19.65 0.61 -34.81
CA ALA B 365 20.39 1.79 -35.22
C ALA B 365 19.54 3.04 -34.95
N ARG B 366 18.28 2.99 -35.34
CA ARG B 366 17.34 4.09 -35.13
C ARG B 366 17.22 4.46 -33.65
N LYS B 367 17.02 3.44 -32.81
CA LYS B 367 16.89 3.65 -31.37
C LYS B 367 18.17 4.22 -30.76
N PHE B 368 19.31 3.82 -31.33
CA PHE B 368 20.60 4.30 -30.85
C PHE B 368 20.80 5.77 -31.21
N ASN B 369 20.67 6.08 -32.48
CA ASN B 369 20.82 7.46 -32.98
C ASN B 369 19.87 8.43 -32.31
N ALA B 370 18.66 7.98 -32.02
CA ALA B 370 17.66 8.83 -31.38
C ALA B 370 18.03 9.18 -29.94
N LEU B 371 18.54 8.19 -29.20
CA LEU B 371 18.96 8.38 -27.81
C LEU B 371 20.26 9.16 -27.73
N PHE B 372 21.07 9.06 -28.77
CA PHE B 372 22.34 9.77 -28.86
C PHE B 372 22.07 11.26 -29.04
N ALA B 373 21.16 11.55 -29.96
CA ALA B 373 20.71 12.92 -30.21
C ALA B 373 19.94 13.46 -29.00
N GLN B 374 19.31 12.56 -28.26
CA GLN B 374 18.53 12.93 -27.08
C GLN B 374 19.35 13.34 -25.87
N GLY B 375 20.66 13.11 -25.93
CA GLY B 375 21.52 13.44 -24.81
C GLY B 375 21.57 12.29 -23.80
N ASN B 376 20.61 11.37 -23.92
CA ASN B 376 20.55 10.25 -22.99
C ASN B 376 21.55 9.20 -23.46
N TYR B 377 22.80 9.35 -23.06
CA TYR B 377 23.86 8.42 -23.48
C TYR B 377 23.87 7.17 -22.63
N SER B 378 23.32 7.26 -21.42
CA SER B 378 23.24 6.12 -20.52
C SER B 378 22.35 5.01 -21.09
N GLU B 379 21.19 5.39 -21.60
CA GLU B 379 20.26 4.44 -22.19
C GLU B 379 20.68 4.01 -23.58
N ALA B 380 21.31 4.94 -24.30
CA ALA B 380 21.83 4.65 -25.64
C ALA B 380 22.83 3.50 -25.58
N ALA B 381 23.65 3.48 -24.53
CA ALA B 381 24.64 2.41 -24.34
C ALA B 381 23.97 1.05 -24.12
N LYS B 382 22.90 1.04 -23.34
CA LYS B 382 22.18 -0.19 -23.05
C LYS B 382 21.63 -0.83 -24.32
N VAL B 383 21.20 0.02 -25.26
CA VAL B 383 20.70 -0.45 -26.54
C VAL B 383 21.77 -1.18 -27.33
N ALA B 384 22.96 -0.58 -27.38
CA ALA B 384 24.10 -1.18 -28.06
C ALA B 384 24.52 -2.47 -27.36
N ALA B 385 24.47 -2.47 -26.03
CA ALA B 385 24.85 -3.64 -25.23
C ALA B 385 23.94 -4.84 -25.44
N ASN B 386 22.64 -4.60 -25.56
CA ASN B 386 21.69 -5.70 -25.73
C ASN B 386 21.27 -5.89 -27.18
N ALA B 387 22.23 -5.81 -28.08
CA ALA B 387 22.00 -6.13 -29.48
C ALA B 387 21.92 -7.65 -29.59
N PRO B 388 21.06 -8.15 -30.48
CA PRO B 388 20.84 -9.60 -30.58
C PRO B 388 22.13 -10.38 -30.87
N LYS B 389 22.87 -10.02 -31.91
CA LYS B 389 24.10 -10.71 -32.23
C LYS B 389 25.28 -9.75 -32.35
N GLY B 390 25.46 -8.91 -31.34
CA GLY B 390 26.51 -7.92 -31.30
C GLY B 390 26.48 -6.96 -32.47
N ILE B 391 25.28 -6.60 -32.87
CA ILE B 391 25.08 -5.74 -34.03
C ILE B 391 25.67 -4.34 -33.83
N LEU B 392 25.47 -3.78 -32.66
CA LEU B 392 25.98 -2.45 -32.34
C LEU B 392 27.25 -2.48 -31.49
N ARG B 393 27.84 -3.66 -31.34
CA ARG B 393 29.08 -3.81 -30.59
C ARG B 393 30.25 -3.76 -31.57
N THR B 394 30.47 -2.58 -32.14
CA THR B 394 31.46 -2.39 -33.18
C THR B 394 32.34 -1.17 -32.87
N PRO B 395 33.50 -1.03 -33.55
CA PRO B 395 34.34 0.15 -33.31
C PRO B 395 33.65 1.46 -33.67
N ASP B 396 32.77 1.40 -34.65
CA ASP B 396 32.02 2.55 -35.14
C ASP B 396 31.22 3.20 -34.03
N THR B 397 30.74 2.36 -33.14
CA THR B 397 29.99 2.77 -31.97
C THR B 397 30.86 3.52 -30.99
N ILE B 398 32.03 2.95 -30.72
CA ILE B 398 33.01 3.56 -29.82
C ILE B 398 33.49 4.89 -30.36
N ARG B 399 33.68 4.94 -31.68
CA ARG B 399 34.07 6.16 -32.38
C ARG B 399 33.05 7.27 -32.20
N ARG B 400 31.78 6.90 -32.10
CA ARG B 400 30.71 7.87 -31.92
C ARG B 400 30.73 8.46 -30.52
N PHE B 401 30.94 7.61 -29.52
CA PHE B 401 31.01 8.04 -28.12
C PHE B 401 32.27 8.86 -27.85
N GLN B 402 33.36 8.52 -28.55
CA GLN B 402 34.63 9.20 -28.40
C GLN B 402 34.55 10.63 -28.93
N SER B 403 33.62 10.84 -29.86
CA SER B 403 33.34 12.13 -30.49
C SER B 403 32.74 13.17 -29.55
N VAL B 404 32.32 12.74 -28.37
CA VAL B 404 31.72 13.64 -27.40
C VAL B 404 32.69 13.99 -26.28
N PRO B 405 32.96 15.28 -26.09
CA PRO B 405 33.90 15.74 -25.07
C PRO B 405 33.30 15.79 -23.66
N ALA B 406 34.17 15.68 -22.66
CA ALA B 406 33.75 15.61 -21.26
C ALA B 406 33.32 16.96 -20.66
N GLN B 407 32.03 17.03 -20.33
CA GLN B 407 31.44 18.22 -19.75
C GLN B 407 31.96 18.48 -18.35
N PRO B 408 32.24 19.75 -18.00
CA PRO B 408 32.75 20.02 -16.65
C PRO B 408 31.69 19.83 -15.56
N GLY B 409 31.37 18.58 -15.27
CA GLY B 409 30.45 18.22 -14.20
C GLY B 409 29.84 16.87 -14.46
N GLN B 410 29.73 16.51 -15.74
CA GLN B 410 29.24 15.20 -16.15
C GLN B 410 30.37 14.30 -16.63
N THR B 411 30.08 13.00 -16.72
CA THR B 411 31.11 12.07 -17.15
C THR B 411 31.08 12.04 -18.67
N SER B 412 32.18 11.64 -19.27
CA SER B 412 32.22 11.50 -20.71
C SER B 412 31.42 10.24 -21.06
N PRO B 413 30.62 10.32 -22.13
CA PRO B 413 29.71 9.24 -22.53
C PRO B 413 30.45 7.93 -22.81
N LEU B 414 31.73 8.03 -23.13
CA LEU B 414 32.56 6.86 -23.44
C LEU B 414 32.74 5.89 -22.25
N LEU B 415 32.91 6.42 -21.04
CA LEU B 415 33.06 5.59 -19.84
C LEU B 415 31.82 4.78 -19.47
N GLN B 416 30.66 5.40 -19.58
CA GLN B 416 29.38 4.76 -19.27
C GLN B 416 29.12 3.53 -20.15
N TYR B 417 29.44 3.65 -21.42
CA TYR B 417 29.25 2.58 -22.39
C TYR B 417 30.02 1.31 -22.00
N PHE B 418 31.28 1.46 -21.61
CA PHE B 418 32.07 0.31 -21.17
C PHE B 418 31.59 -0.28 -19.86
N GLY B 419 31.25 0.59 -18.92
CA GLY B 419 30.78 0.18 -17.60
C GLY B 419 29.60 -0.78 -17.59
N ILE B 420 28.64 -0.53 -18.46
CA ILE B 420 27.44 -1.37 -18.56
C ILE B 420 27.77 -2.66 -19.28
N LEU B 421 28.62 -2.56 -20.28
CA LEU B 421 29.07 -3.69 -21.09
C LEU B 421 29.71 -4.78 -20.22
N LEU B 422 30.48 -4.37 -19.24
CA LEU B 422 31.21 -5.28 -18.36
C LEU B 422 30.29 -6.24 -17.61
N ASP B 423 29.25 -5.71 -16.97
CA ASP B 423 28.33 -6.58 -16.24
C ASP B 423 27.47 -7.40 -17.18
N LEU B 427 33.95 -9.23 -22.60
CA LEU B 427 33.97 -8.46 -23.83
C LEU B 427 35.10 -8.89 -24.76
N ASN B 428 35.01 -8.46 -26.01
CA ASN B 428 36.03 -8.75 -27.02
C ASN B 428 37.32 -7.92 -26.95
N LYS B 429 38.41 -8.51 -27.46
CA LYS B 429 39.75 -7.91 -27.50
C LYS B 429 39.85 -6.40 -27.78
N TYR B 430 39.18 -5.94 -28.84
CA TYR B 430 39.27 -4.54 -29.23
C TYR B 430 38.57 -3.60 -28.24
N GLU B 431 37.44 -4.03 -27.70
CA GLU B 431 36.67 -3.24 -26.75
C GLU B 431 37.48 -3.02 -25.49
N SER B 432 38.19 -4.07 -25.14
CA SER B 432 39.08 -4.15 -24.01
C SER B 432 40.24 -3.16 -24.03
N LEU B 433 40.84 -3.04 -25.21
CA LEU B 433 41.99 -2.17 -25.49
C LEU B 433 41.71 -0.68 -25.33
N GLU B 434 40.61 -0.23 -25.94
CA GLU B 434 40.31 1.19 -25.98
C GLU B 434 39.94 1.83 -24.63
N LEU B 435 39.49 1.03 -23.68
CA LEU B 435 39.17 1.55 -22.35
C LEU B 435 40.45 1.79 -21.55
N CYS B 436 41.45 0.96 -21.78
CA CYS B 436 42.73 1.03 -21.07
C CYS B 436 43.66 2.16 -21.55
N ARG B 437 43.44 2.66 -22.74
CA ARG B 437 44.25 3.79 -23.22
C ARG B 437 44.18 5.08 -22.37
N PRO B 438 42.97 5.58 -22.02
CA PRO B 438 42.89 6.82 -21.22
C PRO B 438 43.26 6.65 -19.74
N VAL B 439 43.36 5.41 -19.28
CA VAL B 439 43.63 5.11 -17.87
C VAL B 439 45.08 5.32 -17.38
N LEU B 440 45.94 5.88 -18.24
CA LEU B 440 47.38 5.99 -17.95
C LEU B 440 47.82 6.96 -16.84
N GLN B 441 47.10 8.05 -16.63
CA GLN B 441 47.43 9.02 -15.59
C GLN B 441 47.66 8.42 -14.19
N GLN B 442 46.77 7.50 -13.78
CA GLN B 442 46.87 6.83 -12.50
C GLN B 442 45.90 5.66 -12.50
N GLY B 443 46.03 4.84 -13.52
CA GLY B 443 45.22 3.64 -13.65
C GLY B 443 45.60 2.58 -12.66
N ARG B 444 44.86 2.53 -11.56
CA ARG B 444 45.22 1.62 -10.49
C ARG B 444 44.88 0.19 -10.85
N LYS B 445 45.82 -0.70 -10.54
CA LYS B 445 45.69 -2.13 -10.77
C LYS B 445 44.49 -2.75 -10.07
N GLN B 446 43.93 -2.04 -9.09
CA GLN B 446 42.81 -2.58 -8.31
C GLN B 446 41.63 -2.87 -9.21
N LEU B 447 41.38 -1.94 -10.13
CA LEU B 447 40.30 -2.07 -11.09
C LEU B 447 40.53 -3.26 -12.04
N LEU B 448 41.78 -3.42 -12.46
CA LEU B 448 42.17 -4.50 -13.38
C LEU B 448 42.07 -5.88 -12.73
N GLU B 449 42.45 -5.94 -11.46
CA GLU B 449 42.44 -7.17 -10.69
C GLU B 449 41.09 -7.86 -10.67
N LYS B 450 40.02 -7.09 -10.43
CA LYS B 450 38.68 -7.69 -10.42
C LYS B 450 38.37 -8.20 -11.80
N TRP B 451 38.62 -7.37 -12.81
CA TRP B 451 38.31 -7.74 -14.17
C TRP B 451 39.04 -9.04 -14.54
N LEU B 452 40.31 -9.16 -14.12
CA LEU B 452 41.13 -10.35 -14.39
C LEU B 452 40.71 -11.66 -13.71
N LYS B 453 40.31 -11.57 -12.46
CA LYS B 453 39.88 -12.74 -11.70
C LYS B 453 38.62 -13.33 -12.29
N GLU B 454 37.82 -12.44 -12.90
CA GLU B 454 36.52 -12.83 -13.41
C GLU B 454 36.44 -13.70 -14.68
N ASP B 455 37.40 -13.58 -15.59
CA ASP B 455 37.35 -14.14 -16.96
C ASP B 455 36.45 -13.23 -17.80
N LYS B 456 36.43 -11.96 -17.41
CA LYS B 456 35.58 -10.99 -18.08
C LYS B 456 36.11 -10.68 -19.47
N LEU B 457 37.43 -10.71 -19.60
CA LEU B 457 38.13 -9.89 -20.58
C LEU B 457 38.80 -10.71 -21.67
N GLU B 458 38.82 -10.22 -22.92
CA GLU B 458 39.49 -10.98 -23.97
C GLU B 458 40.87 -10.41 -24.12
N CYS B 459 41.87 -11.28 -24.02
CA CYS B 459 43.23 -10.80 -24.13
C CYS B 459 43.91 -11.13 -25.46
N SER B 460 44.51 -10.09 -26.01
CA SER B 460 45.32 -10.17 -27.21
C SER B 460 46.67 -9.57 -26.81
N GLU B 461 47.67 -9.66 -27.69
CA GLU B 461 49.01 -9.21 -27.38
C GLU B 461 49.10 -7.73 -27.03
N GLU B 462 48.40 -6.91 -27.81
CA GLU B 462 48.51 -5.46 -27.74
C GLU B 462 48.15 -4.93 -26.37
N LEU B 463 47.32 -5.70 -25.69
CA LEU B 463 46.85 -5.38 -24.37
C LEU B 463 48.02 -5.59 -23.41
N GLY B 464 48.75 -6.68 -23.65
CA GLY B 464 49.91 -7.01 -22.83
C GLY B 464 51.04 -6.00 -22.86
N ASP B 465 51.45 -5.59 -24.05
CA ASP B 465 52.54 -4.63 -24.19
C ASP B 465 52.11 -3.23 -23.77
N LEU B 466 50.82 -2.94 -23.87
CA LEU B 466 50.31 -1.63 -23.47
C LEU B 466 50.41 -1.48 -21.96
N VAL B 467 50.03 -2.53 -21.22
CA VAL B 467 50.15 -2.53 -19.76
C VAL B 467 51.59 -2.75 -19.27
N LYS B 468 52.42 -3.40 -20.11
CA LYS B 468 53.82 -3.67 -19.80
C LYS B 468 54.67 -2.46 -19.45
N SER B 469 54.50 -1.39 -20.22
CA SER B 469 55.25 -0.16 -20.04
C SER B 469 55.32 0.52 -18.69
N VAL B 470 54.20 0.67 -18.00
CA VAL B 470 54.28 1.19 -16.63
C VAL B 470 53.95 0.24 -15.47
N ASP B 471 53.55 -0.98 -15.79
CA ASP B 471 53.56 -2.05 -14.78
C ASP B 471 53.69 -3.40 -15.48
N PRO B 472 54.92 -3.92 -15.58
CA PRO B 472 55.13 -5.20 -16.27
C PRO B 472 54.66 -6.43 -15.49
N THR B 473 54.59 -6.32 -14.17
CA THR B 473 54.14 -7.44 -13.34
C THR B 473 52.68 -7.78 -13.63
N LEU B 474 51.87 -6.75 -13.87
CA LEU B 474 50.48 -6.95 -14.24
C LEU B 474 50.36 -7.50 -15.66
N ALA B 475 51.27 -7.07 -16.53
CA ALA B 475 51.30 -7.50 -17.93
C ALA B 475 51.41 -9.01 -18.10
N LEU B 476 52.13 -9.66 -17.19
CA LEU B 476 52.31 -11.11 -17.22
C LEU B 476 50.96 -11.82 -17.15
N SER B 477 50.08 -11.30 -16.30
CA SER B 477 48.74 -11.86 -16.14
C SER B 477 47.96 -11.76 -17.44
N VAL B 478 48.07 -10.62 -18.11
CA VAL B 478 47.42 -10.41 -19.39
C VAL B 478 47.98 -11.36 -20.45
N TYR B 479 49.31 -11.41 -20.56
CA TYR B 479 49.98 -12.29 -21.51
C TYR B 479 49.65 -13.77 -21.29
N LEU B 480 49.48 -14.16 -20.03
CA LEU B 480 49.16 -15.54 -19.67
C LEU B 480 47.84 -15.98 -20.31
N ARG B 481 46.81 -15.16 -20.12
CA ARG B 481 45.48 -15.44 -20.64
C ARG B 481 45.39 -15.29 -22.16
N ALA B 482 46.27 -14.45 -22.73
CA ALA B 482 46.30 -14.22 -24.18
C ALA B 482 46.86 -15.39 -24.98
N ASN B 483 47.44 -16.36 -24.26
CA ASN B 483 48.01 -17.60 -24.82
C ASN B 483 49.39 -17.45 -25.48
N VAL B 484 49.84 -16.23 -25.71
CA VAL B 484 51.18 -15.97 -26.27
C VAL B 484 52.30 -16.43 -25.34
N PRO B 485 52.94 -17.57 -25.66
CA PRO B 485 53.99 -18.08 -24.78
C PRO B 485 55.29 -17.28 -24.88
N ASN B 486 55.62 -16.85 -26.10
CA ASN B 486 56.84 -16.10 -26.37
C ASN B 486 57.06 -14.90 -25.46
N LYS B 487 55.99 -14.14 -25.22
CA LYS B 487 56.06 -12.97 -24.36
C LYS B 487 55.79 -13.27 -22.89
N VAL B 488 55.34 -14.48 -22.59
CA VAL B 488 55.18 -14.89 -21.20
C VAL B 488 56.56 -15.25 -20.66
N ILE B 489 57.28 -16.06 -21.42
CA ILE B 489 58.63 -16.48 -21.06
C ILE B 489 59.61 -15.30 -20.99
N GLN B 490 59.57 -14.43 -21.99
CA GLN B 490 60.41 -13.24 -21.99
C GLN B 490 60.06 -12.33 -20.80
N CYS B 491 58.80 -12.40 -20.35
CA CYS B 491 58.35 -11.65 -19.18
C CYS B 491 58.94 -12.24 -17.90
N PHE B 492 58.98 -13.57 -17.81
CA PHE B 492 59.57 -14.24 -16.66
C PHE B 492 61.07 -13.96 -16.57
N ALA B 493 61.72 -14.02 -17.74
CA ALA B 493 63.16 -13.78 -17.87
C ALA B 493 63.56 -12.38 -17.39
N GLU B 494 62.74 -11.38 -17.70
CA GLU B 494 63.05 -10.01 -17.27
C GLU B 494 62.80 -9.87 -15.78
N THR B 495 61.83 -10.62 -15.28
CA THR B 495 61.52 -10.63 -13.86
C THR B 495 62.68 -11.18 -13.06
N GLY B 496 63.36 -12.17 -13.64
CA GLY B 496 64.49 -12.83 -13.00
C GLY B 496 64.22 -14.28 -12.69
N GLN B 497 62.97 -14.57 -12.36
CA GLN B 497 62.56 -15.93 -12.06
C GLN B 497 62.78 -16.78 -13.28
N VAL B 498 63.62 -17.79 -13.10
CA VAL B 498 63.96 -18.76 -14.12
C VAL B 498 63.22 -20.11 -14.00
N GLN B 499 62.86 -20.52 -12.79
CA GLN B 499 62.19 -21.82 -12.60
C GLN B 499 60.86 -21.91 -13.34
N LYS B 500 60.08 -20.85 -13.27
CA LYS B 500 58.78 -20.82 -13.93
C LYS B 500 58.86 -20.89 -15.45
N ILE B 501 59.98 -20.44 -16.01
CA ILE B 501 60.18 -20.47 -17.45
C ILE B 501 60.15 -21.90 -18.00
N VAL B 502 60.90 -22.80 -17.36
CA VAL B 502 60.98 -24.19 -17.80
C VAL B 502 59.68 -24.95 -17.56
N LEU B 503 59.04 -24.67 -16.43
CA LEU B 503 57.79 -25.32 -16.08
C LEU B 503 56.65 -24.95 -17.02
N TYR B 504 56.57 -23.68 -17.38
CA TYR B 504 55.57 -23.19 -18.33
C TYR B 504 55.82 -23.85 -19.68
N ALA B 505 57.05 -23.75 -20.15
CA ALA B 505 57.48 -24.34 -21.41
C ALA B 505 57.42 -25.88 -21.45
N LYS B 506 57.03 -26.49 -20.34
CA LYS B 506 56.88 -27.93 -20.30
C LYS B 506 55.38 -28.28 -20.24
N LYS B 507 54.63 -27.39 -19.63
CA LYS B 507 53.17 -27.52 -19.45
C LYS B 507 52.42 -27.32 -20.78
N VAL B 508 52.77 -26.22 -21.43
CA VAL B 508 52.35 -25.90 -22.78
C VAL B 508 53.20 -26.72 -23.71
N GLY B 509 54.41 -27.03 -23.28
CA GLY B 509 55.31 -27.67 -24.20
C GLY B 509 55.93 -26.71 -25.21
N TYR B 510 55.83 -25.37 -25.05
CA TYR B 510 56.39 -24.49 -26.12
C TYR B 510 57.91 -24.43 -26.23
N THR B 511 58.41 -24.65 -27.45
CA THR B 511 59.85 -24.64 -27.76
C THR B 511 60.48 -23.30 -28.13
N PRO B 512 61.35 -22.78 -27.26
CA PRO B 512 62.12 -21.57 -27.53
C PRO B 512 63.57 -21.93 -27.92
N ASP B 513 64.41 -20.92 -28.19
CA ASP B 513 65.76 -21.15 -28.69
C ASP B 513 66.62 -21.58 -27.52
N TRP B 514 66.15 -21.20 -26.33
CA TRP B 514 66.82 -21.50 -25.07
C TRP B 514 68.23 -20.99 -24.87
N ILE B 515 69.09 -21.21 -25.85
CA ILE B 515 70.44 -20.70 -25.74
C ILE B 515 70.27 -19.19 -25.69
N PHE B 516 69.44 -18.67 -26.60
CA PHE B 516 69.09 -17.25 -26.68
C PHE B 516 68.45 -16.78 -25.38
N LEU B 517 67.66 -17.67 -24.80
CA LEU B 517 67.09 -17.40 -23.49
C LEU B 517 68.13 -17.47 -22.39
N LEU B 518 69.05 -18.41 -22.48
CA LEU B 518 70.12 -18.49 -21.49
C LEU B 518 70.94 -17.20 -21.48
N ARG B 519 71.48 -16.78 -22.64
CA ARG B 519 72.26 -15.55 -22.67
C ARG B 519 71.40 -14.40 -22.14
N ASN B 520 70.12 -14.41 -22.49
CA ASN B 520 69.20 -13.35 -22.06
C ASN B 520 69.17 -13.26 -20.54
N VAL B 521 69.07 -14.41 -19.91
CA VAL B 521 69.09 -14.49 -18.45
C VAL B 521 70.48 -14.07 -17.96
N MET B 522 71.51 -14.60 -18.63
CA MET B 522 72.91 -14.37 -18.24
C MET B 522 73.35 -12.89 -18.22
N ARG B 523 72.86 -12.08 -19.16
CA ARG B 523 73.23 -10.67 -19.19
C ARG B 523 72.78 -10.05 -17.88
N ILE B 524 71.49 -10.17 -17.63
CA ILE B 524 70.84 -9.62 -16.46
C ILE B 524 71.42 -10.15 -15.13
N SER B 525 71.58 -11.47 -15.02
CA SER B 525 71.98 -12.06 -13.74
C SER B 525 72.75 -13.39 -13.82
N PRO B 526 74.05 -13.36 -13.49
CA PRO B 526 74.88 -14.58 -13.53
C PRO B 526 74.44 -15.66 -12.54
N ASP B 527 73.97 -15.22 -11.37
CA ASP B 527 73.59 -16.13 -10.31
C ASP B 527 72.50 -17.09 -10.76
N GLN B 528 71.49 -16.53 -11.40
CA GLN B 528 70.38 -17.29 -11.95
C GLN B 528 70.77 -18.03 -13.23
N GLY B 529 71.70 -17.45 -13.99
CA GLY B 529 72.21 -18.06 -15.21
C GLY B 529 72.64 -19.48 -14.94
N GLN B 530 73.41 -19.64 -13.86
CA GLN B 530 73.87 -20.96 -13.44
C GLN B 530 72.66 -21.80 -13.00
N GLN B 531 71.74 -21.16 -12.30
CA GLN B 531 70.51 -21.80 -11.82
C GLN B 531 69.64 -22.25 -12.98
N PHE B 532 69.47 -21.35 -13.93
CA PHE B 532 68.68 -21.65 -15.12
C PHE B 532 69.31 -22.79 -15.88
N ALA B 533 70.62 -22.71 -16.08
CA ALA B 533 71.40 -23.72 -16.79
C ALA B 533 71.23 -25.11 -16.21
N GLN B 534 71.04 -25.16 -14.89
CA GLN B 534 70.84 -26.45 -14.22
C GLN B 534 69.58 -27.18 -14.71
N MET B 535 68.52 -26.42 -15.00
CA MET B 535 67.25 -26.98 -15.50
C MET B 535 67.38 -27.59 -16.90
N LEU B 536 68.24 -26.99 -17.73
CA LEU B 536 68.41 -27.45 -19.11
C LEU B 536 69.00 -28.84 -19.11
N VAL B 537 69.79 -29.17 -18.09
CA VAL B 537 70.24 -30.55 -18.05
C VAL B 537 69.51 -31.27 -16.94
N GLN B 538 68.55 -32.09 -17.38
CA GLN B 538 67.78 -32.95 -16.49
C GLN B 538 67.58 -34.25 -17.31
N ASP B 539 66.68 -35.14 -16.89
CA ASP B 539 66.69 -36.50 -17.44
C ASP B 539 66.29 -36.74 -18.92
N GLU B 540 66.97 -37.73 -19.49
CA GLU B 540 66.65 -38.38 -20.78
C GLU B 540 66.60 -37.66 -22.13
N GLU B 541 66.19 -36.39 -22.13
CA GLU B 541 66.15 -35.58 -23.34
C GLU B 541 66.80 -34.26 -22.99
N PRO B 542 68.14 -34.29 -22.81
CA PRO B 542 68.91 -33.09 -22.44
C PRO B 542 68.33 -31.85 -23.08
N LEU B 543 67.81 -30.96 -22.23
CA LEU B 543 67.14 -29.78 -22.73
C LEU B 543 68.26 -28.89 -23.26
N ALA B 544 68.43 -28.91 -24.58
CA ALA B 544 69.46 -28.16 -25.28
C ALA B 544 70.85 -28.75 -25.05
N ASP B 545 71.79 -28.36 -25.90
CA ASP B 545 73.15 -28.89 -25.89
C ASP B 545 74.06 -28.34 -24.78
N ILE B 546 74.70 -29.24 -24.03
CA ILE B 546 75.59 -28.88 -22.92
C ILE B 546 76.82 -28.13 -23.39
N THR B 547 77.35 -28.55 -24.53
CA THR B 547 78.51 -27.88 -25.10
C THR B 547 78.16 -26.43 -25.43
N GLN B 548 76.98 -26.21 -25.99
CA GLN B 548 76.54 -24.86 -26.30
C GLN B 548 76.31 -23.98 -25.08
N ILE B 549 75.85 -24.55 -23.98
CA ILE B 549 75.64 -23.71 -22.81
C ILE B 549 76.97 -23.33 -22.13
N VAL B 550 77.94 -24.24 -22.10
CA VAL B 550 79.20 -23.90 -21.46
C VAL B 550 79.98 -22.82 -22.21
N ASP B 551 79.94 -22.79 -23.53
CA ASP B 551 80.65 -21.72 -24.23
C ASP B 551 79.91 -20.40 -24.08
N VAL B 552 78.65 -20.44 -23.65
CA VAL B 552 77.93 -19.22 -23.31
C VAL B 552 78.49 -18.69 -21.99
N PHE B 553 78.75 -19.61 -21.06
CA PHE B 553 79.38 -19.26 -19.79
C PHE B 553 80.73 -18.62 -20.07
N MET B 554 81.46 -19.27 -20.97
CA MET B 554 82.81 -18.84 -21.34
C MET B 554 82.81 -17.45 -21.99
N GLU B 555 81.73 -17.13 -22.70
CA GLU B 555 81.59 -15.83 -23.34
C GLU B 555 81.65 -14.70 -22.30
N TYR B 556 80.99 -14.93 -21.17
CA TYR B 556 80.99 -13.97 -20.07
C TYR B 556 82.17 -14.13 -19.12
N ASN B 557 83.04 -15.10 -19.39
CA ASN B 557 84.17 -15.36 -18.52
C ASN B 557 83.67 -15.68 -17.11
N LEU B 558 82.62 -16.50 -17.05
CA LEU B 558 82.12 -16.97 -15.76
C LEU B 558 82.58 -18.42 -15.61
N ILE B 559 83.90 -18.60 -15.67
CA ILE B 559 84.56 -19.91 -15.67
C ILE B 559 84.30 -20.66 -14.40
N GLN B 560 84.44 -19.95 -13.28
CA GLN B 560 84.37 -20.57 -11.97
C GLN B 560 83.02 -21.25 -11.68
N GLN B 561 81.93 -20.64 -12.14
CA GLN B 561 80.61 -21.25 -12.02
C GLN B 561 80.36 -22.37 -13.03
N CYS B 562 80.97 -22.25 -14.21
CA CYS B 562 80.80 -23.23 -15.30
C CYS B 562 81.27 -24.56 -14.78
N THR B 563 82.40 -24.53 -14.10
CA THR B 563 82.95 -25.70 -13.44
C THR B 563 81.96 -26.24 -12.39
N ALA B 564 81.45 -25.36 -11.53
CA ALA B 564 80.50 -25.73 -10.48
C ALA B 564 79.26 -26.36 -11.07
N PHE B 565 78.77 -25.74 -12.14
CA PHE B 565 77.62 -26.24 -12.90
C PHE B 565 77.85 -27.62 -13.51
N LEU B 566 79.04 -27.83 -14.06
CA LEU B 566 79.37 -29.10 -14.69
C LEU B 566 79.51 -30.21 -13.65
N LEU B 567 80.07 -29.87 -12.50
CA LEU B 567 80.19 -30.84 -11.41
C LEU B 567 78.82 -31.23 -10.86
N ASP B 568 77.90 -30.28 -10.84
CA ASP B 568 76.54 -30.53 -10.40
C ASP B 568 75.82 -31.46 -11.38
N ALA B 569 76.06 -31.24 -12.67
CA ALA B 569 75.46 -32.04 -13.73
C ALA B 569 75.94 -33.50 -13.68
N LEU B 570 77.16 -33.71 -13.18
CA LEU B 570 77.71 -35.04 -13.05
C LEU B 570 77.07 -35.80 -11.89
N LYS B 571 76.78 -35.09 -10.80
CA LYS B 571 76.12 -35.71 -9.65
C LYS B 571 74.71 -36.17 -10.02
N ASN B 572 74.11 -35.48 -10.99
CA ASN B 572 72.79 -35.84 -11.47
C ASN B 572 72.90 -36.89 -12.58
N GLN C 3 49.55 -8.70 39.73
CA GLN C 3 49.46 -8.38 38.32
C GLN C 3 48.35 -9.18 37.66
N ILE C 4 47.97 -8.77 36.45
CA ILE C 4 46.88 -9.42 35.74
C ILE C 4 47.24 -10.81 35.19
N LEU C 5 46.23 -11.66 35.07
CA LEU C 5 46.35 -12.98 34.48
C LEU C 5 45.18 -13.22 33.53
N PRO C 6 45.38 -14.05 32.50
CA PRO C 6 44.30 -14.21 31.52
C PRO C 6 43.21 -15.18 31.99
N ILE C 7 43.39 -15.79 33.16
CA ILE C 7 42.40 -16.74 33.67
C ILE C 7 41.64 -16.20 34.88
N ARG C 8 40.54 -16.86 35.20
CA ARG C 8 39.73 -16.49 36.38
C ARG C 8 39.47 -17.73 37.22
N PHE C 9 40.30 -17.92 38.24
CA PHE C 9 40.19 -19.06 39.14
C PHE C 9 39.10 -18.69 40.14
N GLN C 10 38.17 -19.59 40.43
CA GLN C 10 37.06 -19.27 41.32
C GLN C 10 36.59 -20.46 42.15
N GLU C 11 36.28 -20.20 43.42
CA GLU C 11 35.74 -21.26 44.28
C GLU C 11 34.25 -21.05 44.47
N HIS C 12 33.45 -21.94 43.88
CA HIS C 12 32.01 -21.81 43.93
C HIS C 12 31.43 -22.28 45.26
N LEU C 13 31.96 -23.38 45.80
CA LEU C 13 31.53 -23.87 47.11
C LEU C 13 32.44 -24.96 47.67
N GLN C 14 32.32 -25.19 48.98
CA GLN C 14 33.05 -26.24 49.67
C GLN C 14 32.06 -27.33 50.04
N LEU C 15 32.24 -28.53 49.48
CA LEU C 15 31.30 -29.63 49.69
C LEU C 15 31.26 -30.10 51.14
N GLN C 16 32.37 -29.93 51.85
CA GLN C 16 32.45 -30.30 53.26
C GLN C 16 31.46 -29.49 54.09
N ASN C 17 31.12 -28.30 53.60
CA ASN C 17 30.15 -27.44 54.28
C ASN C 17 28.72 -27.85 54.00
N LEU C 18 28.54 -28.98 53.35
CA LEU C 18 27.22 -29.49 53.02
C LEU C 18 27.01 -30.91 53.53
N GLY C 19 27.78 -31.29 54.55
CA GLY C 19 27.68 -32.59 55.17
C GLY C 19 28.24 -33.73 54.36
N ILE C 20 28.89 -33.41 53.25
CA ILE C 20 29.50 -34.42 52.40
C ILE C 20 30.74 -35.01 53.05
N ASN C 21 30.78 -36.33 53.16
CA ASN C 21 31.91 -37.04 53.76
C ASN C 21 33.17 -36.91 52.89
N PRO C 22 34.29 -36.46 53.47
CA PRO C 22 35.55 -36.31 52.73
C PRO C 22 35.93 -37.56 51.93
N ALA C 23 35.62 -38.73 52.48
CA ALA C 23 35.90 -40.00 51.81
C ALA C 23 35.12 -40.17 50.51
N ASN C 24 33.94 -39.57 50.43
CA ASN C 24 33.10 -39.68 49.24
C ASN C 24 33.46 -38.69 48.14
N ILE C 25 34.48 -37.89 48.38
CA ILE C 25 34.91 -36.93 47.37
C ILE C 25 35.95 -37.59 46.46
N GLY C 26 35.46 -38.34 45.47
CA GLY C 26 36.32 -39.07 44.55
C GLY C 26 35.65 -39.55 43.28
N PHE C 27 36.47 -39.86 42.28
CA PHE C 27 36.05 -40.28 40.94
C PHE C 27 35.00 -41.39 41.02
N SER C 28 35.20 -42.31 41.96
CA SER C 28 34.33 -43.47 42.18
C SER C 28 33.03 -43.19 42.94
N THR C 29 33.01 -42.15 43.77
CA THR C 29 31.83 -41.87 44.59
C THR C 29 31.11 -40.57 44.21
N LEU C 30 31.84 -39.65 43.57
CA LEU C 30 31.28 -38.36 43.15
C LEU C 30 31.28 -38.23 41.64
N THR C 31 30.16 -37.82 41.05
CA THR C 31 30.09 -37.63 39.59
C THR C 31 29.62 -36.23 39.20
N MET C 32 30.19 -35.71 38.12
CA MET C 32 29.78 -34.41 37.58
C MET C 32 29.80 -34.46 36.05
N GLU C 33 28.62 -34.39 35.45
CA GLU C 33 28.48 -34.57 34.01
C GLU C 33 28.22 -33.23 33.31
N SER C 34 27.92 -32.20 34.10
CA SER C 34 27.67 -30.87 33.56
C SER C 34 27.72 -29.85 34.69
N ASP C 35 27.73 -28.57 34.36
CA ASP C 35 27.75 -27.53 35.39
C ASP C 35 26.42 -27.42 36.15
N LYS C 36 25.43 -28.23 35.76
CA LYS C 36 24.10 -28.19 36.38
C LYS C 36 23.97 -28.95 37.70
N PHE C 37 24.53 -30.16 37.79
CA PHE C 37 24.41 -30.99 39.00
C PHE C 37 25.70 -31.65 39.48
N ILE C 38 25.74 -31.93 40.78
CA ILE C 38 26.78 -32.76 41.38
C ILE C 38 26.12 -33.84 42.23
N CYS C 39 26.34 -35.11 41.88
CA CYS C 39 25.70 -36.21 42.62
C CYS C 39 26.70 -37.14 43.32
N ILE C 40 26.55 -37.30 44.63
CA ILE C 40 27.46 -38.10 45.45
C ILE C 40 26.74 -39.33 46.01
N ARG C 41 27.44 -40.46 46.02
CA ARG C 41 26.87 -41.70 46.56
C ARG C 41 27.41 -42.03 47.94
N ALA C 48 22.02 -47.30 51.94
CA ALA C 48 22.47 -46.85 50.63
C ALA C 48 21.63 -45.66 50.15
N GLN C 49 22.29 -44.54 49.90
CA GLN C 49 21.59 -43.34 49.46
C GLN C 49 22.34 -42.54 48.40
N VAL C 50 21.62 -41.62 47.75
CA VAL C 50 22.17 -40.77 46.69
C VAL C 50 21.85 -39.29 46.93
N VAL C 51 22.88 -38.46 46.92
CA VAL C 51 22.71 -37.01 47.15
C VAL C 51 22.80 -36.17 45.88
N ILE C 52 21.77 -35.36 45.65
CA ILE C 52 21.74 -34.49 44.47
C ILE C 52 21.85 -33.00 44.79
N ILE C 53 22.90 -32.37 44.27
CA ILE C 53 23.10 -30.94 44.45
C ILE C 53 22.85 -30.14 43.17
N ASP C 54 21.76 -29.38 43.16
CA ASP C 54 21.43 -28.50 42.06
C ASP C 54 22.36 -27.29 42.13
N MET C 55 22.99 -26.94 41.02
CA MET C 55 23.92 -25.80 41.06
C MET C 55 23.25 -24.43 40.91
N ASN C 56 21.99 -24.39 40.53
CA ASN C 56 21.29 -23.10 40.46
C ASN C 56 20.95 -22.62 41.88
N ASP C 57 20.59 -23.56 42.75
CA ASP C 57 20.49 -23.27 44.19
C ASP C 57 21.17 -24.36 45.02
N PRO C 58 22.12 -23.97 45.87
CA PRO C 58 22.73 -25.06 46.63
C PRO C 58 22.00 -25.36 47.96
N SER C 59 21.25 -24.39 48.48
CA SER C 59 20.63 -24.47 49.82
C SER C 59 19.73 -25.69 50.12
N ASN C 60 18.85 -26.05 49.19
CA ASN C 60 17.98 -27.19 49.42
C ASN C 60 18.31 -28.29 48.42
N PRO C 61 19.20 -29.22 48.83
CA PRO C 61 19.56 -30.34 47.95
C PRO C 61 18.67 -31.55 48.20
N ILE C 62 18.49 -32.43 47.22
CA ILE C 62 17.61 -33.57 47.44
C ILE C 62 18.38 -34.80 47.87
N ARG C 63 17.99 -35.28 49.04
CA ARG C 63 18.52 -36.48 49.64
C ARG C 63 17.54 -37.62 49.36
N ARG C 64 18.01 -38.69 48.72
CA ARG C 64 17.15 -39.83 48.41
C ARG C 64 17.80 -41.20 48.67
N PRO C 65 17.04 -42.15 49.27
CA PRO C 65 17.60 -43.48 49.53
C PRO C 65 17.53 -44.40 48.30
N ILE C 66 18.59 -44.43 47.50
CA ILE C 66 18.64 -45.24 46.30
C ILE C 66 19.88 -46.12 46.31
N SER C 67 19.75 -47.40 45.99
CA SER C 67 20.89 -48.32 45.98
C SER C 67 21.51 -48.61 44.61
N ALA C 68 22.69 -48.04 44.35
CA ALA C 68 23.37 -48.20 43.06
C ALA C 68 24.90 -48.16 43.16
N ASP C 69 25.60 -48.90 42.30
CA ASP C 69 27.06 -48.85 42.30
C ASP C 69 27.56 -47.68 41.45
N SER C 70 26.62 -46.98 40.83
CA SER C 70 26.96 -45.82 40.01
C SER C 70 25.72 -45.00 39.69
N ALA C 71 25.86 -43.67 39.76
CA ALA C 71 24.74 -42.78 39.49
C ALA C 71 25.18 -41.51 38.76
N ILE C 72 24.69 -41.33 37.54
CA ILE C 72 25.05 -40.16 36.73
C ILE C 72 23.82 -39.41 36.20
N MET C 73 23.76 -38.13 36.55
CA MET C 73 22.66 -37.23 36.16
C MET C 73 22.70 -36.79 34.70
N ASN C 74 21.55 -36.37 34.19
CA ASN C 74 21.46 -35.84 32.83
C ASN C 74 22.20 -34.51 32.80
N PRO C 75 22.83 -34.18 31.66
CA PRO C 75 23.52 -32.88 31.61
C PRO C 75 22.58 -31.68 31.81
N ALA C 76 21.27 -31.91 31.76
CA ALA C 76 20.34 -30.80 31.99
C ALA C 76 19.09 -31.23 32.77
N SER C 77 18.42 -32.26 32.27
CA SER C 77 17.18 -32.76 32.86
C SER C 77 17.34 -33.34 34.26
N LYS C 78 16.24 -33.37 35.01
CA LYS C 78 16.23 -33.98 36.33
C LYS C 78 16.02 -35.48 36.16
N VAL C 79 16.86 -36.06 35.33
CA VAL C 79 16.82 -37.48 35.01
C VAL C 79 18.14 -38.12 35.42
N ILE C 80 18.07 -39.23 36.14
CA ILE C 80 19.28 -39.90 36.58
C ILE C 80 19.42 -41.28 35.95
N ALA C 81 20.66 -41.73 35.80
CA ALA C 81 20.93 -43.08 35.30
C ALA C 81 21.72 -43.85 36.36
N LEU C 82 21.20 -45.00 36.78
CA LEU C 82 21.85 -45.75 37.85
C LEU C 82 22.21 -47.18 37.46
N LYS C 83 23.38 -47.60 37.93
CA LYS C 83 23.92 -48.93 37.66
C LYS C 83 23.90 -49.85 38.88
N ALA C 84 23.41 -51.07 38.68
CA ALA C 84 23.46 -52.05 39.76
C ALA C 84 23.79 -53.45 39.23
N GLY C 85 25.07 -53.82 39.22
CA GLY C 85 25.44 -55.16 38.81
C GLY C 85 24.99 -55.50 37.39
N LYS C 86 25.40 -54.70 36.40
CA LYS C 86 25.05 -54.92 34.98
C LYS C 86 23.57 -54.65 34.72
N THR C 87 22.84 -54.22 35.73
CA THR C 87 21.43 -53.88 35.52
C THR C 87 21.39 -52.36 35.52
N LEU C 88 21.06 -51.81 34.36
CA LEU C 88 21.04 -50.38 34.13
C LEU C 88 19.62 -49.85 34.16
N GLN C 89 19.46 -48.60 34.58
CA GLN C 89 18.13 -48.02 34.70
C GLN C 89 18.12 -46.50 34.60
N ILE C 90 17.43 -45.99 33.59
CA ILE C 90 17.22 -44.55 33.46
C ILE C 90 15.95 -44.19 34.22
N PHE C 91 16.13 -43.36 35.25
CA PHE C 91 15.06 -43.06 36.20
C PHE C 91 14.70 -41.57 36.27
N ASN C 92 13.41 -41.27 36.32
CA ASN C 92 12.95 -39.88 36.44
C ASN C 92 12.86 -39.45 37.90
N ILE C 93 13.74 -38.53 38.28
CA ILE C 93 13.82 -38.08 39.66
C ILE C 93 12.55 -37.38 40.13
N GLU C 94 12.09 -36.41 39.34
CA GLU C 94 10.91 -35.62 39.69
C GLU C 94 9.64 -36.45 39.78
N MET C 95 9.48 -37.39 38.86
CA MET C 95 8.28 -38.23 38.79
C MET C 95 8.40 -39.55 39.55
N LYS C 96 9.53 -39.74 40.22
CA LYS C 96 9.86 -40.98 40.94
C LYS C 96 9.43 -42.24 40.19
N SER C 97 9.60 -42.22 38.87
CA SER C 97 9.22 -43.34 38.02
C SER C 97 10.35 -43.75 37.08
N LYS C 98 10.44 -45.04 36.78
CA LYS C 98 11.48 -45.56 35.89
C LYS C 98 11.15 -45.31 34.41
N MET C 99 12.10 -44.71 33.70
CA MET C 99 11.93 -44.43 32.27
C MET C 99 12.33 -45.61 31.39
N LYS C 100 13.60 -46.01 31.49
CA LYS C 100 14.12 -47.12 30.71
C LYS C 100 14.89 -48.09 31.59
N ALA C 101 15.21 -49.26 31.04
CA ALA C 101 15.99 -50.25 31.79
C ALA C 101 16.68 -51.25 30.87
N HIS C 102 17.84 -51.73 31.29
CA HIS C 102 18.57 -52.73 30.52
C HIS C 102 19.55 -53.53 31.36
N THR C 103 19.58 -54.84 31.11
CA THR C 103 20.54 -55.73 31.75
C THR C 103 21.57 -56.15 30.71
N MET C 104 22.84 -55.82 30.97
CA MET C 104 23.94 -56.07 30.04
C MET C 104 24.58 -57.44 30.20
N THR C 105 25.00 -58.03 29.09
CA THR C 105 25.69 -59.33 29.12
C THR C 105 27.04 -59.24 29.82
N ASP C 106 27.97 -58.48 29.26
CA ASP C 106 29.25 -58.24 29.91
C ASP C 106 29.24 -56.87 30.61
N ASP C 107 29.85 -56.82 31.78
CA ASP C 107 29.83 -55.65 32.67
C ASP C 107 30.26 -54.32 32.05
N VAL C 108 29.54 -53.27 32.44
CA VAL C 108 29.86 -51.90 32.01
C VAL C 108 30.93 -51.29 32.92
N THR C 109 32.12 -51.14 32.36
CA THR C 109 33.29 -50.66 33.10
C THR C 109 33.39 -49.13 33.21
N PHE C 110 32.74 -48.41 32.29
CA PHE C 110 32.73 -46.94 32.27
C PHE C 110 31.48 -46.42 31.57
N TRP C 111 30.89 -45.33 32.06
CA TRP C 111 29.74 -44.72 31.38
C TRP C 111 29.60 -43.21 31.63
N LYS C 112 29.09 -42.52 30.61
CA LYS C 112 29.04 -41.05 30.59
C LYS C 112 27.86 -40.58 29.73
N TRP C 113 27.33 -39.39 30.01
CA TRP C 113 26.28 -38.84 29.16
C TRP C 113 26.91 -38.12 27.97
N ILE C 114 26.67 -38.65 26.78
CA ILE C 114 27.21 -38.08 25.55
C ILE C 114 26.54 -36.75 25.24
N SER C 115 25.23 -36.72 25.43
CA SER C 115 24.46 -35.50 25.21
C SER C 115 23.19 -35.56 26.03
N LEU C 116 22.27 -34.65 25.76
CA LEU C 116 20.96 -34.70 26.35
C LEU C 116 20.20 -35.80 25.61
N ASN C 117 19.76 -36.81 26.38
CA ASN C 117 19.03 -38.00 25.89
C ASN C 117 19.91 -39.06 25.21
N THR C 118 21.16 -39.18 25.66
CA THR C 118 22.05 -40.23 25.17
C THR C 118 23.18 -40.52 26.15
N VAL C 119 23.26 -41.76 26.62
CA VAL C 119 24.32 -42.17 27.53
C VAL C 119 25.20 -43.29 26.94
N ALA C 120 26.51 -43.06 26.92
CA ALA C 120 27.45 -44.04 26.38
C ALA C 120 27.93 -45.07 27.40
N LEU C 121 28.00 -46.33 26.96
CA LEU C 121 28.39 -47.44 27.83
C LEU C 121 29.66 -48.13 27.31
N VAL C 122 30.61 -48.36 28.20
CA VAL C 122 31.85 -49.03 27.81
C VAL C 122 32.05 -50.34 28.55
N THR C 123 32.07 -51.43 27.79
CA THR C 123 32.38 -52.75 28.32
C THR C 123 33.83 -53.04 27.99
N ASP C 124 34.33 -54.19 28.40
CA ASP C 124 35.72 -54.53 28.11
C ASP C 124 35.94 -54.80 26.63
N ASN C 125 34.86 -55.00 25.88
CA ASN C 125 34.99 -55.37 24.48
C ASN C 125 34.44 -54.36 23.47
N ALA C 126 33.47 -53.55 23.87
CA ALA C 126 32.89 -52.60 22.92
C ALA C 126 32.29 -51.36 23.58
N VAL C 127 31.87 -50.41 22.75
CA VAL C 127 31.26 -49.16 23.20
C VAL C 127 29.83 -49.02 22.67
N TYR C 128 28.90 -48.69 23.56
CA TYR C 128 27.50 -48.59 23.19
C TYR C 128 26.89 -47.20 23.40
N HIS C 129 25.86 -46.90 22.62
CA HIS C 129 25.09 -45.66 22.79
C HIS C 129 23.64 -45.98 23.15
N TRP C 130 23.22 -45.59 24.34
CA TRP C 130 21.88 -45.89 24.83
C TRP C 130 21.05 -44.61 24.93
N SER C 131 20.01 -44.51 24.11
CA SER C 131 19.17 -43.31 24.08
C SER C 131 18.18 -43.30 25.22
N MET C 132 18.02 -42.14 25.84
CA MET C 132 17.07 -41.93 26.93
C MET C 132 15.63 -41.91 26.43
N GLU C 133 15.45 -41.47 25.19
CA GLU C 133 14.13 -41.37 24.59
C GLU C 133 13.62 -42.68 23.97
N GLY C 134 12.31 -42.89 24.06
CA GLY C 134 11.65 -44.03 23.46
C GLY C 134 11.94 -45.39 24.08
N GLU C 135 11.87 -46.43 23.25
CA GLU C 135 12.14 -47.81 23.67
C GLU C 135 13.24 -48.46 22.82
N SER C 136 14.42 -47.85 22.85
CA SER C 136 15.56 -48.34 22.09
C SER C 136 16.64 -48.94 23.00
N GLN C 137 17.06 -50.16 22.69
CA GLN C 137 18.11 -50.86 23.44
C GLN C 137 19.46 -50.21 23.15
N PRO C 138 20.46 -50.41 24.02
CA PRO C 138 21.80 -49.85 23.75
C PRO C 138 22.38 -50.34 22.43
N VAL C 139 22.83 -49.39 21.61
CA VAL C 139 23.34 -49.71 20.27
C VAL C 139 24.86 -49.73 20.22
N LYS C 140 25.42 -50.84 19.73
CA LYS C 140 26.87 -50.98 19.59
C LYS C 140 27.43 -50.02 18.55
N MET C 141 28.44 -49.26 18.96
CA MET C 141 29.04 -48.26 18.09
C MET C 141 30.32 -48.77 17.43
N PHE C 142 31.18 -49.39 18.22
CA PHE C 142 32.43 -49.94 17.69
C PHE C 142 33.04 -50.93 18.69
N ASP C 143 33.92 -51.79 18.19
CA ASP C 143 34.60 -52.75 19.05
C ASP C 143 35.87 -52.15 19.61
N ARG C 144 36.14 -52.43 20.88
CA ARG C 144 37.35 -51.92 21.54
C ARG C 144 38.62 -52.47 20.89
N HIS C 145 39.54 -51.57 20.59
CA HIS C 145 40.82 -51.94 19.97
C HIS C 145 41.71 -52.69 20.94
N SER C 146 42.54 -53.58 20.41
CA SER C 146 43.46 -54.36 21.24
C SER C 146 44.46 -53.50 22.01
N SER C 147 44.78 -52.33 21.47
CA SER C 147 45.72 -51.41 22.11
C SER C 147 45.20 -50.90 23.46
N LEU C 148 43.87 -50.86 23.61
CA LEU C 148 43.26 -50.41 24.85
C LEU C 148 42.97 -51.54 25.82
N ALA C 149 43.34 -52.76 25.44
CA ALA C 149 43.15 -53.91 26.32
C ALA C 149 44.02 -53.82 27.56
N GLY C 150 43.38 -53.98 28.72
CA GLY C 150 44.06 -53.90 29.99
C GLY C 150 44.19 -52.47 30.48
N CYS C 151 43.81 -51.52 29.63
CA CYS C 151 43.85 -50.12 30.01
C CYS C 151 42.58 -49.80 30.80
N GLN C 152 42.70 -48.91 31.77
CA GLN C 152 41.54 -48.43 32.51
C GLN C 152 40.98 -47.19 31.83
N ILE C 153 39.73 -47.29 31.40
CA ILE C 153 39.07 -46.20 30.66
C ILE C 153 38.83 -44.98 31.53
N ILE C 154 39.37 -43.85 31.06
CA ILE C 154 39.33 -42.62 31.83
C ILE C 154 38.33 -41.63 31.24
N ASN C 155 38.06 -41.73 29.94
CA ASN C 155 37.08 -40.85 29.29
C ASN C 155 36.57 -41.36 27.92
N TYR C 156 35.44 -40.80 27.49
CA TYR C 156 34.85 -41.06 26.18
C TYR C 156 34.23 -39.79 25.59
N ARG C 157 34.67 -39.40 24.39
CA ARG C 157 34.24 -38.15 23.76
C ARG C 157 33.79 -38.33 22.31
N THR C 158 32.97 -37.40 21.82
CA THR C 158 32.48 -37.40 20.44
C THR C 158 32.47 -35.96 19.90
N ASP C 159 32.55 -35.77 18.58
CA ASP C 159 32.42 -34.40 18.08
C ASP C 159 30.95 -34.01 18.12
N ALA C 160 30.68 -32.76 17.72
CA ALA C 160 29.33 -32.23 17.68
C ALA C 160 28.39 -33.09 16.84
N LYS C 161 28.76 -33.32 15.58
CA LYS C 161 27.95 -34.12 14.67
C LYS C 161 27.91 -35.62 15.01
N GLN C 162 28.72 -36.01 15.99
CA GLN C 162 28.82 -37.41 16.43
C GLN C 162 29.24 -38.35 15.31
N LYS C 163 30.11 -37.88 14.43
CA LYS C 163 30.63 -38.71 13.36
C LYS C 163 31.99 -39.26 13.77
N TRP C 164 32.56 -38.67 14.81
CA TRP C 164 33.83 -39.13 15.36
C TRP C 164 33.74 -39.45 16.84
N LEU C 165 34.12 -40.66 17.22
CA LEU C 165 34.04 -41.13 18.60
C LEU C 165 35.43 -41.41 19.14
N LEU C 166 35.66 -41.15 20.42
CA LEU C 166 36.99 -41.34 21.00
C LEU C 166 37.00 -41.92 22.41
N LEU C 167 37.63 -43.08 22.55
CA LEU C 167 37.78 -43.75 23.83
C LEU C 167 39.22 -43.62 24.35
N THR C 168 39.38 -43.15 25.59
CA THR C 168 40.71 -42.98 26.17
C THR C 168 40.94 -43.88 27.38
N GLY C 169 42.08 -44.57 27.39
CA GLY C 169 42.45 -45.43 28.49
C GLY C 169 43.91 -45.27 28.89
N ILE C 170 44.22 -45.45 30.17
CA ILE C 170 45.61 -45.33 30.62
C ILE C 170 46.08 -46.59 31.37
N SER C 171 47.38 -46.87 31.29
CA SER C 171 47.97 -48.05 31.90
C SER C 171 49.42 -47.81 32.29
N ALA C 172 49.91 -48.55 33.29
CA ALA C 172 51.29 -48.40 33.74
C ALA C 172 52.26 -49.30 32.95
N GLN C 173 53.08 -48.68 32.11
CA GLN C 173 54.03 -49.41 31.29
C GLN C 173 55.45 -48.86 31.41
N GLN C 174 56.33 -49.63 32.05
CA GLN C 174 57.75 -49.27 32.18
C GLN C 174 57.96 -47.95 32.93
N ASN C 175 57.45 -47.88 34.16
CA ASN C 175 57.55 -46.71 35.03
C ASN C 175 56.92 -45.45 34.42
N ARG C 176 55.91 -45.65 33.59
CA ARG C 176 55.17 -44.58 32.93
C ARG C 176 53.69 -44.84 32.82
N VAL C 177 52.89 -43.81 33.07
CA VAL C 177 51.47 -43.92 32.81
C VAL C 177 51.31 -43.67 31.31
N VAL C 178 50.84 -44.68 30.59
CA VAL C 178 50.74 -44.59 29.13
C VAL C 178 49.31 -44.43 28.65
N GLY C 179 49.06 -43.37 27.87
CA GLY C 179 47.73 -43.10 27.36
C GLY C 179 47.45 -43.76 26.03
N ALA C 180 46.35 -44.50 25.97
CA ALA C 180 45.94 -45.17 24.74
C ALA C 180 44.57 -44.69 24.30
N MET C 181 44.47 -44.25 23.05
CA MET C 181 43.20 -43.77 22.52
C MET C 181 42.79 -44.51 21.26
N GLN C 182 41.47 -44.58 21.04
CA GLN C 182 40.92 -45.19 19.84
C GLN C 182 39.99 -44.19 19.17
N LEU C 183 40.40 -43.69 18.01
CA LEU C 183 39.57 -42.74 17.28
C LEU C 183 38.78 -43.50 16.22
N TYR C 184 37.47 -43.57 16.42
CA TYR C 184 36.58 -44.31 15.54
C TYR C 184 35.76 -43.40 14.64
N SER C 185 35.77 -43.73 13.36
CA SER C 185 34.99 -42.99 12.37
C SER C 185 33.67 -43.67 12.05
N VAL C 186 32.57 -42.95 12.24
CA VAL C 186 31.25 -43.49 11.96
C VAL C 186 31.07 -43.69 10.45
N ASP C 187 31.39 -42.67 9.67
CA ASP C 187 31.26 -42.73 8.22
C ASP C 187 32.17 -43.77 7.55
N ARG C 188 33.46 -43.70 7.86
CA ARG C 188 34.44 -44.62 7.28
C ARG C 188 34.45 -46.00 7.97
N LYS C 189 33.78 -46.08 9.12
CA LYS C 189 33.68 -47.31 9.91
C LYS C 189 35.01 -47.96 10.28
N VAL C 190 36.02 -47.14 10.58
CA VAL C 190 37.34 -47.65 10.95
C VAL C 190 37.93 -46.95 12.18
N SER C 191 38.81 -47.66 12.89
CA SER C 191 39.45 -47.13 14.09
C SER C 191 40.94 -46.86 13.90
N GLN C 192 41.42 -45.81 14.57
CA GLN C 192 42.85 -45.46 14.56
C GLN C 192 43.37 -45.43 16.00
N PRO C 193 44.36 -46.30 16.32
CA PRO C 193 44.93 -46.21 17.67
C PRO C 193 45.91 -45.04 17.80
N ILE C 194 45.75 -44.24 18.85
CA ILE C 194 46.58 -43.06 19.06
C ILE C 194 47.12 -43.00 20.48
N GLU C 195 48.40 -42.65 20.64
CA GLU C 195 48.94 -42.49 21.99
C GLU C 195 48.63 -41.08 22.47
N GLY C 196 47.68 -40.99 23.42
CA GLY C 196 47.26 -39.71 23.95
C GLY C 196 46.76 -39.80 25.38
N HIS C 197 46.97 -38.74 26.14
CA HIS C 197 46.54 -38.70 27.55
C HIS C 197 45.23 -37.97 27.74
N ALA C 198 45.05 -36.86 27.02
CA ALA C 198 43.82 -36.08 27.13
C ALA C 198 43.47 -35.51 25.77
N ALA C 199 42.18 -35.52 25.42
CA ALA C 199 41.78 -35.06 24.11
C ALA C 199 40.43 -34.35 24.12
N SER C 200 40.12 -33.71 23.01
CA SER C 200 38.86 -32.98 22.85
C SER C 200 38.61 -32.63 21.39
N PHE C 201 37.34 -32.47 21.03
CA PHE C 201 36.97 -32.06 19.68
C PHE C 201 36.56 -30.59 19.66
N ALA C 202 36.78 -29.93 18.53
CA ALA C 202 36.42 -28.52 18.41
C ALA C 202 35.97 -28.11 17.02
N GLN C 203 35.00 -27.18 16.98
CA GLN C 203 34.52 -26.59 15.74
C GLN C 203 35.22 -25.24 15.55
N PHE C 204 35.91 -25.10 14.43
CA PHE C 204 36.69 -23.89 14.16
C PHE C 204 36.64 -23.47 12.70
N LYS C 205 36.16 -22.25 12.45
CA LYS C 205 36.13 -21.71 11.10
C LYS C 205 37.40 -20.90 10.83
N MET C 206 38.18 -21.34 9.86
CA MET C 206 39.44 -20.70 9.51
C MET C 206 39.26 -19.31 8.90
N GLU C 207 40.36 -18.59 8.75
CA GLU C 207 40.33 -17.28 8.10
C GLU C 207 40.12 -17.47 6.61
N GLY C 208 39.00 -16.96 6.11
CA GLY C 208 38.65 -17.09 4.70
C GLY C 208 38.11 -18.46 4.32
N ASN C 209 37.43 -19.11 5.25
CA ASN C 209 36.83 -20.42 5.01
C ASN C 209 35.31 -20.38 5.13
N ALA C 210 34.63 -21.02 4.18
CA ALA C 210 33.17 -21.05 4.15
C ALA C 210 32.52 -21.76 5.34
N GLU C 211 32.95 -22.97 5.63
CA GLU C 211 32.35 -23.78 6.69
C GLU C 211 33.29 -24.03 7.88
N GLU C 212 32.71 -24.47 8.99
CA GLU C 212 33.48 -24.79 10.19
C GLU C 212 34.26 -26.09 10.02
N SER C 213 35.52 -26.09 10.43
CA SER C 213 36.33 -27.29 10.38
C SER C 213 36.24 -28.04 11.70
N THR C 214 36.14 -29.36 11.64
CA THR C 214 36.11 -30.16 12.85
C THR C 214 37.51 -30.58 13.24
N LEU C 215 37.99 -30.04 14.36
CA LEU C 215 39.34 -30.30 14.83
C LEU C 215 39.41 -31.33 15.95
N PHE C 216 40.44 -32.18 15.89
CA PHE C 216 40.71 -33.14 16.94
C PHE C 216 41.99 -32.72 17.65
N CYS C 217 41.87 -32.39 18.93
CA CYS C 217 43.03 -31.95 19.69
C CYS C 217 43.35 -32.91 20.82
N PHE C 218 44.59 -33.38 20.88
CA PHE C 218 44.98 -34.25 21.97
C PHE C 218 46.38 -33.93 22.48
N ALA C 219 46.56 -34.14 23.78
CA ALA C 219 47.83 -33.89 24.43
C ALA C 219 48.35 -35.18 25.00
N VAL C 220 49.67 -35.31 25.03
CA VAL C 220 50.28 -36.54 25.50
C VAL C 220 51.70 -36.31 25.99
N ARG C 221 52.13 -37.12 26.93
CA ARG C 221 53.53 -37.16 27.31
C ARG C 221 54.03 -38.57 26.98
N GLY C 222 54.38 -38.76 25.71
CA GLY C 222 54.73 -40.05 25.19
C GLY C 222 56.16 -40.19 24.71
N GLN C 223 56.31 -40.85 23.57
CA GLN C 223 57.59 -41.19 22.97
C GLN C 223 58.40 -39.96 22.54
N ALA C 224 57.72 -38.93 22.07
CA ALA C 224 58.39 -37.70 21.69
C ALA C 224 58.12 -36.61 22.72
N GLY C 225 58.17 -37.02 23.99
CA GLY C 225 57.93 -36.12 25.10
C GLY C 225 56.54 -35.52 25.13
N GLY C 226 56.40 -34.38 25.81
CA GLY C 226 55.14 -33.68 25.90
C GLY C 226 54.76 -32.97 24.61
N LYS C 227 53.62 -33.36 24.04
CA LYS C 227 53.19 -32.77 22.77
C LYS C 227 51.70 -32.44 22.73
N LEU C 228 51.36 -31.39 22.02
CA LEU C 228 49.96 -31.03 21.77
C LEU C 228 49.68 -31.05 20.27
N HIS C 229 48.70 -31.83 19.87
CA HIS C 229 48.37 -31.96 18.46
C HIS C 229 47.01 -31.39 18.12
N ILE C 230 46.96 -30.59 17.07
CA ILE C 230 45.71 -30.02 16.58
C ILE C 230 45.57 -30.37 15.10
N ILE C 231 44.72 -31.35 14.81
CA ILE C 231 44.57 -31.86 13.45
C ILE C 231 43.11 -31.86 13.03
N GLU C 232 42.85 -31.72 11.73
CA GLU C 232 41.49 -31.75 11.22
C GLU C 232 41.11 -33.19 10.90
N VAL C 233 39.95 -33.64 11.39
CA VAL C 233 39.52 -35.00 11.12
C VAL C 233 38.55 -35.07 9.94
N GLY C 234 38.91 -35.92 8.99
CA GLY C 234 38.13 -36.15 7.78
C GLY C 234 38.26 -35.12 6.68
N THR C 235 37.53 -35.36 5.61
CA THR C 235 37.54 -34.53 4.41
C THR C 235 36.99 -33.13 4.66
N PRO C 236 37.75 -32.10 4.26
CA PRO C 236 37.26 -30.72 4.43
C PRO C 236 36.06 -30.45 3.55
N PRO C 237 35.13 -29.59 4.02
CA PRO C 237 33.95 -29.25 3.23
C PRO C 237 34.30 -28.61 1.90
N THR C 238 33.34 -28.63 0.98
CA THR C 238 33.52 -28.04 -0.34
C THR C 238 33.74 -26.55 -0.25
N GLY C 239 34.83 -26.09 -0.86
CA GLY C 239 35.19 -24.69 -0.84
C GLY C 239 35.88 -24.30 0.45
N ASN C 240 36.47 -25.28 1.13
CA ASN C 240 37.22 -25.02 2.35
C ASN C 240 38.70 -25.36 2.18
N GLN C 241 39.58 -24.50 2.69
CA GLN C 241 41.00 -24.79 2.69
C GLN C 241 41.23 -25.78 3.82
N PRO C 242 42.25 -26.64 3.70
CA PRO C 242 42.37 -27.55 4.85
C PRO C 242 43.15 -26.94 6.01
N PHE C 243 42.89 -27.42 7.22
CA PHE C 243 43.58 -26.95 8.41
C PHE C 243 44.98 -27.56 8.50
N PRO C 244 46.02 -26.71 8.51
CA PRO C 244 47.38 -27.24 8.62
C PRO C 244 47.63 -27.85 9.99
N LYS C 245 47.93 -29.15 10.00
CA LYS C 245 48.20 -29.89 11.23
C LYS C 245 49.18 -29.17 12.12
N LYS C 246 48.88 -29.13 13.41
CA LYS C 246 49.76 -28.51 14.39
C LYS C 246 50.33 -29.52 15.37
N ALA C 247 51.57 -29.29 15.77
CA ALA C 247 52.22 -30.12 16.77
C ALA C 247 53.18 -29.25 17.57
N VAL C 248 52.83 -29.00 18.82
CA VAL C 248 53.61 -28.13 19.68
C VAL C 248 54.02 -28.84 20.95
N ASP C 249 55.05 -28.31 21.60
CA ASP C 249 55.53 -28.90 22.84
C ASP C 249 54.64 -28.55 24.01
N VAL C 250 54.53 -29.49 24.94
CA VAL C 250 53.84 -29.27 26.20
C VAL C 250 54.89 -29.29 27.29
N PHE C 251 55.02 -28.20 28.02
CA PHE C 251 56.12 -28.11 28.97
C PHE C 251 55.84 -28.78 30.32
N PHE C 252 56.75 -29.67 30.68
CA PHE C 252 56.77 -30.31 31.99
C PHE C 252 58.14 -30.05 32.57
N PRO C 253 58.21 -29.31 33.70
CA PRO C 253 59.50 -29.01 34.34
C PRO C 253 60.26 -30.27 34.73
N PRO C 254 61.58 -30.16 34.94
CA PRO C 254 62.40 -31.33 35.29
C PRO C 254 61.98 -31.97 36.61
N GLU C 255 61.50 -31.15 37.56
CA GLU C 255 61.04 -31.67 38.84
C GLU C 255 59.73 -32.43 38.68
N ALA C 256 58.94 -32.05 37.68
CA ALA C 256 57.62 -32.66 37.47
C ALA C 256 57.68 -33.94 36.64
N GLN C 257 58.57 -34.85 37.01
CA GLN C 257 58.63 -36.16 36.39
C GLN C 257 57.35 -36.88 36.81
N ASN C 258 57.00 -37.95 36.12
CA ASN C 258 55.71 -38.67 36.34
C ASN C 258 54.45 -37.80 36.24
N ASP C 259 54.55 -36.64 35.60
CA ASP C 259 53.37 -35.82 35.34
C ASP C 259 52.90 -36.03 33.90
N PHE C 260 51.60 -35.86 33.67
CA PHE C 260 51.03 -36.05 32.34
C PHE C 260 49.68 -35.35 32.22
N PRO C 261 49.24 -35.08 30.98
CA PRO C 261 47.92 -34.44 30.85
C PRO C 261 46.79 -35.33 31.36
N VAL C 262 45.90 -34.72 32.13
CA VAL C 262 44.81 -35.45 32.77
C VAL C 262 43.45 -35.04 32.21
N ALA C 263 43.29 -33.77 31.86
CA ALA C 263 42.02 -33.30 31.33
C ALA C 263 42.21 -32.21 30.27
N MET C 264 41.25 -32.11 29.35
CA MET C 264 41.31 -31.08 28.32
C MET C 264 39.92 -30.59 27.90
N GLN C 265 39.73 -29.28 27.95
CA GLN C 265 38.48 -28.67 27.50
C GLN C 265 38.79 -27.51 26.56
N ILE C 266 38.14 -27.47 25.41
CA ILE C 266 38.37 -26.40 24.45
C ILE C 266 37.21 -25.39 24.47
N SER C 267 37.55 -24.12 24.63
CA SER C 267 36.56 -23.06 24.64
C SER C 267 36.32 -22.50 23.24
N GLU C 268 35.14 -22.79 22.67
CA GLU C 268 34.80 -22.35 21.32
C GLU C 268 34.67 -20.83 21.21
N LYS C 269 34.21 -20.20 22.29
CA LYS C 269 34.01 -18.74 22.33
C LYS C 269 35.30 -17.96 22.12
N HIS C 270 36.32 -18.32 22.91
CA HIS C 270 37.60 -17.62 22.87
C HIS C 270 38.61 -18.36 22.01
N ASP C 271 38.26 -19.58 21.61
CA ASP C 271 39.13 -20.47 20.82
C ASP C 271 40.47 -20.75 21.48
N VAL C 272 40.41 -21.24 22.70
CA VAL C 272 41.59 -21.60 23.47
C VAL C 272 41.45 -22.99 24.06
N VAL C 273 42.57 -23.66 24.27
CA VAL C 273 42.56 -25.01 24.82
C VAL C 273 42.97 -25.03 26.29
N PHE C 274 42.14 -25.63 27.14
CA PHE C 274 42.47 -25.76 28.55
C PHE C 274 43.12 -27.13 28.78
N LEU C 275 44.23 -27.15 29.49
CA LEU C 275 44.90 -28.41 29.78
C LEU C 275 45.25 -28.51 31.26
N ILE C 276 44.79 -29.58 31.89
CA ILE C 276 45.06 -29.80 33.31
C ILE C 276 45.89 -31.08 33.45
N THR C 277 46.99 -30.99 34.19
CA THR C 277 47.88 -32.13 34.38
C THR C 277 47.63 -32.82 35.71
N LYS C 278 48.23 -33.99 35.88
CA LYS C 278 48.05 -34.78 37.11
C LYS C 278 48.51 -34.04 38.37
N TYR C 279 49.63 -33.35 38.26
CA TYR C 279 50.20 -32.63 39.42
C TYR C 279 49.43 -31.36 39.74
N GLY C 280 48.59 -30.92 38.81
CA GLY C 280 47.78 -29.75 39.06
C GLY C 280 48.16 -28.52 38.26
N TYR C 281 48.97 -28.69 37.22
CA TYR C 281 49.31 -27.56 36.38
C TYR C 281 48.19 -27.33 35.37
N ILE C 282 47.82 -26.07 35.19
CA ILE C 282 46.88 -25.72 34.14
C ILE C 282 47.70 -25.12 32.99
N HIS C 283 47.25 -25.39 31.77
CA HIS C 283 47.92 -24.91 30.59
C HIS C 283 46.86 -24.28 29.69
N LEU C 284 47.19 -23.19 29.03
CA LEU C 284 46.23 -22.58 28.12
C LEU C 284 46.91 -22.33 26.78
N TYR C 285 46.26 -22.78 25.70
CA TYR C 285 46.84 -22.72 24.36
C TYR C 285 45.89 -22.09 23.36
N ASP C 286 46.45 -21.49 22.33
CA ASP C 286 45.66 -21.01 21.21
C ASP C 286 45.26 -22.20 20.35
N LEU C 287 43.96 -22.35 20.09
CA LEU C 287 43.45 -23.46 19.30
C LEU C 287 43.95 -23.41 17.86
N GLU C 288 44.09 -22.20 17.32
CA GLU C 288 44.54 -22.02 15.94
C GLU C 288 46.00 -22.41 15.72
N THR C 289 46.90 -21.92 16.56
CA THR C 289 48.33 -22.15 16.35
C THR C 289 49.01 -23.05 17.38
N GLY C 290 48.36 -23.27 18.52
CA GLY C 290 48.95 -24.05 19.59
C GLY C 290 49.94 -23.26 20.42
N THR C 291 49.90 -21.94 20.26
CA THR C 291 50.77 -21.03 21.02
C THR C 291 50.37 -21.08 22.48
N CYS C 292 51.35 -21.19 23.38
CA CYS C 292 51.02 -21.27 24.80
C CYS C 292 50.70 -19.93 25.46
N ILE C 293 49.57 -19.89 26.13
CA ILE C 293 49.15 -18.71 26.86
C ILE C 293 49.00 -19.06 28.34
N TYR C 294 50.01 -18.83 29.18
CA TYR C 294 49.94 -19.08 30.64
C TYR C 294 50.07 -20.56 31.08
N MET C 295 50.65 -20.79 32.26
CA MET C 295 50.76 -22.14 32.84
C MET C 295 50.53 -22.14 34.35
N ASN C 296 51.52 -22.61 35.11
CA ASN C 296 51.49 -22.57 36.58
C ASN C 296 50.43 -23.49 37.22
N ARG C 297 50.64 -23.84 38.49
CA ARG C 297 49.73 -24.71 39.28
C ARG C 297 48.55 -23.98 39.93
N ILE C 298 47.35 -24.54 39.76
CA ILE C 298 46.13 -23.95 40.30
C ILE C 298 45.56 -24.66 41.54
N SER C 299 45.88 -25.94 41.72
CA SER C 299 45.35 -26.68 42.85
C SER C 299 46.40 -27.59 43.49
N GLY C 300 46.32 -27.73 44.81
CA GLY C 300 47.22 -28.61 45.53
C GLY C 300 46.72 -30.05 45.54
N GLU C 301 45.42 -30.20 45.29
CA GLU C 301 44.80 -31.52 45.26
C GLU C 301 44.34 -31.82 43.84
N THR C 302 44.30 -33.10 43.50
CA THR C 302 43.85 -33.53 42.19
C THR C 302 42.41 -33.14 41.91
N ILE C 303 42.16 -32.62 40.71
CA ILE C 303 40.81 -32.27 40.30
C ILE C 303 40.23 -33.45 39.52
N PHE C 304 39.63 -34.40 40.23
CA PHE C 304 39.21 -35.66 39.61
C PHE C 304 38.04 -35.60 38.63
N VAL C 305 37.08 -34.71 38.85
CA VAL C 305 35.96 -34.59 37.91
C VAL C 305 35.92 -33.20 37.29
N THR C 306 35.68 -33.16 35.99
CA THR C 306 35.59 -31.90 35.27
C THR C 306 34.39 -31.91 34.34
N ALA C 307 33.98 -30.72 33.93
CA ALA C 307 32.85 -30.56 33.03
C ALA C 307 32.96 -29.19 32.39
N PRO C 308 32.33 -28.99 31.23
CA PRO C 308 32.46 -27.65 30.68
C PRO C 308 31.60 -26.65 31.45
N HIS C 309 32.16 -25.48 31.74
CA HIS C 309 31.36 -24.45 32.40
C HIS C 309 30.71 -23.61 31.32
N GLU C 310 29.60 -24.12 30.82
CA GLU C 310 28.85 -23.55 29.70
C GLU C 310 28.71 -22.03 29.73
N ALA C 311 28.30 -21.47 30.87
CA ALA C 311 28.11 -20.03 31.01
C ALA C 311 29.37 -19.21 30.69
N THR C 312 30.45 -19.50 31.40
CA THR C 312 31.70 -18.74 31.25
C THR C 312 32.60 -19.26 30.14
N ALA C 313 32.20 -20.36 29.52
CA ALA C 313 32.99 -21.04 28.49
C ALA C 313 34.37 -21.42 29.02
N GLY C 314 34.36 -22.14 30.13
CA GLY C 314 35.59 -22.58 30.77
C GLY C 314 35.41 -24.00 31.23
N ILE C 315 36.12 -24.36 32.30
CA ILE C 315 36.04 -25.70 32.85
C ILE C 315 35.71 -25.59 34.33
N ILE C 316 34.78 -26.44 34.78
CA ILE C 316 34.37 -26.47 36.17
C ILE C 316 34.60 -27.86 36.72
N GLY C 317 35.41 -27.92 37.76
CA GLY C 317 35.74 -29.18 38.38
C GLY C 317 35.62 -29.20 39.88
N VAL C 318 35.90 -30.38 40.42
CA VAL C 318 35.87 -30.59 41.86
C VAL C 318 37.15 -31.32 42.27
N ASN C 319 37.85 -30.79 43.27
CA ASN C 319 39.06 -31.46 43.74
C ASN C 319 38.81 -32.30 44.99
N ARG C 320 39.80 -33.12 45.32
CA ARG C 320 39.73 -34.05 46.46
C ARG C 320 39.51 -33.35 47.80
N LYS C 321 39.77 -32.05 47.84
CA LYS C 321 39.57 -31.28 49.07
C LYS C 321 38.10 -30.91 49.26
N GLY C 322 37.33 -31.02 48.18
CA GLY C 322 35.91 -30.71 48.22
C GLY C 322 35.60 -29.33 47.69
N GLN C 323 36.62 -28.64 47.17
CA GLN C 323 36.41 -27.32 46.61
C GLN C 323 35.81 -27.43 45.22
N VAL C 324 34.74 -26.69 44.97
CA VAL C 324 34.15 -26.71 43.65
C VAL C 324 34.77 -25.54 42.90
N LEU C 325 35.88 -25.83 42.22
CA LEU C 325 36.68 -24.84 41.53
C LEU C 325 36.39 -24.69 40.04
N SER C 326 36.58 -23.48 39.54
CA SER C 326 36.35 -23.22 38.12
C SER C 326 37.39 -22.28 37.54
N VAL C 327 37.92 -22.63 36.38
CA VAL C 327 38.89 -21.80 35.68
C VAL C 327 38.37 -21.47 34.29
N CYS C 328 38.37 -20.19 33.96
CA CYS C 328 37.88 -19.75 32.67
C CYS C 328 38.65 -18.53 32.19
N VAL C 329 38.45 -18.19 30.92
CA VAL C 329 39.11 -17.03 30.33
C VAL C 329 38.55 -15.73 30.90
N GLU C 330 39.44 -14.88 31.42
CA GLU C 330 39.05 -13.56 31.88
C GLU C 330 39.03 -12.64 30.67
N GLU C 331 37.82 -12.41 30.16
CA GLU C 331 37.62 -11.67 28.92
C GLU C 331 38.18 -10.25 28.95
N GLU C 332 38.26 -9.67 30.15
CA GLU C 332 38.77 -8.32 30.31
C GLU C 332 40.30 -8.28 30.23
N ASN C 333 40.96 -9.33 30.73
CA ASN C 333 42.41 -9.35 30.82
C ASN C 333 43.18 -10.15 29.77
N ILE C 334 42.49 -11.03 29.07
CA ILE C 334 43.16 -11.92 28.11
C ILE C 334 44.00 -11.18 27.05
N ILE C 335 43.43 -10.18 26.39
CA ILE C 335 44.16 -9.44 25.37
C ILE C 335 45.32 -8.62 25.95
N PRO C 336 45.08 -7.85 27.03
CA PRO C 336 46.23 -7.15 27.62
C PRO C 336 47.38 -8.08 28.05
N TYR C 337 47.07 -9.21 28.67
CA TYR C 337 48.09 -10.17 29.11
C TYR C 337 48.94 -10.67 27.95
N ILE C 338 48.26 -11.09 26.88
CA ILE C 338 48.94 -11.58 25.68
C ILE C 338 49.82 -10.48 25.11
N THR C 339 49.33 -9.25 25.17
CA THR C 339 50.06 -8.09 24.66
C THR C 339 51.27 -7.71 25.52
N ASN C 340 51.07 -7.52 26.82
CA ASN C 340 52.12 -6.96 27.67
C ASN C 340 52.91 -7.95 28.53
N VAL C 341 52.26 -8.99 29.03
CA VAL C 341 52.94 -9.98 29.86
C VAL C 341 53.59 -11.06 29.01
N LEU C 342 52.83 -11.56 28.04
CA LEU C 342 53.35 -12.55 27.10
C LEU C 342 54.19 -11.85 26.04
N GLN C 343 53.82 -10.62 25.73
CA GLN C 343 54.50 -9.80 24.72
C GLN C 343 54.44 -10.46 23.34
N ASN C 344 53.23 -10.88 22.99
CA ASN C 344 52.91 -11.47 21.70
C ASN C 344 51.81 -10.68 20.98
N PRO C 345 52.14 -9.46 20.49
CA PRO C 345 51.13 -8.64 19.81
C PRO C 345 50.42 -9.34 18.65
N ASP C 346 51.15 -10.09 17.84
CA ASP C 346 50.54 -10.81 16.71
C ASP C 346 49.40 -11.72 17.12
N LEU C 347 49.57 -12.42 18.24
CA LEU C 347 48.52 -13.31 18.74
C LEU C 347 47.34 -12.51 19.27
N ALA C 348 47.62 -11.41 19.96
CA ALA C 348 46.57 -10.53 20.48
C ALA C 348 45.71 -9.95 19.38
N LEU C 349 46.34 -9.48 18.31
CA LEU C 349 45.64 -8.92 17.16
C LEU C 349 44.69 -9.92 16.50
N ARG C 350 45.19 -11.13 16.24
CA ARG C 350 44.37 -12.18 15.63
C ARG C 350 43.23 -12.56 16.57
N MET C 351 43.54 -12.59 17.86
CA MET C 351 42.54 -12.94 18.88
C MET C 351 41.43 -11.90 19.02
N ALA C 352 41.78 -10.63 18.91
CA ALA C 352 40.80 -9.55 19.05
C ALA C 352 39.87 -9.44 17.85
N VAL C 353 40.37 -9.84 16.68
CA VAL C 353 39.58 -9.78 15.46
C VAL C 353 38.80 -11.08 15.23
N ARG C 354 39.38 -12.21 15.62
CA ARG C 354 38.74 -13.53 15.49
C ARG C 354 37.51 -13.64 16.37
N ASN C 355 37.76 -13.47 17.66
CA ASN C 355 36.73 -13.45 18.66
C ASN C 355 36.62 -11.98 18.96
N ASN C 356 35.41 -11.44 19.02
CA ASN C 356 35.26 -10.01 19.21
C ASN C 356 35.56 -9.52 20.62
N LEU C 357 36.84 -9.55 20.97
CA LEU C 357 37.35 -9.11 22.26
C LEU C 357 37.94 -7.71 22.18
N ALA C 358 38.06 -7.07 23.34
CA ALA C 358 38.53 -5.68 23.43
C ALA C 358 39.81 -5.51 24.27
N GLY C 359 40.62 -4.52 23.91
CA GLY C 359 41.88 -4.23 24.61
C GLY C 359 43.09 -4.15 23.69
N ALA C 360 42.81 -4.27 22.39
CA ALA C 360 43.82 -4.24 21.35
C ALA C 360 44.03 -2.85 20.75
N GLU C 361 43.19 -1.88 21.16
CA GLU C 361 43.15 -0.55 20.54
C GLU C 361 44.53 0.06 20.30
N GLU C 362 45.38 0.01 21.32
CA GLU C 362 46.73 0.56 21.24
C GLU C 362 47.57 -0.11 20.15
N LEU C 363 47.41 -1.43 20.01
CA LEU C 363 48.17 -2.21 19.03
C LEU C 363 47.77 -1.83 17.61
N PHE C 364 46.48 -1.62 17.39
CA PHE C 364 45.97 -1.23 16.09
C PHE C 364 46.50 0.15 15.71
N ALA C 365 46.63 1.01 16.70
CA ALA C 365 47.25 2.32 16.49
C ALA C 365 48.72 2.15 16.11
N ARG C 366 49.41 1.31 16.88
CA ARG C 366 50.82 1.00 16.62
C ARG C 366 51.05 0.45 15.21
N LYS C 367 50.24 -0.52 14.83
CA LYS C 367 50.33 -1.12 13.49
C LYS C 367 50.05 -0.09 12.39
N PHE C 368 49.15 0.85 12.69
CA PHE C 368 48.78 1.89 11.75
C PHE C 368 49.94 2.87 11.56
N ASN C 369 50.42 3.43 12.67
CA ASN C 369 51.53 4.38 12.66
C ASN C 369 52.79 3.82 12.01
N ALA C 370 53.04 2.52 12.23
CA ALA C 370 54.21 1.86 11.66
C ALA C 370 54.14 1.77 10.14
N LEU C 371 52.97 1.41 9.62
CA LEU C 371 52.75 1.30 8.18
C LEU C 371 52.67 2.67 7.51
N PHE C 372 52.25 3.66 8.30
CA PHE C 372 52.15 5.04 7.82
C PHE C 372 53.55 5.60 7.61
N ALA C 373 54.40 5.37 8.60
CA ALA C 373 55.81 5.75 8.55
C ALA C 373 56.54 4.96 7.48
N GLN C 374 56.07 3.74 7.23
CA GLN C 374 56.68 2.84 6.25
C GLN C 374 56.41 3.21 4.80
N GLY C 375 55.52 4.17 4.57
CA GLY C 375 55.19 4.57 3.22
C GLY C 375 54.10 3.69 2.65
N ASN C 376 53.87 2.54 3.27
CA ASN C 376 52.86 1.61 2.78
C ASN C 376 51.51 2.09 3.28
N TYR C 377 50.91 3.01 2.53
CA TYR C 377 49.63 3.60 2.91
C TYR C 377 48.47 2.70 2.52
N SER C 378 48.70 1.84 1.54
CA SER C 378 47.70 0.91 1.05
C SER C 378 47.31 -0.12 2.11
N GLU C 379 48.33 -0.69 2.77
CA GLU C 379 48.10 -1.67 3.82
C GLU C 379 47.68 -1.00 5.12
N ALA C 380 48.18 0.20 5.35
CA ALA C 380 47.80 0.98 6.53
C ALA C 380 46.30 1.21 6.56
N ALA C 381 45.71 1.45 5.40
CA ALA C 381 44.26 1.65 5.27
C ALA C 381 43.48 0.40 5.64
N LYS C 382 43.98 -0.75 5.20
CA LYS C 382 43.33 -2.04 5.48
C LYS C 382 43.26 -2.30 6.99
N VAL C 383 44.28 -1.87 7.70
CA VAL C 383 44.32 -2.04 9.15
C VAL C 383 43.17 -1.30 9.80
N ALA C 384 42.96 -0.05 9.39
CA ALA C 384 41.85 0.77 9.87
C ALA C 384 40.52 0.15 9.46
N ALA C 385 40.47 -0.41 8.26
CA ALA C 385 39.25 -1.00 7.73
C ALA C 385 38.80 -2.22 8.54
N ASN C 386 39.77 -3.05 8.96
CA ASN C 386 39.44 -4.24 9.72
C ASN C 386 39.66 -4.10 11.22
N ALA C 387 39.27 -2.97 11.78
CA ALA C 387 39.28 -2.78 13.21
C ALA C 387 38.10 -3.55 13.82
N PRO C 388 38.29 -4.11 15.03
CA PRO C 388 37.25 -4.95 15.62
C PRO C 388 35.90 -4.23 15.78
N LYS C 389 35.90 -3.06 16.41
CA LYS C 389 34.66 -2.32 16.61
C LYS C 389 34.77 -0.88 16.08
N GLY C 390 35.25 -0.76 14.83
CA GLY C 390 35.46 0.52 14.19
C GLY C 390 36.38 1.44 14.96
N ILE C 391 37.41 0.86 15.56
CA ILE C 391 38.34 1.60 16.41
C ILE C 391 39.12 2.68 15.67
N LEU C 392 39.59 2.35 14.47
CA LEU C 392 40.36 3.29 13.66
C LEU C 392 39.54 3.96 12.57
N ARG C 393 38.22 3.79 12.61
CA ARG C 393 37.33 4.42 11.65
C ARG C 393 36.83 5.72 12.28
N THR C 394 37.74 6.67 12.44
CA THR C 394 37.48 7.94 13.11
C THR C 394 37.98 9.13 12.28
N PRO C 395 37.54 10.36 12.62
CA PRO C 395 38.05 11.53 11.88
C PRO C 395 39.56 11.73 12.00
N ASP C 396 40.12 11.38 13.15
CA ASP C 396 41.56 11.52 13.39
C ASP C 396 42.36 10.75 12.36
N THR C 397 41.81 9.62 11.92
CA THR C 397 42.45 8.80 10.91
C THR C 397 42.49 9.54 9.58
N ILE C 398 41.36 10.11 9.21
CA ILE C 398 41.24 10.89 7.98
C ILE C 398 42.15 12.11 8.03
N ARG C 399 42.23 12.72 9.20
CA ARG C 399 43.10 13.87 9.42
C ARG C 399 44.58 13.56 9.16
N ARG C 400 45.01 12.35 9.50
CA ARG C 400 46.39 11.93 9.25
C ARG C 400 46.70 11.69 7.79
N PHE C 401 45.78 11.04 7.09
CA PHE C 401 45.93 10.82 5.66
C PHE C 401 45.89 12.16 4.93
N GLN C 402 45.05 13.07 5.44
CA GLN C 402 44.91 14.39 4.85
C GLN C 402 46.17 15.25 5.01
N SER C 403 46.98 14.95 6.02
CA SER C 403 48.20 15.71 6.28
C SER C 403 49.25 15.55 5.18
N VAL C 404 49.04 14.56 4.33
CA VAL C 404 49.88 14.38 3.14
C VAL C 404 49.06 14.87 1.95
N PRO C 405 49.38 16.07 1.47
CA PRO C 405 48.66 16.68 0.36
C PRO C 405 49.12 16.16 -1.00
N SER C 412 46.01 8.71 -5.10
CA SER C 412 46.06 9.48 -3.86
C SER C 412 45.82 8.55 -2.68
N PRO C 413 46.62 8.70 -1.61
CA PRO C 413 46.50 7.84 -0.43
C PRO C 413 45.18 8.02 0.33
N LEU C 414 44.65 9.25 0.35
CA LEU C 414 43.37 9.54 1.00
C LEU C 414 42.28 8.85 0.22
N LEU C 415 42.44 8.94 -1.10
CA LEU C 415 41.53 8.31 -2.02
C LEU C 415 41.65 6.81 -1.83
N GLN C 416 42.88 6.36 -1.60
CA GLN C 416 43.16 4.95 -1.38
C GLN C 416 42.40 4.42 -0.16
N TYR C 417 42.43 5.19 0.93
CA TYR C 417 41.73 4.81 2.18
C TYR C 417 40.23 4.64 1.98
N PHE C 418 39.60 5.60 1.30
CA PHE C 418 38.17 5.54 1.04
C PHE C 418 37.81 4.40 0.08
N GLY C 419 38.62 4.22 -0.95
CA GLY C 419 38.42 3.20 -1.97
C GLY C 419 38.25 1.78 -1.44
N ILE C 420 39.05 1.43 -0.45
CA ILE C 420 38.99 0.10 0.16
C ILE C 420 37.79 -0.02 1.08
N LEU C 421 37.51 1.08 1.78
CA LEU C 421 36.40 1.16 2.72
C LEU C 421 35.06 0.88 2.04
N LEU C 422 34.90 1.38 0.82
CA LEU C 422 33.66 1.23 0.06
C LEU C 422 33.25 -0.21 -0.18
N ASP C 423 34.19 -1.04 -0.63
CA ASP C 423 33.87 -2.44 -0.90
C ASP C 423 33.66 -3.29 0.37
N GLN C 424 34.13 -2.80 1.52
CA GLN C 424 33.91 -3.52 2.77
C GLN C 424 32.57 -3.18 3.43
N GLY C 425 32.19 -1.91 3.46
CA GLY C 425 30.90 -1.56 4.04
C GLY C 425 30.42 -0.14 3.80
N GLN C 426 29.40 0.28 4.55
CA GLN C 426 28.84 1.62 4.40
C GLN C 426 29.66 2.60 5.22
N LEU C 427 30.22 3.62 4.57
CA LEU C 427 31.05 4.59 5.27
C LEU C 427 30.20 5.48 6.16
N ASN C 428 30.72 5.84 7.33
CA ASN C 428 29.98 6.66 8.28
C ASN C 428 29.79 8.10 7.81
N LYS C 429 28.75 8.75 8.31
CA LYS C 429 28.35 10.12 7.97
C LYS C 429 29.51 11.07 7.66
N TYR C 430 30.49 11.13 8.55
CA TYR C 430 31.63 12.02 8.35
C TYR C 430 32.51 11.60 7.19
N GLU C 431 32.66 10.29 7.00
CA GLU C 431 33.48 9.76 5.92
C GLU C 431 32.85 10.09 4.57
N SER C 432 31.52 9.99 4.51
CA SER C 432 30.78 10.32 3.29
C SER C 432 30.98 11.79 2.91
N LEU C 433 30.97 12.65 3.92
CA LEU C 433 31.17 14.08 3.74
C LEU C 433 32.55 14.43 3.16
N GLU C 434 33.60 13.93 3.82
CA GLU C 434 34.99 14.18 3.42
C GLU C 434 35.40 13.52 2.11
N LEU C 435 34.65 12.51 1.68
CA LEU C 435 34.96 11.81 0.44
C LEU C 435 34.58 12.67 -0.77
N CYS C 436 33.45 13.35 -0.67
CA CYS C 436 32.97 14.17 -1.77
C CYS C 436 33.61 15.57 -1.86
N ARG C 437 34.10 16.09 -0.74
CA ARG C 437 34.73 17.41 -0.76
C ARG C 437 35.89 17.65 -1.75
N PRO C 438 36.88 16.75 -1.77
CA PRO C 438 37.96 17.15 -2.67
C PRO C 438 37.67 16.98 -4.17
N VAL C 439 36.68 16.18 -4.53
CA VAL C 439 36.37 16.04 -5.95
C VAL C 439 35.49 17.20 -6.41
N LEU C 440 34.60 17.66 -5.54
CA LEU C 440 33.75 18.81 -5.85
C LEU C 440 34.54 20.12 -5.86
N GLN C 441 35.61 20.17 -5.07
CA GLN C 441 36.47 21.35 -5.04
C GLN C 441 36.86 21.75 -6.46
N GLN C 442 37.21 20.76 -7.28
CA GLN C 442 37.59 21.01 -8.66
C GLN C 442 36.62 20.33 -9.62
N GLY C 443 35.79 21.13 -10.29
CA GLY C 443 34.88 20.62 -11.30
C GLY C 443 33.44 20.50 -10.81
N ARG C 444 33.05 17.71 -9.14
CA ARG C 444 32.58 16.50 -9.82
C ARG C 444 31.27 16.00 -9.21
N LYS C 445 30.17 16.16 -9.94
CA LYS C 445 28.87 15.67 -9.49
C LYS C 445 28.41 14.45 -10.30
N GLN C 446 29.33 13.82 -10.99
CA GLN C 446 29.00 12.70 -11.87
C GLN C 446 29.34 11.37 -11.21
N LEU C 447 30.46 11.35 -10.48
CA LEU C 447 30.95 10.19 -9.77
C LEU C 447 29.94 9.71 -8.74
N LEU C 448 29.14 10.66 -8.25
CA LEU C 448 28.13 10.41 -7.24
C LEU C 448 27.05 9.40 -7.62
N GLU C 449 26.74 9.29 -8.91
CA GLU C 449 25.70 8.39 -9.40
C GLU C 449 25.84 6.93 -8.90
N LYS C 450 27.05 6.38 -9.01
CA LYS C 450 27.33 5.01 -8.60
C LYS C 450 27.25 4.81 -7.08
N TRP C 451 27.92 5.69 -6.33
CA TRP C 451 28.03 5.58 -4.88
C TRP C 451 26.70 5.61 -4.11
N LEU C 452 25.82 6.53 -4.48
CA LEU C 452 24.53 6.71 -3.81
C LEU C 452 23.61 5.51 -4.09
N LYS C 453 23.69 5.01 -5.31
CA LYS C 453 22.90 3.85 -5.74
C LYS C 453 23.26 2.55 -5.07
N GLU C 454 24.56 2.35 -4.93
CA GLU C 454 25.12 1.12 -4.41
C GLU C 454 24.97 0.97 -2.89
N ASP C 455 24.37 1.99 -2.27
CA ASP C 455 24.19 2.07 -0.82
C ASP C 455 25.51 2.25 -0.08
N LYS C 456 26.48 2.85 -0.76
CA LYS C 456 27.82 3.04 -0.23
C LYS C 456 28.02 4.18 0.76
N LEU C 457 27.31 5.29 0.59
CA LEU C 457 27.61 6.46 1.39
C LEU C 457 26.51 6.67 2.43
N GLU C 458 26.87 7.08 3.64
CA GLU C 458 25.86 7.24 4.68
C GLU C 458 25.51 8.71 4.80
N CYS C 459 24.21 9.01 4.71
CA CYS C 459 23.75 10.39 4.83
C CYS C 459 23.06 10.68 6.17
N SER C 460 23.42 11.81 6.78
CA SER C 460 22.80 12.22 8.04
C SER C 460 22.15 13.60 7.98
N GLU C 461 22.94 14.68 7.87
CA GLU C 461 22.36 16.03 7.83
C GLU C 461 23.23 17.02 7.06
N GLU C 462 24.43 17.27 7.58
CA GLU C 462 25.34 18.28 7.00
C GLU C 462 25.76 17.99 5.56
N LEU C 463 25.59 16.76 5.11
CA LEU C 463 25.96 16.39 3.75
C LEU C 463 25.13 17.10 2.67
N GLY C 464 23.83 17.21 2.90
CA GLY C 464 22.93 17.85 1.97
C GLY C 464 23.21 19.32 1.68
N ASP C 465 23.43 20.10 2.73
CA ASP C 465 23.69 21.53 2.56
C ASP C 465 25.05 21.83 1.92
N LEU C 466 26.01 20.92 2.04
CA LEU C 466 27.32 21.14 1.43
C LEU C 466 27.21 21.02 -0.09
N VAL C 467 26.49 20.01 -0.57
CA VAL C 467 26.25 19.84 -2.00
C VAL C 467 25.22 20.83 -2.55
N LYS C 468 24.36 21.37 -1.68
CA LYS C 468 23.30 22.32 -2.06
C LYS C 468 23.79 23.58 -2.78
N SER C 469 24.84 24.18 -2.26
CA SER C 469 25.48 25.35 -2.83
C SER C 469 25.92 25.31 -4.30
N VAL C 470 26.50 24.19 -4.75
CA VAL C 470 26.95 24.13 -6.14
C VAL C 470 26.12 23.20 -7.05
N ASP C 471 25.12 22.54 -6.46
CA ASP C 471 24.06 21.89 -7.24
C ASP C 471 22.96 21.46 -6.26
N PRO C 472 21.85 22.22 -6.19
CA PRO C 472 20.78 21.83 -5.25
C PRO C 472 19.92 20.65 -5.71
N THR C 473 19.88 20.40 -7.01
CA THR C 473 19.11 19.29 -7.55
C THR C 473 19.70 17.96 -7.08
N LEU C 474 21.03 17.91 -7.00
CA LEU C 474 21.71 16.72 -6.49
C LEU C 474 21.53 16.58 -4.99
N ALA C 475 21.49 17.71 -4.29
CA ALA C 475 21.30 17.76 -2.84
C ALA C 475 20.02 17.07 -2.40
N LEU C 476 19.01 17.15 -3.26
CA LEU C 476 17.71 16.53 -3.02
C LEU C 476 17.86 15.02 -2.81
N SER C 477 18.70 14.39 -3.62
CA SER C 477 18.97 12.97 -3.51
C SER C 477 19.62 12.62 -2.17
N VAL C 478 20.58 13.45 -1.76
CA VAL C 478 21.27 13.26 -0.50
C VAL C 478 20.32 13.40 0.69
N TYR C 479 19.55 14.47 0.72
CA TYR C 479 18.57 14.71 1.78
C TYR C 479 17.55 13.59 1.88
N LEU C 480 17.16 13.03 0.75
CA LEU C 480 16.17 11.96 0.70
C LEU C 480 16.63 10.74 1.49
N ARG C 481 17.86 10.31 1.24
CA ARG C 481 18.44 9.15 1.91
C ARG C 481 18.81 9.44 3.37
N ALA C 482 19.06 10.71 3.70
CA ALA C 482 19.41 11.12 5.06
C ALA C 482 18.23 11.05 6.04
N ASN C 483 17.03 10.87 5.50
CA ASN C 483 15.77 10.75 6.25
C ASN C 483 15.18 12.08 6.76
N VAL C 484 15.95 13.16 6.69
CA VAL C 484 15.46 14.49 7.08
C VAL C 484 14.34 15.00 6.18
N PRO C 485 13.09 14.96 6.67
CA PRO C 485 11.96 15.39 5.84
C PRO C 485 11.90 16.91 5.68
N ASN C 486 12.22 17.62 6.76
CA ASN C 486 12.19 19.08 6.77
C ASN C 486 12.95 19.75 5.62
N LYS C 487 14.14 19.24 5.32
CA LYS C 487 14.93 19.81 4.23
C LYS C 487 14.65 19.15 2.88
N VAL C 488 13.89 18.06 2.87
CA VAL C 488 13.50 17.48 1.60
C VAL C 488 12.36 18.30 1.03
N ILE C 489 11.37 18.57 1.88
CA ILE C 489 10.23 19.38 1.51
C ILE C 489 10.63 20.80 1.16
N GLN C 490 11.49 21.39 1.98
CA GLN C 490 11.97 22.73 1.68
C GLN C 490 12.76 22.72 0.37
N CYS C 491 13.39 21.59 0.04
CA CYS C 491 14.12 21.45 -1.22
C CYS C 491 13.15 21.40 -2.40
N PHE C 492 12.04 20.67 -2.22
CA PHE C 492 11.01 20.61 -3.25
C PHE C 492 10.39 21.99 -3.47
N ALA C 493 10.16 22.71 -2.38
CA ALA C 493 9.53 24.03 -2.44
C ALA C 493 10.31 25.08 -3.24
N GLU C 494 11.62 25.19 -3.03
CA GLU C 494 12.39 26.17 -3.79
C GLU C 494 12.65 25.68 -5.21
N THR C 495 12.06 26.36 -6.18
CA THR C 495 12.22 26.06 -7.60
C THR C 495 12.01 24.59 -7.99
N GLY C 496 11.02 23.95 -7.37
CA GLY C 496 10.72 22.54 -7.62
C GLY C 496 9.23 22.23 -7.48
N GLN C 497 8.86 20.97 -7.70
CA GLN C 497 7.47 20.46 -7.63
C GLN C 497 6.78 20.57 -6.27
N VAL C 498 5.56 21.11 -6.28
CA VAL C 498 4.72 21.23 -5.07
C VAL C 498 3.88 19.97 -4.85
N GLN C 499 3.54 19.29 -5.94
CA GLN C 499 2.77 18.06 -5.86
C GLN C 499 3.51 17.03 -5.04
N LYS C 500 4.81 16.94 -5.26
CA LYS C 500 5.69 16.00 -4.57
C LYS C 500 5.75 16.25 -3.07
N ILE C 501 5.56 17.50 -2.66
CA ILE C 501 5.59 17.87 -1.26
C ILE C 501 4.53 17.15 -0.45
N VAL C 502 3.30 17.18 -0.96
CA VAL C 502 2.17 16.55 -0.27
C VAL C 502 2.28 15.02 -0.27
N LEU C 503 2.74 14.48 -1.39
CA LEU C 503 2.89 13.03 -1.53
C LEU C 503 3.96 12.46 -0.61
N TYR C 504 5.10 13.16 -0.51
CA TYR C 504 6.19 12.76 0.37
C TYR C 504 5.79 12.77 1.84
N ALA C 505 5.20 13.88 2.28
CA ALA C 505 4.76 14.06 3.67
C ALA C 505 3.70 13.05 4.08
N LYS C 506 2.93 12.57 3.11
CA LYS C 506 1.90 11.57 3.37
C LYS C 506 2.55 10.18 3.49
N LYS C 507 3.60 9.96 2.69
CA LYS C 507 4.32 8.69 2.69
C LYS C 507 5.19 8.45 3.92
N VAL C 508 6.04 9.43 4.25
CA VAL C 508 6.92 9.29 5.42
C VAL C 508 6.17 9.50 6.71
N GLY C 509 4.92 9.96 6.58
CA GLY C 509 4.01 10.05 7.70
C GLY C 509 4.04 11.21 8.69
N TYR C 510 5.21 11.80 8.93
CA TYR C 510 5.28 12.86 9.93
C TYR C 510 4.50 14.08 9.45
N THR C 511 3.64 14.57 10.36
CA THR C 511 2.75 15.69 10.07
C THR C 511 3.43 17.03 10.35
N PRO C 512 3.70 17.83 9.30
CA PRO C 512 4.33 19.13 9.39
C PRO C 512 3.41 20.32 9.61
N ASP C 513 4.05 21.48 9.72
CA ASP C 513 3.34 22.73 9.88
C ASP C 513 2.91 23.25 8.52
N TRP C 514 1.95 22.52 7.92
CA TRP C 514 1.33 22.84 6.62
C TRP C 514 1.30 24.32 6.29
N ILE C 515 0.79 25.14 7.21
CA ILE C 515 0.71 26.57 7.02
C ILE C 515 2.08 27.16 6.84
N PHE C 516 3.01 26.75 7.71
CA PHE C 516 4.40 27.19 7.64
C PHE C 516 5.01 26.78 6.30
N LEU C 517 4.59 25.63 5.78
CA LEU C 517 5.05 25.14 4.48
C LEU C 517 4.45 26.05 3.41
N LEU C 518 3.19 26.42 3.59
CA LEU C 518 2.49 27.35 2.70
C LEU C 518 3.18 28.71 2.70
N ARG C 519 3.45 29.25 3.87
CA ARG C 519 4.17 30.53 3.93
C ARG C 519 5.50 30.43 3.18
N ASN C 520 6.15 29.28 3.32
CA ASN C 520 7.40 29.01 2.66
C ASN C 520 7.33 29.04 1.13
N VAL C 521 6.32 28.39 0.56
CA VAL C 521 6.22 28.38 -0.90
C VAL C 521 5.96 29.79 -1.44
N MET C 522 5.15 30.60 -0.78
CA MET C 522 4.80 31.94 -1.30
C MET C 522 5.97 32.91 -1.54
N ARG C 523 6.88 32.99 -0.56
CA ARG C 523 8.02 33.89 -0.66
C ARG C 523 8.90 33.44 -1.80
N ILE C 524 9.31 32.18 -1.71
CA ILE C 524 10.14 31.54 -2.70
C ILE C 524 9.45 31.48 -4.08
N SER C 525 8.20 31.01 -4.12
CA SER C 525 7.55 30.78 -5.41
C SER C 525 6.02 30.97 -5.31
N PRO C 526 5.51 32.15 -5.70
CA PRO C 526 4.07 32.41 -5.62
C PRO C 526 3.20 31.57 -6.56
N ASP C 527 3.70 31.27 -7.76
CA ASP C 527 2.90 30.54 -8.74
C ASP C 527 2.50 29.15 -8.24
N GLN C 528 3.44 28.44 -7.65
CA GLN C 528 3.19 27.12 -7.10
C GLN C 528 2.29 27.19 -5.88
N GLY C 529 2.39 28.30 -5.14
CA GLY C 529 1.64 28.49 -3.91
C GLY C 529 0.16 28.24 -4.04
N GLN C 530 -0.46 28.80 -5.08
CA GLN C 530 -1.87 28.62 -5.34
C GLN C 530 -2.24 27.16 -5.63
N GLN C 531 -1.39 26.48 -6.39
CA GLN C 531 -1.59 25.07 -6.71
C GLN C 531 -1.55 24.26 -5.42
N PHE C 532 -0.58 24.57 -4.58
CA PHE C 532 -0.35 23.91 -3.29
C PHE C 532 -1.55 24.13 -2.34
N ALA C 533 -2.08 25.35 -2.29
CA ALA C 533 -3.21 25.67 -1.43
C ALA C 533 -4.42 24.81 -1.78
N GLN C 534 -4.53 24.50 -3.06
CA GLN C 534 -5.59 23.64 -3.57
C GLN C 534 -5.50 22.24 -3.01
N MET C 535 -4.28 21.74 -2.88
CA MET C 535 -4.03 20.40 -2.38
C MET C 535 -4.39 20.23 -0.89
N LEU C 536 -4.24 21.30 -0.10
CA LEU C 536 -4.58 21.24 1.33
C LEU C 536 -6.05 21.01 1.59
N VAL C 537 -6.89 21.42 0.66
CA VAL C 537 -8.32 21.25 0.84
C VAL C 537 -8.85 20.11 -0.01
N PRO C 542 -9.52 17.74 5.21
CA PRO C 542 -8.68 18.89 4.87
C PRO C 542 -7.44 18.98 5.75
N LEU C 543 -6.27 19.09 5.15
CA LEU C 543 -5.01 19.18 5.88
C LEU C 543 -4.78 20.54 6.52
N ALA C 544 -5.79 21.41 6.48
CA ALA C 544 -5.70 22.75 7.06
C ALA C 544 -6.99 23.56 6.98
N ASP C 545 -7.06 24.59 7.82
CA ASP C 545 -8.19 25.50 7.84
C ASP C 545 -8.21 26.48 6.66
N ILE C 546 -9.35 26.58 5.98
CA ILE C 546 -9.46 27.45 4.81
C ILE C 546 -9.25 28.90 5.21
N THR C 547 -9.77 29.26 6.39
CA THR C 547 -9.59 30.61 6.91
C THR C 547 -8.11 30.91 7.12
N GLN C 548 -7.38 29.96 7.68
CA GLN C 548 -5.94 30.13 7.87
C GLN C 548 -5.23 30.21 6.53
N ILE C 549 -5.75 29.54 5.52
CA ILE C 549 -5.11 29.52 4.23
C ILE C 549 -5.26 30.84 3.49
N VAL C 550 -6.44 31.45 3.56
CA VAL C 550 -6.67 32.70 2.88
C VAL C 550 -5.92 33.89 3.49
N ASP C 551 -5.76 33.93 4.82
CA ASP C 551 -5.04 35.05 5.38
C ASP C 551 -3.54 34.91 5.08
N VAL C 552 -3.10 33.72 4.70
CA VAL C 552 -1.72 33.56 4.25
C VAL C 552 -1.59 34.22 2.88
N PHE C 553 -2.61 34.05 2.04
CA PHE C 553 -2.64 34.70 0.73
C PHE C 553 -2.60 36.20 0.92
N MET C 554 -3.42 36.67 1.85
CA MET C 554 -3.54 38.09 2.15
C MET C 554 -2.23 38.68 2.71
N GLU C 555 -1.48 37.90 3.49
CA GLU C 555 -0.20 38.35 4.05
C GLU C 555 0.82 38.66 2.96
N TYR C 556 0.85 37.80 1.95
CA TYR C 556 1.77 37.95 0.82
C TYR C 556 1.25 38.82 -0.32
N ASN C 557 0.07 39.41 -0.15
CA ASN C 557 -0.48 40.30 -1.16
C ASN C 557 -0.71 39.58 -2.50
N LEU C 558 -1.27 38.38 -2.41
CA LEU C 558 -1.63 37.59 -3.61
C LEU C 558 -3.14 37.49 -3.79
N ILE C 559 -3.75 38.64 -4.06
CA ILE C 559 -5.21 38.79 -4.17
C ILE C 559 -5.93 38.00 -5.26
N GLN C 560 -5.45 38.09 -6.48
CA GLN C 560 -6.11 37.44 -7.60
C GLN C 560 -6.11 35.92 -7.48
N GLN C 561 -5.00 35.36 -6.98
CA GLN C 561 -4.86 33.92 -6.81
C GLN C 561 -5.73 33.37 -5.69
N CYS C 562 -5.91 34.15 -4.62
CA CYS C 562 -6.75 33.74 -3.51
C CYS C 562 -8.18 33.63 -3.99
N THR C 563 -8.59 34.64 -4.76
CA THR C 563 -9.91 34.68 -5.37
C THR C 563 -10.12 33.45 -6.23
N ALA C 564 -9.15 33.17 -7.11
CA ALA C 564 -9.18 31.99 -7.97
C ALA C 564 -9.23 30.69 -7.17
N PHE C 565 -8.44 30.65 -6.11
CA PHE C 565 -8.37 29.47 -5.23
C PHE C 565 -9.72 29.16 -4.58
N LEU C 566 -10.40 30.20 -4.12
CA LEU C 566 -11.71 30.04 -3.47
C LEU C 566 -12.82 29.70 -4.47
N LEU C 567 -12.76 30.30 -5.66
CA LEU C 567 -13.74 30.01 -6.71
C LEU C 567 -13.60 28.58 -7.20
N ASP C 568 -12.36 28.09 -7.20
CA ASP C 568 -12.09 26.70 -7.57
C ASP C 568 -12.67 25.76 -6.51
N ALA C 569 -12.54 26.17 -5.25
CA ALA C 569 -13.06 25.40 -4.12
C ALA C 569 -14.59 25.30 -4.14
N LEU C 570 -15.24 26.31 -4.69
CA LEU C 570 -16.70 26.31 -4.80
C LEU C 570 -17.18 25.34 -5.87
N LYS C 571 -16.45 25.28 -6.98
CA LYS C 571 -16.78 24.38 -8.07
C LYS C 571 -16.64 22.91 -7.69
N ASN C 572 -17.73 22.17 -7.77
CA ASN C 572 -17.72 20.75 -7.45
C ASN C 572 -17.38 19.90 -8.66
N GLN D 3 -25.40 27.79 55.42
CA GLN D 3 -25.76 27.07 54.21
C GLN D 3 -24.97 27.59 53.01
N ILE D 4 -24.97 26.82 51.92
CA ILE D 4 -24.23 27.19 50.73
C ILE D 4 -24.85 28.32 49.92
N LEU D 5 -23.97 29.06 49.22
CA LEU D 5 -24.39 30.11 48.29
C LEU D 5 -23.58 29.97 47.00
N PRO D 6 -24.15 30.41 45.86
CA PRO D 6 -23.44 30.19 44.61
C PRO D 6 -22.33 31.20 44.35
N ILE D 7 -22.18 32.18 45.22
CA ILE D 7 -21.14 33.19 45.05
C ILE D 7 -20.03 33.07 46.10
N ARG D 8 -18.94 33.76 45.83
CA ARG D 8 -17.82 33.82 46.76
C ARG D 8 -17.50 35.29 46.98
N PHE D 9 -18.09 35.86 48.02
CA PHE D 9 -17.90 37.27 48.37
C PHE D 9 -16.65 37.46 49.21
N GLN D 10 -15.85 38.47 48.86
CA GLN D 10 -14.58 38.67 49.54
C GLN D 10 -14.21 40.15 49.65
N GLU D 11 -13.63 40.52 50.79
CA GLU D 11 -13.10 41.87 50.96
C GLU D 11 -11.59 41.78 50.82
N HIS D 12 -11.08 42.31 49.72
CA HIS D 12 -9.66 42.21 49.43
C HIS D 12 -8.82 43.20 50.23
N LEU D 13 -9.32 44.43 50.41
CA LEU D 13 -8.62 45.40 51.23
C LEU D 13 -9.46 46.64 51.56
N GLN D 14 -9.02 47.36 52.60
CA GLN D 14 -9.62 48.61 53.01
C GLN D 14 -8.64 49.72 52.66
N LEU D 15 -9.04 50.62 51.77
CA LEU D 15 -8.15 51.68 51.31
C LEU D 15 -7.78 52.65 52.41
N GLN D 16 -8.66 52.79 53.41
CA GLN D 16 -8.38 53.66 54.55
C GLN D 16 -7.14 53.17 55.31
N ASN D 17 -6.88 51.87 55.23
CA ASN D 17 -5.71 51.29 55.89
C ASN D 17 -4.42 51.50 55.11
N LEU D 18 -4.51 52.30 54.06
CA LEU D 18 -3.35 52.59 53.22
C LEU D 18 -3.11 54.09 53.09
N GLY D 19 -3.61 54.85 54.07
CA GLY D 19 -3.43 56.28 54.12
C GLY D 19 -4.26 57.07 53.11
N ILE D 20 -5.16 56.38 52.42
CA ILE D 20 -6.02 57.02 51.44
C ILE D 20 -7.08 57.88 52.13
N ASN D 21 -7.18 59.14 51.72
CA ASN D 21 -8.15 60.07 52.27
C ASN D 21 -9.58 59.66 51.90
N PRO D 22 -10.47 59.52 52.90
CA PRO D 22 -11.86 59.13 52.63
C PRO D 22 -12.54 59.99 51.56
N ALA D 23 -12.20 61.28 51.51
CA ALA D 23 -12.77 62.20 50.54
C ALA D 23 -12.43 61.89 49.09
N ASN D 24 -11.27 61.29 48.86
CA ASN D 24 -10.83 60.95 47.50
C ASN D 24 -11.37 59.62 46.99
N ILE D 25 -12.17 58.95 47.81
CA ILE D 25 -12.75 57.68 47.43
C ILE D 25 -14.08 57.95 46.71
N GLY D 26 -13.98 58.24 45.42
CA GLY D 26 -15.13 58.56 44.60
C GLY D 26 -14.86 58.54 43.11
N PHE D 27 -15.94 58.48 42.32
CA PHE D 27 -15.88 58.43 40.86
C PHE D 27 -14.95 59.44 40.19
N SER D 28 -14.90 60.66 40.72
CA SER D 28 -14.10 61.74 40.14
C SER D 28 -12.60 61.67 40.47
N THR D 29 -12.26 61.03 41.57
CA THR D 29 -10.86 61.01 42.00
C THR D 29 -10.21 59.61 42.00
N LEU D 30 -11.03 58.56 42.03
CA LEU D 30 -10.53 57.19 42.04
C LEU D 30 -10.93 56.42 40.77
N THR D 31 -9.96 55.76 40.13
CA THR D 31 -10.25 54.97 38.92
C THR D 31 -9.80 53.51 38.98
N MET D 32 -10.58 52.65 38.35
CA MET D 32 -10.29 51.23 38.25
C MET D 32 -10.61 50.69 36.87
N GLU D 33 -9.59 50.32 36.10
CA GLU D 33 -9.82 49.89 34.73
C GLU D 33 -9.62 48.39 34.57
N SER D 34 -9.08 47.76 35.60
CA SER D 34 -8.86 46.32 35.59
C SER D 34 -8.56 45.85 37.01
N ASP D 35 -8.58 44.54 37.24
CA ASP D 35 -8.28 44.02 38.58
C ASP D 35 -6.81 44.18 38.96
N LYS D 36 -6.00 44.73 38.05
CA LYS D 36 -4.56 44.88 38.28
C LYS D 36 -4.19 46.12 39.11
N PHE D 37 -4.80 47.27 38.83
CA PHE D 37 -4.44 48.51 39.52
C PHE D 37 -5.62 49.34 39.99
N ILE D 38 -5.36 50.15 41.00
CA ILE D 38 -6.32 51.15 41.47
C ILE D 38 -5.60 52.50 41.50
N CYS D 39 -6.09 53.47 40.75
CA CYS D 39 -5.41 54.76 40.63
C CYS D 39 -6.21 55.92 41.24
N ILE D 40 -5.57 56.60 42.19
CA ILE D 40 -6.21 57.67 42.98
C ILE D 40 -5.58 59.05 42.80
N ARG D 41 -6.40 60.09 42.65
CA ARG D 41 -5.87 61.46 42.54
C ARG D 41 -6.12 62.26 43.82
N GLU D 42 -5.03 62.64 44.48
CA GLU D 42 -5.10 63.32 45.75
C GLU D 42 -4.40 64.68 45.72
N LYS D 43 -4.59 65.46 46.79
CA LYS D 43 -3.89 66.72 46.98
C LYS D 43 -3.26 66.71 48.34
N VAL D 44 -1.97 66.47 48.42
CA VAL D 44 -1.37 66.63 49.72
C VAL D 44 -0.79 68.03 49.88
N GLY D 45 -1.32 68.83 50.80
CA GLY D 45 -0.65 70.07 51.17
C GLY D 45 -0.13 71.00 50.08
N GLU D 46 -0.99 71.39 49.14
CA GLU D 46 -0.64 72.27 48.00
C GLU D 46 0.18 71.59 46.89
N GLN D 47 0.33 70.27 47.00
CA GLN D 47 0.96 69.44 45.99
C GLN D 47 -0.02 68.46 45.32
N ALA D 48 -0.10 68.48 43.99
CA ALA D 48 -0.98 67.56 43.27
C ALA D 48 -0.27 66.25 42.96
N GLN D 49 -0.83 65.14 43.40
CA GLN D 49 -0.17 63.88 43.16
C GLN D 49 -1.11 62.75 42.81
N VAL D 50 -0.50 61.65 42.37
CA VAL D 50 -1.23 60.47 41.95
C VAL D 50 -0.73 59.22 42.67
N VAL D 51 -1.66 58.50 43.30
CA VAL D 51 -1.33 57.27 44.00
C VAL D 51 -1.76 56.04 43.22
N ILE D 52 -0.81 55.15 42.97
CA ILE D 52 -1.07 53.91 42.24
C ILE D 52 -0.92 52.66 43.10
N ILE D 53 -1.99 51.88 43.20
CA ILE D 53 -1.95 50.66 43.98
C ILE D 53 -1.93 49.39 43.13
N ASP D 54 -0.80 48.69 43.18
CA ASP D 54 -0.66 47.42 42.49
C ASP D 54 -1.41 46.38 43.32
N MET D 55 -2.29 45.61 42.68
CA MET D 55 -3.11 44.66 43.42
C MET D 55 -2.34 43.36 43.73
N ASN D 56 -1.21 43.17 43.06
CA ASN D 56 -0.34 42.04 43.36
C ASN D 56 0.44 42.32 44.63
N ASP D 57 0.82 43.58 44.79
CA ASP D 57 1.46 44.05 46.01
C ASP D 57 0.73 45.31 46.47
N PRO D 58 -0.38 45.11 47.21
CA PRO D 58 -1.20 46.23 47.68
C PRO D 58 -0.67 46.93 48.91
N SER D 59 0.14 46.22 49.70
CA SER D 59 0.71 46.76 50.93
C SER D 59 1.54 48.03 50.72
N ASN D 60 2.26 48.10 49.60
CA ASN D 60 3.12 49.24 49.32
C ASN D 60 2.68 50.09 48.12
N PRO D 61 1.91 51.15 48.36
CA PRO D 61 1.49 52.03 47.27
C PRO D 61 2.53 53.10 46.91
N ILE D 62 2.54 53.51 45.66
CA ILE D 62 3.49 54.51 45.17
C ILE D 62 2.85 55.89 45.03
N ARG D 63 3.38 56.88 45.77
CA ARG D 63 2.88 58.25 45.65
C ARG D 63 3.80 59.11 44.80
N ARG D 64 3.39 59.36 43.56
CA ARG D 64 4.16 60.18 42.63
C ARG D 64 3.52 61.54 42.48
N PRO D 65 4.34 62.62 42.46
CA PRO D 65 3.75 63.95 42.35
C PRO D 65 3.40 64.32 40.92
N ILE D 66 2.13 64.09 40.56
CA ILE D 66 1.64 64.34 39.20
C ILE D 66 0.42 65.24 39.21
N SER D 67 0.44 66.27 38.37
CA SER D 67 -0.69 67.19 38.23
C SER D 67 -1.54 66.88 36.98
N ALA D 68 -2.72 66.29 37.19
CA ALA D 68 -3.60 65.91 36.08
C ALA D 68 -5.08 65.95 36.47
N ASP D 69 -5.96 66.28 35.53
CA ASP D 69 -7.39 66.29 35.85
C ASP D 69 -8.05 64.94 35.70
N SER D 70 -7.29 63.96 35.21
CA SER D 70 -7.80 62.60 35.08
C SER D 70 -6.65 61.66 34.82
N ALA D 71 -6.68 60.48 35.45
CA ALA D 71 -5.60 59.52 35.29
C ALA D 71 -6.08 58.08 35.30
N ILE D 72 -5.88 57.40 34.18
CA ILE D 72 -6.33 56.01 34.04
C ILE D 72 -5.21 55.07 33.57
N MET D 73 -4.98 54.03 34.37
CA MET D 73 -3.95 53.03 34.11
C MET D 73 -4.32 52.06 32.99
N ASN D 74 -3.30 51.45 32.40
CA ASN D 74 -3.51 50.42 31.38
C ASN D 74 -4.07 49.18 32.07
N PRO D 75 -4.95 48.43 31.38
CA PRO D 75 -5.51 47.24 32.02
C PRO D 75 -4.48 46.18 32.44
N ALA D 76 -3.24 46.30 32.01
CA ALA D 76 -2.21 45.34 32.43
C ALA D 76 -0.84 46.00 32.64
N SER D 77 -0.39 46.72 31.63
CA SER D 77 0.92 47.36 31.67
C SER D 77 1.06 48.45 32.72
N LYS D 78 2.30 48.74 33.10
CA LYS D 78 2.57 49.82 34.03
C LYS D 78 2.61 51.13 33.23
N VAL D 79 1.55 51.34 32.47
CA VAL D 79 1.41 52.50 31.60
C VAL D 79 0.19 53.31 32.01
N ILE D 80 0.36 54.62 32.17
CA ILE D 80 -0.76 55.46 32.58
C ILE D 80 -1.14 56.50 31.53
N ALA D 81 -2.41 56.89 31.52
CA ALA D 81 -2.90 57.95 30.65
C ALA D 81 -3.44 59.10 31.50
N LEU D 82 -2.88 60.29 31.29
CA LEU D 82 -3.21 61.46 32.12
C LEU D 82 -3.70 62.68 31.35
N LYS D 83 -4.68 63.37 31.91
CA LYS D 83 -5.19 64.58 31.28
C LYS D 83 -4.71 65.78 32.09
N ALA D 84 -4.05 66.72 31.41
CA ALA D 84 -3.51 67.94 32.00
C ALA D 84 -3.75 69.15 31.10
N GLY D 85 -4.71 69.99 31.48
CA GLY D 85 -5.00 71.20 30.74
C GLY D 85 -5.76 70.80 29.48
N LYS D 86 -5.24 71.17 28.32
CA LYS D 86 -5.87 70.71 27.09
C LYS D 86 -4.93 69.76 26.37
N THR D 87 -4.26 68.91 27.15
CA THR D 87 -3.31 67.97 26.58
C THR D 87 -3.37 66.57 27.17
N LEU D 88 -3.56 65.58 26.32
CA LEU D 88 -3.64 64.19 26.74
C LEU D 88 -2.26 63.56 26.56
N GLN D 89 -1.94 62.59 27.40
CA GLN D 89 -0.59 62.02 27.39
C GLN D 89 -0.52 60.59 27.91
N ILE D 90 -0.07 59.68 27.05
CA ILE D 90 0.17 58.30 27.46
C ILE D 90 1.61 58.21 27.97
N PHE D 91 1.74 57.90 29.25
CA PHE D 91 3.02 57.98 29.94
C PHE D 91 3.49 56.64 30.52
N ASN D 92 4.76 56.32 30.36
CA ASN D 92 5.33 55.09 30.92
C ASN D 92 5.81 55.29 32.35
N ILE D 93 5.13 54.65 33.28
CA ILE D 93 5.43 54.81 34.70
C ILE D 93 6.82 54.30 35.06
N GLU D 94 7.13 53.07 34.65
CA GLU D 94 8.41 52.45 34.95
C GLU D 94 9.61 53.18 34.36
N MET D 95 9.46 53.63 33.12
CA MET D 95 10.54 54.31 32.41
C MET D 95 10.55 55.82 32.57
N LYS D 96 9.62 56.34 33.39
CA LYS D 96 9.42 57.78 33.60
C LYS D 96 9.54 58.60 32.32
N SER D 97 9.01 58.05 31.23
CA SER D 97 9.08 58.71 29.92
C SER D 97 7.71 58.75 29.23
N LYS D 98 7.47 59.81 28.46
CA LYS D 98 6.21 59.96 27.73
C LYS D 98 6.19 59.12 26.45
N MET D 99 5.13 58.31 26.30
CA MET D 99 4.98 57.47 25.12
C MET D 99 4.28 58.20 23.97
N LYS D 100 3.06 58.65 24.23
CA LYS D 100 2.29 59.38 23.21
C LYS D 100 1.71 60.67 23.79
N ALA D 101 1.19 61.52 22.92
CA ALA D 101 0.56 62.77 23.36
C ALA D 101 -0.40 63.33 22.32
N HIS D 102 -1.43 64.03 22.79
CA HIS D 102 -2.40 64.66 21.90
C HIS D 102 -3.13 65.82 22.56
N THR D 103 -3.31 66.89 21.78
CA THR D 103 -4.06 68.05 22.21
C THR D 103 -5.39 68.10 21.47
N MET D 104 -6.49 68.02 22.22
CA MET D 104 -7.83 67.97 21.63
C MET D 104 -8.48 69.34 21.45
N THR D 105 -9.19 69.49 20.34
CA THR D 105 -9.91 70.73 20.04
C THR D 105 -11.03 70.97 21.05
N ASP D 106 -12.04 70.09 21.05
CA ASP D 106 -13.10 70.18 22.05
C ASP D 106 -12.81 69.18 23.18
N ASP D 107 -13.08 69.62 24.40
CA ASP D 107 -12.75 68.89 25.61
C ASP D 107 -13.22 67.45 25.70
N VAL D 108 -12.36 66.60 26.25
CA VAL D 108 -12.69 65.19 26.48
C VAL D 108 -13.44 65.04 27.81
N THR D 109 -14.72 64.75 27.71
CA THR D 109 -15.59 64.65 28.87
C THR D 109 -15.53 63.28 29.56
N PHE D 110 -15.10 62.25 28.84
CA PHE D 110 -14.99 60.90 29.39
C PHE D 110 -13.96 60.08 28.61
N TRP D 111 -13.20 59.24 29.31
CA TRP D 111 -12.26 58.34 28.63
C TRP D 111 -11.99 57.05 29.40
N LYS D 112 -11.75 55.96 28.65
CA LYS D 112 -11.62 54.63 29.21
C LYS D 112 -10.69 53.78 28.34
N TRP D 113 -10.05 52.78 28.93
CA TRP D 113 -9.23 51.86 28.14
C TRP D 113 -10.11 50.78 27.55
N ILE D 114 -10.21 50.77 26.23
CA ILE D 114 -11.01 49.77 25.54
C ILE D 114 -10.35 48.41 25.62
N SER D 115 -9.03 48.39 25.45
CA SER D 115 -8.27 47.17 25.56
C SER D 115 -6.84 47.50 25.92
N LEU D 116 -5.98 46.51 25.82
CA LEU D 116 -4.56 46.73 25.97
C LEU D 116 -4.11 47.39 24.66
N ASN D 117 -3.55 48.59 24.78
CA ASN D 117 -3.05 49.43 23.67
C ASN D 117 -4.15 50.17 22.89
N THR D 118 -5.23 50.53 23.58
CA THR D 118 -6.30 51.34 22.97
C THR D 118 -7.15 52.05 24.03
N VAL D 119 -7.17 53.39 23.96
CA VAL D 119 -7.98 54.20 24.87
C VAL D 119 -9.02 55.03 24.12
N ALA D 120 -10.28 54.91 24.54
CA ALA D 120 -11.38 55.64 23.90
C ALA D 120 -11.64 57.03 24.48
N LEU D 121 -11.90 58.00 23.60
CA LEU D 121 -12.15 59.37 24.01
C LEU D 121 -13.54 59.86 23.64
N VAL D 122 -14.20 60.49 24.61
CA VAL D 122 -15.55 61.00 24.41
C VAL D 122 -15.61 62.50 24.61
N THR D 123 -15.93 63.20 23.54
CA THR D 123 -16.15 64.64 23.60
C THR D 123 -17.65 64.86 23.62
N ASP D 124 -18.10 66.10 23.70
CA ASP D 124 -19.53 66.35 23.72
C ASP D 124 -20.19 66.03 22.38
N ASN D 125 -19.39 65.87 21.34
CA ASN D 125 -19.94 65.67 20.00
C ASN D 125 -19.65 64.31 19.36
N ALA D 126 -18.55 63.67 19.73
CA ALA D 126 -18.21 62.39 19.11
C ALA D 126 -17.37 61.47 19.99
N VAL D 127 -17.15 60.25 19.50
CA VAL D 127 -16.36 59.23 20.20
C VAL D 127 -15.12 58.81 19.39
N TYR D 128 -13.96 58.80 20.02
CA TYR D 128 -12.71 58.49 19.34
C TYR D 128 -11.98 57.27 19.90
N HIS D 129 -11.16 56.65 19.05
CA HIS D 129 -10.29 55.56 19.48
C HIS D 129 -8.81 55.91 19.30
N TRP D 130 -8.07 55.97 20.40
CA TRP D 130 -6.66 56.36 20.38
C TRP D 130 -5.77 55.18 20.78
N SER D 131 -4.95 54.70 19.84
CA SER D 131 -4.07 53.57 20.09
C SER D 131 -2.80 53.99 20.83
N MET D 132 -2.41 53.20 21.83
CA MET D 132 -1.20 53.47 22.59
C MET D 132 0.05 53.12 21.77
N GLU D 133 -0.08 52.17 20.86
CA GLU D 133 1.05 51.76 20.02
C GLU D 133 1.26 52.69 18.82
N GLY D 134 2.54 52.86 18.45
CA GLY D 134 2.92 53.64 17.27
C GLY D 134 2.73 55.14 17.32
N GLU D 135 2.51 55.75 16.15
CA GLU D 135 2.29 57.21 16.04
C GLU D 135 0.97 57.50 15.32
N SER D 136 -0.11 57.01 15.90
CA SER D 136 -1.44 57.21 15.35
C SER D 136 -2.29 58.15 16.22
N GLN D 137 -2.86 59.18 15.60
CA GLN D 137 -3.72 60.14 16.29
C GLN D 137 -5.08 59.50 16.60
N PRO D 138 -5.83 60.07 17.57
CA PRO D 138 -7.16 59.54 17.87
C PRO D 138 -8.10 59.53 16.66
N VAL D 139 -8.71 58.39 16.41
CA VAL D 139 -9.57 58.19 15.24
C VAL D 139 -11.05 58.26 15.59
N LYS D 140 -11.78 59.12 14.89
CA LYS D 140 -13.22 59.26 15.09
C LYS D 140 -13.98 58.00 14.70
N MET D 141 -14.81 57.51 15.63
CA MET D 141 -15.57 56.29 15.41
C MET D 141 -17.01 56.60 14.98
N PHE D 142 -17.67 57.50 15.69
CA PHE D 142 -19.04 57.90 15.36
C PHE D 142 -19.42 59.19 16.08
N ASP D 143 -20.46 59.85 15.58
CA ASP D 143 -20.96 61.10 16.18
C ASP D 143 -21.96 60.82 17.29
N ARG D 144 -21.88 61.59 18.37
CA ARG D 144 -22.79 61.43 19.51
C ARG D 144 -24.25 61.75 19.17
N HIS D 145 -25.14 60.85 19.57
CA HIS D 145 -26.57 61.00 19.32
C HIS D 145 -27.18 62.12 20.18
N SER D 146 -28.21 62.77 19.65
CA SER D 146 -28.90 63.87 20.36
C SER D 146 -29.54 63.42 21.68
N SER D 147 -29.91 62.15 21.76
CA SER D 147 -30.52 61.60 22.96
C SER D 147 -29.57 61.63 24.16
N LEU D 148 -28.27 61.60 23.90
CA LEU D 148 -27.26 61.63 24.94
C LEU D 148 -26.75 63.04 25.27
N ALA D 149 -27.30 64.04 24.60
CA ALA D 149 -26.92 65.43 24.85
C ALA D 149 -27.31 65.88 26.26
N GLY D 150 -26.34 66.45 26.97
CA GLY D 150 -26.54 66.92 28.33
C GLY D 150 -26.35 65.86 29.40
N CYS D 151 -26.13 64.62 28.96
CA CYS D 151 -25.93 63.49 29.88
C CYS D 151 -24.52 63.42 30.46
N GLN D 152 -24.42 62.89 31.66
CA GLN D 152 -23.12 62.61 32.25
C GLN D 152 -22.71 61.22 31.79
N ILE D 153 -21.64 61.15 31.01
CA ILE D 153 -21.19 59.88 30.47
C ILE D 153 -20.61 59.03 31.57
N ILE D 154 -21.18 57.84 31.73
CA ILE D 154 -20.81 56.98 32.83
C ILE D 154 -19.97 55.78 32.37
N ASN D 155 -20.12 55.37 31.11
CA ASN D 155 -19.34 54.26 30.57
C ASN D 155 -19.30 54.17 29.02
N TYR D 156 -18.32 53.43 28.51
CA TYR D 156 -18.19 53.13 27.08
C TYR D 156 -17.66 51.70 26.84
N ARG D 157 -18.42 50.90 26.09
CA ARG D 157 -18.08 49.50 25.87
C ARG D 157 -18.09 49.08 24.39
N THR D 158 -17.36 48.01 24.07
CA THR D 158 -17.33 47.43 22.73
C THR D 158 -17.32 45.91 22.83
N ASP D 159 -17.78 45.24 21.78
CA ASP D 159 -17.71 43.78 21.76
C ASP D 159 -16.28 43.33 21.48
N ALA D 160 -16.04 42.02 21.49
CA ALA D 160 -14.70 41.47 21.26
C ALA D 160 -14.11 41.93 19.93
N LYS D 161 -14.85 41.69 18.85
CA LYS D 161 -14.41 42.09 17.53
C LYS D 161 -14.42 43.61 17.32
N GLN D 162 -14.98 44.32 18.30
CA GLN D 162 -15.06 45.79 18.28
C GLN D 162 -15.79 46.31 17.06
N LYS D 163 -16.83 45.59 16.66
CA LYS D 163 -17.67 45.97 15.53
C LYS D 163 -18.92 46.66 16.08
N TRP D 164 -19.16 46.51 17.37
CA TRP D 164 -20.28 47.17 18.01
C TRP D 164 -19.79 48.03 19.18
N LEU D 165 -20.17 49.31 19.15
CA LEU D 165 -19.72 50.26 20.16
C LEU D 165 -20.90 50.80 20.95
N LEU D 166 -20.70 51.05 22.24
CA LEU D 166 -21.80 51.49 23.10
C LEU D 166 -21.42 52.56 24.11
N LEU D 167 -22.08 53.73 23.99
CA LEU D 167 -21.87 54.84 24.90
C LEU D 167 -23.06 54.99 25.86
N THR D 168 -22.78 55.04 27.16
CA THR D 168 -23.83 55.17 28.16
C THR D 168 -23.73 56.48 28.92
N GLY D 169 -24.86 57.19 29.03
CA GLY D 169 -24.93 58.44 29.77
C GLY D 169 -26.18 58.51 30.64
N ILE D 170 -26.08 59.19 31.78
CA ILE D 170 -27.23 59.34 32.67
C ILE D 170 -27.56 60.80 32.97
N SER D 171 -28.83 61.07 33.25
CA SER D 171 -29.30 62.42 33.52
C SER D 171 -30.51 62.39 34.46
N ALA D 172 -30.71 63.48 35.21
CA ALA D 172 -31.81 63.58 36.14
C ALA D 172 -33.09 64.12 35.48
N GLN D 173 -34.08 63.25 35.31
CA GLN D 173 -35.34 63.61 34.69
C GLN D 173 -36.51 63.21 35.58
N GLN D 174 -37.22 64.23 36.10
CA GLN D 174 -38.37 64.04 36.98
C GLN D 174 -37.97 63.30 38.26
N ASN D 175 -36.96 63.84 38.94
CA ASN D 175 -36.45 63.28 40.19
C ASN D 175 -36.00 61.82 40.11
N ARG D 176 -35.59 61.40 38.92
CA ARG D 176 -35.11 60.03 38.70
C ARG D 176 -33.94 60.02 37.73
N VAL D 177 -32.97 59.15 38.00
CA VAL D 177 -31.82 59.01 37.13
C VAL D 177 -32.17 58.20 35.90
N VAL D 178 -32.08 58.84 34.72
CA VAL D 178 -32.45 58.20 33.46
C VAL D 178 -31.24 57.85 32.60
N GLY D 179 -31.16 56.57 32.21
CA GLY D 179 -30.05 56.09 31.41
C GLY D 179 -30.26 56.16 29.91
N ALA D 180 -29.30 56.77 29.21
CA ALA D 180 -29.38 56.88 27.75
C ALA D 180 -28.19 56.20 27.09
N MET D 181 -28.45 55.31 26.15
CA MET D 181 -27.37 54.61 25.45
C MET D 181 -27.43 54.78 23.93
N GLN D 182 -26.27 54.69 23.30
CA GLN D 182 -26.14 54.75 21.84
C GLN D 182 -25.37 53.53 21.32
N LEU D 183 -26.07 52.65 20.63
CA LEU D 183 -25.44 51.45 20.07
C LEU D 183 -25.09 51.63 18.59
N TYR D 184 -23.80 51.68 18.30
CA TYR D 184 -23.31 51.90 16.95
C TYR D 184 -22.76 50.64 16.29
N SER D 185 -23.21 50.36 15.07
CA SER D 185 -22.66 49.25 14.33
C SER D 185 -21.62 49.79 13.36
N VAL D 186 -20.40 49.28 13.46
CA VAL D 186 -19.31 49.75 12.62
C VAL D 186 -19.52 49.39 11.15
N ASP D 187 -19.91 48.15 10.90
CA ASP D 187 -20.14 47.68 9.55
C ASP D 187 -21.29 48.41 8.86
N ARG D 188 -22.43 48.48 9.54
CA ARG D 188 -23.61 49.15 9.00
C ARG D 188 -23.57 50.68 9.12
N LYS D 189 -22.62 51.20 9.89
CA LYS D 189 -22.46 52.65 10.11
C LYS D 189 -23.70 53.40 10.62
N VAL D 190 -24.47 52.76 11.48
CA VAL D 190 -25.67 53.39 12.04
C VAL D 190 -25.79 53.25 13.56
N SER D 191 -26.46 54.21 14.17
CA SER D 191 -26.66 54.22 15.63
C SER D 191 -28.12 53.99 16.05
N GLN D 192 -28.30 53.31 17.17
CA GLN D 192 -29.61 53.06 17.76
C GLN D 192 -29.68 53.61 19.19
N PRO D 193 -30.59 54.56 19.45
CA PRO D 193 -30.70 55.03 20.84
C PRO D 193 -31.49 54.05 21.71
N ILE D 194 -30.94 53.73 22.88
CA ILE D 194 -31.54 52.75 23.79
C ILE D 194 -31.59 53.27 25.23
N GLU D 195 -32.70 53.06 25.93
CA GLU D 195 -32.76 53.45 27.34
C GLU D 195 -32.17 52.35 28.23
N GLY D 196 -30.98 52.62 28.76
CA GLY D 196 -30.29 51.65 29.59
C GLY D 196 -29.38 52.24 30.65
N HIS D 197 -29.26 51.54 31.78
CA HIS D 197 -28.41 51.99 32.88
C HIS D 197 -27.04 51.32 32.88
N ALA D 198 -27.02 50.02 32.61
CA ALA D 198 -25.78 49.27 32.59
C ALA D 198 -25.84 48.19 31.53
N ALA D 199 -24.74 47.99 30.81
CA ALA D 199 -24.73 47.04 29.72
C ALA D 199 -23.39 46.33 29.55
N SER D 200 -23.40 45.30 28.71
CA SER D 200 -22.20 44.51 28.44
C SER D 200 -22.38 43.63 27.22
N PHE D 201 -21.28 43.29 26.55
CA PHE D 201 -21.31 42.40 25.41
C PHE D 201 -20.80 41.01 25.79
N ALA D 202 -21.32 39.99 25.13
CA ALA D 202 -20.90 38.62 25.40
C ALA D 202 -20.90 37.73 24.16
N GLN D 203 -19.93 36.81 24.11
CA GLN D 203 -19.84 35.82 23.04
C GLN D 203 -20.42 34.51 23.58
N PHE D 204 -21.44 33.97 22.91
CA PHE D 204 -22.09 32.79 23.45
C PHE D 204 -22.47 31.82 22.32
N LYS D 205 -21.98 30.58 22.40
CA LYS D 205 -22.32 29.57 21.40
C LYS D 205 -23.55 28.77 21.87
N MET D 206 -24.63 28.88 21.09
CA MET D 206 -25.89 28.21 21.42
C MET D 206 -25.83 26.70 21.33
N GLU D 207 -26.89 26.04 21.80
CA GLU D 207 -27.00 24.58 21.70
C GLU D 207 -27.27 24.21 20.26
N GLY D 208 -26.34 23.47 19.66
CA GLY D 208 -26.45 23.05 18.27
C GLY D 208 -26.13 24.15 17.28
N ASN D 209 -25.24 25.05 17.65
CA ASN D 209 -24.82 26.14 16.78
C ASN D 209 -23.35 26.07 16.41
N ALA D 210 -23.05 26.27 15.13
CA ALA D 210 -21.67 26.18 14.64
C ALA D 210 -20.72 27.24 15.21
N GLU D 211 -21.12 28.51 15.15
CA GLU D 211 -20.27 29.62 15.58
C GLU D 211 -20.81 30.34 16.81
N GLU D 212 -19.94 31.14 17.44
CA GLU D 212 -20.32 31.92 18.60
C GLU D 212 -21.19 33.12 18.23
N SER D 213 -22.26 33.32 18.98
CA SER D 213 -23.14 34.47 18.76
C SER D 213 -22.70 35.65 19.61
N THR D 214 -22.73 36.85 19.05
CA THR D 214 -22.39 38.04 19.81
C THR D 214 -23.65 38.63 20.42
N LEU D 215 -23.72 38.59 21.75
CA LEU D 215 -24.90 39.05 22.47
C LEU D 215 -24.73 40.43 23.08
N PHE D 216 -25.79 41.24 23.03
CA PHE D 216 -25.77 42.53 23.69
C PHE D 216 -26.77 42.50 24.85
N CYS D 217 -26.25 42.61 26.08
CA CYS D 217 -27.10 42.56 27.27
C CYS D 217 -27.11 43.87 28.05
N PHE D 218 -28.29 44.39 28.35
CA PHE D 218 -28.37 45.60 29.15
C PHE D 218 -29.48 45.60 30.19
N ALA D 219 -29.23 46.29 31.28
CA ALA D 219 -30.19 46.39 32.38
C ALA D 219 -30.60 47.84 32.57
N VAL D 220 -31.84 48.05 32.99
CA VAL D 220 -32.36 49.38 33.15
C VAL D 220 -33.52 49.40 34.13
N ARG D 221 -33.72 50.54 34.80
CA ARG D 221 -34.94 50.75 35.56
C ARG D 221 -35.59 51.95 34.91
N GLY D 222 -36.30 51.69 33.82
CA GLY D 222 -36.88 52.74 33.01
C GLY D 222 -38.39 52.77 32.94
N GLN D 223 -38.89 53.01 31.74
CA GLN D 223 -40.31 53.16 31.47
C GLN D 223 -41.10 51.87 31.74
N ALA D 224 -40.48 50.73 31.48
CA ALA D 224 -41.14 49.46 31.74
C ALA D 224 -40.53 48.81 32.98
N GLY D 225 -40.29 49.63 33.99
CA GLY D 225 -39.71 49.20 35.25
C GLY D 225 -38.32 48.61 35.11
N GLY D 226 -37.93 47.79 36.07
CA GLY D 226 -36.64 47.12 36.06
C GLY D 226 -36.61 45.96 35.08
N LYS D 227 -35.74 46.05 34.08
CA LYS D 227 -35.66 45.01 33.04
C LYS D 227 -34.23 44.63 32.66
N LEU D 228 -34.05 43.36 32.33
CA LEU D 228 -32.77 42.87 31.82
C LEU D 228 -33.00 42.32 30.41
N HIS D 229 -32.26 42.84 29.44
CA HIS D 229 -32.43 42.43 28.06
C HIS D 229 -31.22 41.70 27.51
N ILE D 230 -31.45 40.57 26.86
CA ILE D 230 -30.37 39.82 26.22
C ILE D 230 -30.71 39.57 24.76
N ILE D 231 -30.06 40.31 23.86
CA ILE D 231 -30.36 40.27 22.43
C ILE D 231 -29.13 40.00 21.57
N GLU D 232 -29.33 39.39 20.41
CA GLU D 232 -28.25 39.12 19.47
C GLU D 232 -28.03 40.30 18.53
N VAL D 233 -26.79 40.75 18.41
CA VAL D 233 -26.48 41.88 17.52
C VAL D 233 -25.98 41.44 16.16
N GLY D 234 -26.65 41.93 15.13
CA GLY D 234 -26.29 41.67 13.74
C GLY D 234 -26.68 40.33 13.17
N THR D 235 -26.31 40.14 11.90
CA THR D 235 -26.62 38.93 11.17
C THR D 235 -25.92 37.71 11.76
N PRO D 236 -26.69 36.64 12.04
CA PRO D 236 -26.08 35.43 12.57
C PRO D 236 -25.19 34.78 11.52
N PRO D 237 -24.11 34.10 11.96
CA PRO D 237 -23.23 33.43 11.01
C PRO D 237 -23.96 32.36 10.20
N THR D 238 -23.38 31.99 9.07
CA THR D 238 -23.96 30.96 8.21
C THR D 238 -24.03 29.63 8.92
N GLY D 239 -25.23 29.04 8.93
CA GLY D 239 -25.47 27.78 9.60
C GLY D 239 -25.68 27.94 11.09
N ASN D 240 -26.07 29.15 11.49
CA ASN D 240 -26.38 29.42 12.89
C ASN D 240 -27.84 29.77 13.09
N GLN D 241 -28.45 29.23 14.15
CA GLN D 241 -29.81 29.58 14.51
C GLN D 241 -29.73 30.94 15.19
N PRO D 242 -30.77 31.78 15.06
CA PRO D 242 -30.56 33.05 15.77
C PRO D 242 -30.92 32.95 17.25
N PHE D 243 -30.34 33.83 18.06
CA PHE D 243 -30.61 33.87 19.50
C PHE D 243 -31.95 34.54 19.77
N PRO D 244 -32.87 33.81 20.41
CA PRO D 244 -34.18 34.41 20.72
C PRO D 244 -34.05 35.50 21.79
N LYS D 245 -34.44 36.73 21.44
CA LYS D 245 -34.39 37.87 22.35
C LYS D 245 -34.99 37.57 23.70
N LYS D 246 -34.31 38.00 24.75
CA LYS D 246 -34.79 37.81 26.11
C LYS D 246 -35.09 39.14 26.80
N ALA D 247 -36.12 39.13 27.64
CA ALA D 247 -36.48 40.28 28.44
C ALA D 247 -37.08 39.82 29.77
N VAL D 248 -36.33 40.04 30.84
CA VAL D 248 -36.74 39.60 32.17
C VAL D 248 -36.78 40.77 33.15
N ASP D 249 -37.50 40.57 34.25
CA ASP D 249 -37.60 41.59 35.27
C ASP D 249 -36.36 41.65 36.15
N VAL D 250 -36.04 42.86 36.60
CA VAL D 250 -34.97 43.07 37.56
C VAL D 250 -35.61 43.53 38.86
N PHE D 251 -35.41 42.77 39.93
CA PHE D 251 -36.11 43.04 41.18
C PHE D 251 -35.48 44.09 42.08
N PHE D 252 -36.30 45.07 42.45
CA PHE D 252 -35.93 46.10 43.41
C PHE D 252 -36.96 46.06 44.53
N PRO D 253 -36.51 45.77 45.77
CA PRO D 253 -37.43 45.70 46.92
C PRO D 253 -38.17 47.02 47.15
N PRO D 254 -39.29 46.98 47.90
CA PRO D 254 -40.09 48.19 48.12
C PRO D 254 -39.31 49.30 48.82
N GLU D 255 -38.39 48.92 49.71
CA GLU D 255 -37.56 49.89 50.40
C GLU D 255 -36.54 50.53 49.47
N ALA D 256 -36.12 49.80 48.45
CA ALA D 256 -35.08 50.28 47.54
C ALA D 256 -35.63 51.13 46.40
N GLN D 257 -36.49 52.09 46.73
CA GLN D 257 -36.97 53.05 45.75
C GLN D 257 -35.76 53.91 45.41
N ASN D 258 -35.68 54.40 44.17
CA ASN D 258 -34.58 55.24 43.71
C ASN D 258 -33.29 54.48 43.47
N ASP D 259 -33.39 53.17 43.38
CA ASP D 259 -32.24 52.32 43.09
C ASP D 259 -32.24 51.95 41.61
N PHE D 260 -31.05 51.73 41.06
CA PHE D 260 -30.97 51.41 39.65
C PHE D 260 -29.68 50.69 39.33
N PRO D 261 -29.64 49.99 38.20
CA PRO D 261 -28.40 49.29 37.86
C PRO D 261 -27.23 50.26 37.64
N VAL D 262 -26.10 49.93 38.24
CA VAL D 262 -24.91 50.78 38.18
C VAL D 262 -23.79 50.12 37.39
N ALA D 263 -23.67 48.80 37.51
CA ALA D 263 -22.60 48.09 36.80
C ALA D 263 -23.03 46.70 36.34
N MET D 264 -22.41 46.21 35.27
CA MET D 264 -22.69 44.87 34.74
C MET D 264 -21.45 44.23 34.12
N GLN D 265 -21.13 43.02 34.57
CA GLN D 265 -20.03 42.25 34.02
C GLN D 265 -20.53 40.84 33.69
N ILE D 266 -20.25 40.36 32.48
CA ILE D 266 -20.68 39.01 32.10
C ILE D 266 -19.51 38.03 32.11
N SER D 267 -19.69 36.92 32.81
CA SER D 267 -18.66 35.89 32.89
C SER D 267 -18.83 34.85 31.79
N GLU D 268 -17.92 34.89 30.80
CA GLU D 268 -17.96 33.96 29.68
C GLU D 268 -17.72 32.53 30.14
N LYS D 269 -16.93 32.39 31.22
CA LYS D 269 -16.58 31.07 31.77
C LYS D 269 -17.80 30.28 32.21
N HIS D 270 -18.63 30.88 33.06
CA HIS D 270 -19.81 30.20 33.58
C HIS D 270 -21.09 30.63 32.85
N ASP D 271 -20.95 31.61 31.97
CA ASP D 271 -22.09 32.16 31.23
C ASP D 271 -23.16 32.74 32.15
N VAL D 272 -22.72 33.61 33.04
CA VAL D 272 -23.63 34.26 33.98
C VAL D 272 -23.40 35.77 34.01
N VAL D 273 -24.46 36.52 34.32
CA VAL D 273 -24.40 37.96 34.33
C VAL D 273 -24.36 38.55 35.73
N PHE D 274 -23.37 39.40 36.00
CA PHE D 274 -23.27 40.08 37.28
C PHE D 274 -23.89 41.46 37.18
N LEU D 275 -24.74 41.81 38.14
CA LEU D 275 -25.38 43.11 38.15
C LEU D 275 -25.26 43.76 39.52
N ILE D 276 -24.72 44.97 39.55
CA ILE D 276 -24.56 45.72 40.80
C ILE D 276 -25.39 47.00 40.77
N THR D 277 -26.19 47.22 41.81
CA THR D 277 -27.05 48.40 41.86
C THR D 277 -26.45 49.52 42.70
N LYS D 278 -27.05 50.70 42.63
CA LYS D 278 -26.57 51.88 43.34
C LYS D 278 -26.55 51.67 44.86
N TYR D 279 -27.54 50.97 45.38
CA TYR D 279 -27.63 50.73 46.83
C TYR D 279 -26.61 49.72 47.38
N GLY D 280 -26.01 48.94 46.48
CA GLY D 280 -25.03 47.94 46.89
C GLY D 280 -25.49 46.50 46.78
N TYR D 281 -26.59 46.29 46.08
CA TYR D 281 -27.14 44.96 45.83
C TYR D 281 -26.47 44.28 44.65
N ILE D 282 -26.11 43.00 44.80
CA ILE D 282 -25.58 42.26 43.66
C ILE D 282 -26.67 41.34 43.09
N HIS D 283 -26.66 41.14 41.78
CA HIS D 283 -27.63 40.28 41.11
C HIS D 283 -26.89 39.31 40.20
N LEU D 284 -27.35 38.07 40.10
CA LEU D 284 -26.70 37.12 39.21
C LEU D 284 -27.74 36.44 38.33
N TYR D 285 -27.49 36.44 37.01
CA TYR D 285 -28.45 35.92 36.06
C TYR D 285 -27.81 34.94 35.09
N ASP D 286 -28.63 34.03 34.57
CA ASP D 286 -28.20 33.13 33.50
C ASP D 286 -28.15 33.93 32.20
N LEU D 287 -27.02 33.90 31.52
CA LEU D 287 -26.87 34.63 30.27
C LEU D 287 -27.80 34.10 29.18
N GLU D 288 -28.03 32.79 29.19
CA GLU D 288 -28.88 32.15 28.19
C GLU D 288 -30.36 32.52 28.32
N THR D 289 -30.93 32.40 29.52
CA THR D 289 -32.37 32.62 29.69
C THR D 289 -32.74 33.88 30.49
N GLY D 290 -31.78 34.45 31.19
CA GLY D 290 -32.04 35.61 32.04
C GLY D 290 -32.69 35.22 33.36
N THR D 291 -32.63 33.93 33.68
CA THR D 291 -33.16 33.41 34.95
C THR D 291 -32.32 33.96 36.09
N CYS D 292 -32.97 34.44 37.15
CA CYS D 292 -32.20 34.98 38.27
C CYS D 292 -31.62 33.94 39.20
N ILE D 293 -30.32 34.05 39.44
CA ILE D 293 -29.63 33.16 40.35
C ILE D 293 -29.07 33.99 41.49
N TYR D 294 -29.77 34.09 42.63
CA TYR D 294 -29.27 34.81 43.81
C TYR D 294 -29.32 36.34 43.68
N MET D 295 -29.48 37.04 44.80
CA MET D 295 -29.42 38.50 44.81
C MET D 295 -28.62 38.98 46.01
N ASN D 296 -29.31 39.39 47.07
CA ASN D 296 -28.68 39.82 48.33
C ASN D 296 -27.89 41.14 48.23
N ARG D 297 -27.80 41.87 49.34
CA ARG D 297 -26.99 43.10 49.40
C ARG D 297 -25.57 42.81 49.88
N ILE D 298 -24.58 43.31 49.14
CA ILE D 298 -23.19 43.05 49.51
C ILE D 298 -22.51 44.27 50.12
N SER D 299 -23.05 45.45 49.85
CA SER D 299 -22.44 46.68 50.37
C SER D 299 -23.50 47.69 50.85
N GLY D 300 -23.15 48.42 51.91
CA GLY D 300 -24.01 49.46 52.43
C GLY D 300 -23.79 50.79 51.73
N GLU D 301 -22.63 50.90 51.07
CA GLU D 301 -22.27 52.11 50.34
C GLU D 301 -22.22 51.82 48.84
N THR D 302 -22.42 52.85 48.03
CA THR D 302 -22.37 52.70 46.58
C THR D 302 -21.01 52.19 46.09
N ILE D 303 -21.03 51.22 45.19
CA ILE D 303 -19.80 50.73 44.58
C ILE D 303 -19.59 51.44 43.24
N PHE D 304 -18.92 52.59 43.29
CA PHE D 304 -18.78 53.46 42.13
C PHE D 304 -17.91 52.95 40.97
N VAL D 305 -16.84 52.22 41.26
CA VAL D 305 -15.99 51.68 40.18
C VAL D 305 -15.96 50.15 40.19
N THR D 306 -16.06 49.57 39.00
CA THR D 306 -16.03 48.12 38.85
C THR D 306 -15.12 47.69 37.71
N ALA D 307 -14.74 46.42 37.72
CA ALA D 307 -13.86 45.86 36.70
C ALA D 307 -14.01 44.34 36.71
N PRO D 308 -13.67 43.68 35.60
CA PRO D 308 -13.80 42.22 35.66
C PRO D 308 -12.68 41.59 36.48
N HIS D 309 -13.01 40.62 37.33
CA HIS D 309 -11.98 39.92 38.08
C HIS D 309 -11.54 38.73 37.26
N GLU D 310 -10.66 39.01 36.30
CA GLU D 310 -10.17 38.05 35.32
C GLU D 310 -9.84 36.66 35.86
N ALA D 311 -9.09 36.61 36.96
CA ALA D 311 -8.68 35.34 37.56
C ALA D 311 -9.86 34.42 37.93
N THR D 312 -10.77 34.94 38.75
CA THR D 312 -11.91 34.15 39.23
C THR D 312 -13.12 34.18 38.30
N ALA D 313 -13.03 34.98 37.24
CA ALA D 313 -14.13 35.19 36.31
C ALA D 313 -15.36 35.73 37.05
N GLY D 314 -15.16 36.84 37.73
CA GLY D 314 -16.21 37.48 38.51
C GLY D 314 -16.15 38.98 38.37
N ILE D 315 -16.61 39.69 39.41
CA ILE D 315 -16.63 41.15 39.38
C ILE D 315 -15.90 41.74 40.61
N ILE D 316 -15.07 42.74 40.38
CA ILE D 316 -14.34 43.39 41.48
C ILE D 316 -14.55 44.91 41.49
N GLY D 317 -15.07 45.43 42.60
CA GLY D 317 -15.33 46.85 42.73
C GLY D 317 -14.77 47.51 43.99
N VAL D 318 -15.01 48.82 44.11
CA VAL D 318 -14.59 49.61 45.27
C VAL D 318 -15.75 50.50 45.73
N ASN D 319 -16.11 50.48 47.00
CA ASN D 319 -17.20 51.34 47.45
C ASN D 319 -16.70 52.61 48.12
N ARG D 320 -17.64 53.52 48.36
CA ARG D 320 -17.36 54.81 48.98
C ARG D 320 -16.77 54.68 50.39
N LYS D 321 -16.92 53.51 50.99
CA LYS D 321 -16.36 53.25 52.32
C LYS D 321 -14.86 52.95 52.24
N GLY D 322 -14.41 52.61 51.04
CA GLY D 322 -13.02 52.27 50.81
C GLY D 322 -12.78 50.77 50.75
N GLN D 323 -13.86 49.99 50.83
CA GLN D 323 -13.75 48.54 50.76
C GLN D 323 -13.60 48.05 49.32
N VAL D 324 -12.60 47.22 49.09
CA VAL D 324 -12.40 46.63 47.77
C VAL D 324 -13.03 45.24 47.74
N LEU D 325 -14.28 45.18 47.30
CA LEU D 325 -15.05 43.95 47.32
C LEU D 325 -15.01 43.15 46.03
N SER D 326 -15.14 41.84 46.15
CA SER D 326 -15.14 40.96 44.98
C SER D 326 -16.17 39.82 45.08
N VAL D 327 -16.96 39.68 44.02
CA VAL D 327 -17.92 38.60 43.92
C VAL D 327 -17.68 37.77 42.67
N CYS D 328 -17.65 36.46 42.87
CA CYS D 328 -17.40 35.54 41.76
C CYS D 328 -18.15 34.22 41.97
N VAL D 329 -18.27 33.45 40.89
CA VAL D 329 -18.98 32.17 40.99
C VAL D 329 -18.21 31.12 41.77
N GLU D 330 -18.85 30.56 42.79
CA GLU D 330 -18.28 29.46 43.54
C GLU D 330 -18.58 28.19 42.76
N GLU D 331 -17.57 27.74 42.01
CA GLU D 331 -17.71 26.63 41.09
C GLU D 331 -18.13 25.33 41.78
N GLU D 332 -17.80 25.19 43.06
CA GLU D 332 -18.16 24.00 43.81
C GLU D 332 -19.64 24.01 44.22
N ASN D 333 -20.17 25.19 44.52
CA ASN D 333 -21.53 25.31 45.04
C ASN D 333 -22.63 25.74 44.07
N ILE D 334 -22.25 26.30 42.93
CA ILE D 334 -23.22 26.85 41.98
C ILE D 334 -24.29 25.85 41.54
N ILE D 335 -23.90 24.65 41.12
CA ILE D 335 -24.86 23.66 40.67
C ILE D 335 -25.76 23.14 41.80
N PRO D 336 -25.17 22.76 42.95
CA PRO D 336 -26.04 22.35 44.06
C PRO D 336 -27.06 23.42 44.48
N TYR D 337 -26.62 24.68 44.57
CA TYR D 337 -27.52 25.77 44.96
C TYR D 337 -28.69 25.93 44.01
N ILE D 338 -28.40 25.95 42.72
CA ILE D 338 -29.43 26.06 41.69
C ILE D 338 -30.39 24.88 41.80
N THR D 339 -29.82 23.71 42.09
CA THR D 339 -30.61 22.49 42.22
C THR D 339 -31.50 22.45 43.47
N ASN D 340 -30.90 22.68 44.64
CA ASN D 340 -31.63 22.47 45.90
C ASN D 340 -32.16 23.72 46.60
N VAL D 341 -31.45 24.83 46.52
CA VAL D 341 -31.89 26.05 47.18
C VAL D 341 -32.83 26.85 46.27
N LEU D 342 -32.42 26.99 45.01
CA LEU D 342 -33.24 27.66 44.01
C LEU D 342 -34.34 26.70 43.54
N GLN D 343 -34.02 25.42 43.53
CA GLN D 343 -34.93 24.36 43.09
C GLN D 343 -35.32 24.52 41.62
N ASN D 344 -34.30 24.75 40.81
CA ASN D 344 -34.43 24.87 39.37
C ASN D 344 -33.56 23.83 38.65
N PRO D 345 -33.94 22.54 38.72
CA PRO D 345 -33.13 21.48 38.10
C PRO D 345 -32.84 21.71 36.61
N ASP D 346 -33.81 22.19 35.85
CA ASP D 346 -33.61 22.45 34.42
C ASP D 346 -32.44 23.39 34.14
N LEU D 347 -32.29 24.42 34.96
CA LEU D 347 -31.20 25.37 34.81
C LEU D 347 -29.87 24.75 35.21
N ALA D 348 -29.89 23.97 36.28
CA ALA D 348 -28.71 23.26 36.77
C ALA D 348 -28.17 22.29 35.73
N LEU D 349 -29.09 21.56 35.09
CA LEU D 349 -28.78 20.62 34.03
C LEU D 349 -28.04 21.25 32.85
N ARG D 350 -28.60 22.35 32.36
CA ARG D 350 -28.04 23.08 31.22
C ARG D 350 -26.69 23.72 31.54
N MET D 351 -26.59 24.29 32.72
CA MET D 351 -25.36 24.96 33.16
C MET D 351 -24.24 23.94 33.34
N ALA D 352 -24.61 22.72 33.72
CA ALA D 352 -23.67 21.64 33.97
C ALA D 352 -23.03 21.06 32.70
N VAL D 353 -23.75 21.09 31.59
CA VAL D 353 -23.24 20.56 30.33
C VAL D 353 -22.55 21.63 29.51
N ARG D 354 -23.09 22.84 29.60
CA ARG D 354 -22.63 24.01 28.86
C ARG D 354 -21.23 24.40 29.32
N ASN D 355 -21.05 24.61 30.62
CA ASN D 355 -19.75 24.97 31.19
C ASN D 355 -18.99 23.86 31.90
N ASN D 356 -19.34 22.62 31.55
CA ASN D 356 -18.84 21.38 32.18
C ASN D 356 -18.52 21.44 33.68
N LEU D 357 -19.52 21.77 34.49
CA LEU D 357 -19.37 21.77 35.94
C LEU D 357 -19.80 20.45 36.56
N ALA D 358 -19.29 20.15 37.76
CA ALA D 358 -19.48 18.82 38.34
C ALA D 358 -20.89 18.62 38.89
N GLY D 359 -21.55 17.55 38.43
CA GLY D 359 -22.91 17.27 38.83
C GLY D 359 -23.91 17.12 37.68
N ALA D 360 -23.43 17.10 36.44
CA ALA D 360 -24.35 16.93 35.30
C ALA D 360 -24.89 15.52 35.36
N GLU D 361 -23.99 14.58 35.65
CA GLU D 361 -24.28 13.15 35.69
C GLU D 361 -25.52 12.82 36.53
N GLU D 362 -25.53 13.34 37.76
CA GLU D 362 -26.63 13.11 38.70
C GLU D 362 -27.95 13.63 38.18
N LEU D 363 -27.91 14.79 37.54
CA LEU D 363 -29.10 15.43 36.99
C LEU D 363 -29.69 14.60 35.85
N PHE D 364 -28.82 14.05 35.01
CA PHE D 364 -29.25 13.20 33.91
C PHE D 364 -29.90 11.93 34.45
N ALA D 365 -29.38 11.42 35.55
CA ALA D 365 -29.97 10.27 36.22
C ALA D 365 -31.36 10.63 36.75
N ARG D 366 -31.44 11.79 37.39
CA ARG D 366 -32.70 12.30 37.93
C ARG D 366 -33.76 12.45 36.84
N LYS D 367 -33.38 13.06 35.72
CA LYS D 367 -34.29 13.25 34.60
C LYS D 367 -34.74 11.92 34.01
N PHE D 368 -33.85 10.93 34.04
CA PHE D 368 -34.14 9.60 33.53
C PHE D 368 -35.15 8.90 34.43
N ASN D 369 -34.82 8.79 35.72
CA ASN D 369 -35.68 8.15 36.70
C ASN D 369 -37.07 8.78 36.77
N ALA D 370 -37.12 10.09 36.61
CA ALA D 370 -38.39 10.82 36.65
C ALA D 370 -39.29 10.46 35.47
N LEU D 371 -38.71 10.35 34.28
CA LEU D 371 -39.51 10.01 33.11
C LEU D 371 -39.87 8.53 33.15
N PHE D 372 -39.00 7.73 33.75
CA PHE D 372 -39.19 6.28 33.85
C PHE D 372 -40.29 5.86 34.80
N ALA D 373 -40.26 6.41 36.01
CA ALA D 373 -41.26 6.10 37.03
C ALA D 373 -42.65 6.62 36.69
N GLN D 374 -42.71 7.76 36.00
CA GLN D 374 -44.02 8.34 35.67
C GLN D 374 -44.44 8.21 34.20
N GLY D 375 -44.56 6.97 33.72
CA GLY D 375 -45.10 6.73 32.39
C GLY D 375 -44.26 6.74 31.12
N ASN D 376 -43.68 7.88 30.78
CA ASN D 376 -43.04 8.07 29.48
C ASN D 376 -41.68 7.38 29.33
N TYR D 377 -41.64 6.45 28.37
CA TYR D 377 -40.41 5.74 28.02
C TYR D 377 -39.80 6.27 26.72
N SER D 378 -40.65 6.86 25.89
CA SER D 378 -40.21 7.36 24.60
C SER D 378 -39.19 8.48 24.81
N GLU D 379 -39.53 9.39 25.72
CA GLU D 379 -38.65 10.51 26.04
C GLU D 379 -37.50 10.09 26.98
N ALA D 380 -37.77 9.14 27.87
CA ALA D 380 -36.74 8.64 28.79
C ALA D 380 -35.54 8.07 28.05
N ALA D 381 -35.81 7.37 26.95
CA ALA D 381 -34.74 6.79 26.12
C ALA D 381 -33.89 7.89 25.47
N LYS D 382 -34.56 8.94 25.00
CA LYS D 382 -33.88 10.06 24.35
C LYS D 382 -32.90 10.73 25.29
N VAL D 383 -33.25 10.80 26.56
CA VAL D 383 -32.39 11.40 27.58
C VAL D 383 -31.09 10.62 27.71
N ALA D 384 -31.22 9.30 27.79
CA ALA D 384 -30.06 8.41 27.87
C ALA D 384 -29.22 8.49 26.60
N ALA D 385 -29.88 8.58 25.46
CA ALA D 385 -29.21 8.66 24.16
C ALA D 385 -28.38 9.93 23.98
N ASN D 386 -28.92 11.06 24.41
CA ASN D 386 -28.22 12.33 24.25
C ASN D 386 -27.50 12.78 25.51
N ALA D 387 -26.81 11.84 26.13
CA ALA D 387 -25.92 12.16 27.24
C ALA D 387 -24.66 12.79 26.65
N PRO D 388 -24.06 13.75 27.35
CA PRO D 388 -22.91 14.48 26.81
C PRO D 388 -21.74 13.55 26.42
N LYS D 389 -21.28 12.71 27.33
CA LYS D 389 -20.19 11.79 27.04
C LYS D 389 -20.56 10.34 27.34
N GLY D 390 -21.70 9.92 26.82
CA GLY D 390 -22.24 8.57 27.02
C GLY D 390 -22.43 8.21 28.48
N ILE D 391 -22.88 9.20 29.26
CA ILE D 391 -23.06 9.04 30.69
C ILE D 391 -24.12 7.99 31.03
N LEU D 392 -25.23 8.02 30.29
CA LEU D 392 -26.32 7.07 30.52
C LEU D 392 -26.32 5.92 29.52
N ARG D 393 -25.26 5.81 28.73
CA ARG D 393 -25.14 4.68 27.82
C ARG D 393 -24.31 3.62 28.53
N THR D 394 -24.91 3.06 29.57
CA THR D 394 -24.25 2.11 30.45
C THR D 394 -25.13 0.88 30.64
N PRO D 395 -24.56 -0.21 31.17
CA PRO D 395 -25.40 -1.41 31.38
C PRO D 395 -26.55 -1.22 32.36
N ASP D 396 -26.40 -0.38 33.38
CA ASP D 396 -27.47 -0.17 34.35
C ASP D 396 -28.72 0.35 33.67
N THR D 397 -28.52 1.12 32.61
CA THR D 397 -29.64 1.66 31.84
C THR D 397 -30.41 0.55 31.15
N ILE D 398 -29.67 -0.34 30.49
CA ILE D 398 -30.25 -1.48 29.80
C ILE D 398 -30.95 -2.41 30.79
N ARG D 399 -30.35 -2.56 31.96
CA ARG D 399 -30.93 -3.38 33.03
C ARG D 399 -32.32 -2.88 33.47
N ARG D 400 -32.51 -1.57 33.48
CA ARG D 400 -33.81 -0.97 33.81
C ARG D 400 -34.82 -1.14 32.68
N PHE D 401 -34.37 -0.99 31.44
CA PHE D 401 -35.26 -1.16 30.29
C PHE D 401 -35.71 -2.61 30.20
N GLN D 402 -34.81 -3.51 30.56
CA GLN D 402 -35.07 -4.95 30.54
C GLN D 402 -36.05 -5.42 31.60
N SER D 403 -36.13 -4.68 32.70
CA SER D 403 -36.99 -5.04 33.82
C SER D 403 -38.51 -4.97 33.56
N VAL D 404 -38.92 -4.28 32.49
CA VAL D 404 -40.34 -4.19 32.15
C VAL D 404 -40.74 -4.68 30.74
N PRO D 405 -41.67 -5.65 30.65
CA PRO D 405 -42.36 -5.95 29.38
C PRO D 405 -43.71 -5.19 29.30
N ALA D 406 -43.88 -4.27 28.34
CA ALA D 406 -45.11 -3.46 28.27
C ALA D 406 -46.18 -3.78 27.19
N GLN D 407 -46.03 -3.11 26.05
CA GLN D 407 -47.05 -3.06 24.99
C GLN D 407 -47.42 -4.42 24.43
N PRO D 408 -48.70 -4.60 24.08
CA PRO D 408 -49.16 -5.90 23.60
C PRO D 408 -48.56 -6.22 22.23
N GLY D 409 -47.27 -6.51 22.21
CA GLY D 409 -46.58 -6.88 21.00
C GLY D 409 -46.40 -5.75 20.01
N GLN D 410 -47.04 -4.61 20.28
CA GLN D 410 -46.93 -3.44 19.42
C GLN D 410 -45.47 -3.05 19.25
N THR D 411 -44.78 -2.89 20.37
CA THR D 411 -43.35 -2.54 20.42
C THR D 411 -42.86 -2.63 21.86
N SER D 412 -41.56 -2.85 22.04
CA SER D 412 -40.94 -2.96 23.36
C SER D 412 -40.10 -1.73 23.73
N PRO D 413 -40.18 -1.30 25.00
CA PRO D 413 -39.39 -0.13 25.43
C PRO D 413 -37.88 -0.39 25.30
N LEU D 414 -37.47 -1.64 25.49
CA LEU D 414 -36.07 -2.03 25.35
C LEU D 414 -35.60 -1.91 23.91
N LEU D 415 -36.47 -2.35 23.00
CA LEU D 415 -36.23 -2.27 21.57
C LEU D 415 -36.19 -0.80 21.11
N GLN D 416 -37.07 0.01 21.68
CA GLN D 416 -37.17 1.43 21.37
C GLN D 416 -35.87 2.18 21.67
N TYR D 417 -35.25 1.88 22.81
CA TYR D 417 -34.00 2.49 23.22
C TYR D 417 -32.87 2.27 22.21
N PHE D 418 -32.74 1.02 21.76
CA PHE D 418 -31.75 0.69 20.76
C PHE D 418 -32.12 1.35 19.44
N GLY D 419 -33.41 1.33 19.14
CA GLY D 419 -33.96 1.92 17.93
C GLY D 419 -33.62 3.38 17.71
N ILE D 420 -33.67 4.17 18.78
CA ILE D 420 -33.34 5.59 18.69
C ILE D 420 -31.83 5.78 18.60
N LEU D 421 -31.11 4.93 19.33
CA LEU D 421 -29.65 4.95 19.34
C LEU D 421 -29.04 4.74 17.96
N LEU D 422 -29.64 3.85 17.17
CA LEU D 422 -29.14 3.50 15.84
C LEU D 422 -29.02 4.68 14.89
N ASP D 423 -30.07 5.48 14.81
CA ASP D 423 -30.05 6.65 13.93
C ASP D 423 -29.11 7.73 14.44
N GLN D 424 -28.70 7.63 15.70
CA GLN D 424 -27.77 8.61 16.25
C GLN D 424 -26.32 8.23 15.93
N GLY D 425 -25.95 6.96 16.18
CA GLY D 425 -24.60 6.51 15.91
C GLY D 425 -24.33 5.03 16.10
N GLN D 426 -23.04 4.69 16.19
CA GLN D 426 -22.59 3.30 16.43
C GLN D 426 -22.61 2.94 17.91
N LEU D 427 -23.38 1.92 18.28
CA LEU D 427 -23.46 1.48 19.67
C LEU D 427 -22.23 0.73 20.19
N ASN D 428 -21.95 0.92 21.49
CA ASN D 428 -20.83 0.29 22.18
C ASN D 428 -20.95 -1.22 22.35
N LYS D 429 -19.79 -1.90 22.48
CA LYS D 429 -19.67 -3.35 22.64
C LYS D 429 -20.78 -4.03 23.45
N TYR D 430 -21.07 -3.49 24.63
CA TYR D 430 -22.09 -4.07 25.49
C TYR D 430 -23.49 -3.96 24.90
N GLU D 431 -23.76 -2.83 24.26
CA GLU D 431 -25.06 -2.60 23.64
C GLU D 431 -25.28 -3.54 22.47
N SER D 432 -24.24 -3.74 21.67
CA SER D 432 -24.29 -4.66 20.53
C SER D 432 -24.60 -6.09 20.96
N LEU D 433 -24.01 -6.51 22.07
CA LEU D 433 -24.21 -7.85 22.59
C LEU D 433 -25.68 -8.11 22.96
N GLU D 434 -26.22 -7.23 23.77
CA GLU D 434 -27.58 -7.37 24.27
C GLU D 434 -28.63 -7.12 23.17
N LEU D 435 -28.21 -6.45 22.09
CA LEU D 435 -29.07 -6.21 20.94
C LEU D 435 -29.28 -7.45 20.09
N CYS D 436 -28.20 -8.19 19.86
CA CYS D 436 -28.21 -9.37 19.00
C CYS D 436 -28.70 -10.65 19.67
N ARG D 437 -28.61 -10.72 21.00
CA ARG D 437 -29.01 -11.92 21.73
C ARG D 437 -30.44 -12.37 21.44
N PRO D 438 -31.43 -11.45 21.49
CA PRO D 438 -32.76 -11.96 21.16
C PRO D 438 -32.91 -12.19 19.66
N VAL D 439 -32.02 -11.61 18.88
CA VAL D 439 -32.08 -11.79 17.44
C VAL D 439 -31.46 -13.15 17.11
N LEU D 440 -30.45 -13.55 17.89
CA LEU D 440 -29.79 -14.85 17.68
C LEU D 440 -30.65 -16.04 18.06
N GLN D 441 -31.28 -15.97 19.23
CA GLN D 441 -32.20 -17.02 19.66
C GLN D 441 -33.34 -17.14 18.65
N GLN D 442 -33.82 -16.00 18.15
CA GLN D 442 -34.88 -15.99 17.14
C GLN D 442 -34.41 -16.47 15.77
N GLY D 443 -33.09 -16.59 15.60
CA GLY D 443 -32.54 -17.13 14.37
C GLY D 443 -32.51 -16.18 13.19
N ARG D 444 -32.88 -14.92 13.41
CA ARG D 444 -32.89 -13.98 12.29
C ARG D 444 -31.45 -13.53 12.10
N LYS D 445 -30.82 -14.06 11.05
CA LYS D 445 -29.43 -13.71 10.74
C LYS D 445 -29.39 -12.58 9.73
N GLN D 446 -30.51 -12.35 9.04
CA GLN D 446 -30.60 -11.33 8.02
C GLN D 446 -30.37 -9.96 8.65
N LEU D 447 -30.98 -9.76 9.81
CA LEU D 447 -30.83 -8.51 10.56
C LEU D 447 -29.40 -8.26 11.03
N LEU D 448 -28.73 -9.33 11.47
CA LEU D 448 -27.35 -9.24 11.93
C LEU D 448 -26.44 -8.89 10.76
N GLU D 449 -26.79 -9.44 9.61
CA GLU D 449 -26.08 -9.22 8.36
C GLU D 449 -26.01 -7.74 8.00
N LYS D 450 -27.14 -7.05 8.11
CA LYS D 450 -27.24 -5.63 7.76
C LYS D 450 -26.46 -4.66 8.65
N TRP D 451 -26.59 -4.79 9.96
CA TRP D 451 -25.94 -3.88 10.91
C TRP D 451 -24.43 -3.85 10.79
N LEU D 452 -23.85 -5.04 10.67
CA LEU D 452 -22.40 -5.21 10.58
C LEU D 452 -21.89 -4.63 9.27
N LYS D 453 -22.67 -4.81 8.21
CA LYS D 453 -22.31 -4.32 6.89
C LYS D 453 -22.31 -2.78 6.83
N GLU D 454 -23.30 -2.10 7.44
CA GLU D 454 -23.28 -0.63 7.45
C GLU D 454 -22.57 0.06 8.67
N ASP D 455 -21.51 -0.57 9.19
CA ASP D 455 -20.64 -0.07 10.28
C ASP D 455 -21.32 0.19 11.64
N LYS D 456 -22.48 -0.40 11.87
CA LYS D 456 -23.30 -0.08 13.03
C LYS D 456 -22.98 -0.59 14.44
N LEU D 457 -22.38 -1.77 14.56
CA LEU D 457 -22.11 -2.37 15.89
C LEU D 457 -20.64 -2.42 16.21
N GLU D 458 -20.30 -2.30 17.50
CA GLU D 458 -18.89 -2.32 17.93
C GLU D 458 -18.53 -3.77 18.26
N CYS D 459 -17.48 -4.32 17.63
CA CYS D 459 -17.18 -5.73 17.81
C CYS D 459 -16.04 -5.92 18.80
N SER D 460 -16.26 -6.82 19.74
CA SER D 460 -15.18 -7.21 20.63
C SER D 460 -15.19 -8.73 20.48
N GLU D 461 -14.75 -9.42 21.51
CA GLU D 461 -14.59 -10.86 21.43
C GLU D 461 -15.88 -11.64 21.75
N GLU D 462 -16.56 -11.30 22.85
CA GLU D 462 -17.75 -12.07 23.27
C GLU D 462 -18.84 -12.09 22.21
N LEU D 463 -18.85 -11.08 21.34
CA LEU D 463 -19.83 -11.04 20.28
C LEU D 463 -19.47 -12.20 19.35
N GLY D 464 -18.17 -12.38 19.11
CA GLY D 464 -17.62 -13.39 18.22
C GLY D 464 -17.88 -14.85 18.49
N ASP D 465 -17.67 -15.29 19.72
CA ASP D 465 -18.01 -16.67 20.09
C ASP D 465 -19.54 -16.88 20.16
N LEU D 466 -20.28 -15.82 20.47
CA LEU D 466 -21.73 -15.88 20.44
C LEU D 466 -22.25 -16.01 19.01
N VAL D 467 -21.69 -15.29 18.05
CA VAL D 467 -22.19 -15.50 16.70
C VAL D 467 -21.69 -16.81 16.16
N LYS D 468 -20.56 -17.31 16.63
CA LYS D 468 -19.99 -18.58 16.13
C LYS D 468 -20.86 -19.83 16.22
N SER D 469 -21.48 -19.98 17.38
CA SER D 469 -22.37 -21.11 17.73
C SER D 469 -23.54 -21.44 16.80
N VAL D 470 -24.15 -20.43 16.20
CA VAL D 470 -25.35 -20.59 15.37
C VAL D 470 -25.07 -20.43 13.89
N ASP D 471 -24.01 -19.68 13.63
CA ASP D 471 -23.36 -19.49 12.34
C ASP D 471 -21.88 -19.26 12.50
N PRO D 472 -21.04 -20.20 12.08
CA PRO D 472 -19.63 -19.81 12.21
C PRO D 472 -19.15 -18.88 11.09
N THR D 473 -19.83 -18.88 9.94
CA THR D 473 -19.42 -18.09 8.77
C THR D 473 -19.54 -16.59 8.99
N LEU D 474 -20.61 -16.19 9.66
CA LEU D 474 -20.91 -14.80 10.00
C LEU D 474 -19.95 -14.34 11.08
N ALA D 475 -19.59 -15.28 11.95
CA ALA D 475 -18.67 -15.01 13.06
C ALA D 475 -17.34 -14.45 12.61
N LEU D 476 -16.86 -14.92 11.47
CA LEU D 476 -15.60 -14.46 10.91
C LEU D 476 -15.64 -12.96 10.66
N SER D 477 -16.78 -12.50 10.14
CA SER D 477 -16.99 -11.09 9.87
C SER D 477 -16.91 -10.26 11.14
N VAL D 478 -17.54 -10.79 12.20
CA VAL D 478 -17.51 -10.14 13.50
C VAL D 478 -16.09 -10.09 14.08
N TYR D 479 -15.43 -11.25 14.07
CA TYR D 479 -14.05 -11.35 14.56
C TYR D 479 -13.09 -10.45 13.81
N LEU D 480 -13.32 -10.28 12.51
CA LEU D 480 -12.48 -9.43 11.66
C LEU D 480 -12.45 -8.00 12.15
N ARG D 481 -13.65 -7.45 12.37
CA ARG D 481 -13.84 -6.08 12.82
C ARG D 481 -13.43 -5.89 14.29
N ALA D 482 -13.51 -6.96 15.08
CA ALA D 482 -13.14 -6.92 16.50
C ALA D 482 -11.64 -6.80 16.75
N ASN D 483 -10.85 -6.97 15.69
CA ASN D 483 -9.38 -6.88 15.70
C ASN D 483 -8.65 -8.10 16.29
N VAL D 484 -9.37 -9.00 16.94
CA VAL D 484 -8.78 -10.24 17.47
C VAL D 484 -8.25 -11.14 16.36
N PRO D 485 -6.93 -11.17 16.16
CA PRO D 485 -6.39 -11.98 15.07
C PRO D 485 -6.40 -13.46 15.38
N ASN D 486 -6.12 -13.81 16.64
CA ASN D 486 -6.06 -15.21 17.08
C ASN D 486 -7.29 -16.03 16.70
N LYS D 487 -8.47 -15.44 16.84
CA LYS D 487 -9.70 -16.13 16.49
C LYS D 487 -10.14 -15.93 15.04
N VAL D 488 -9.47 -15.03 14.34
CA VAL D 488 -9.73 -14.87 12.91
C VAL D 488 -9.02 -16.01 12.19
N ILE D 489 -7.75 -16.19 12.53
CA ILE D 489 -6.93 -17.24 11.96
C ILE D 489 -7.45 -18.64 12.29
N GLN D 490 -7.81 -18.86 13.56
CA GLN D 490 -8.40 -20.13 13.96
C GLN D 490 -9.72 -20.35 13.22
N CYS D 491 -10.39 -19.27 12.86
CA CYS D 491 -11.63 -19.34 12.10
C CYS D 491 -11.34 -19.77 10.66
N PHE D 492 -10.28 -19.24 10.07
CA PHE D 492 -9.87 -19.63 8.71
C PHE D 492 -9.42 -21.08 8.67
N ALA D 493 -8.59 -21.45 9.65
CA ALA D 493 -8.04 -22.79 9.71
C ALA D 493 -9.14 -23.85 9.81
N GLU D 494 -10.14 -23.60 10.65
CA GLU D 494 -11.26 -24.52 10.81
C GLU D 494 -12.26 -24.42 9.65
N THR D 495 -12.16 -25.39 8.74
CA THR D 495 -13.06 -25.54 7.61
C THR D 495 -12.95 -24.41 6.58
N GLY D 496 -11.83 -23.71 6.58
CA GLY D 496 -11.64 -22.63 5.60
C GLY D 496 -10.30 -22.62 4.87
N GLN D 497 -9.97 -21.47 4.30
CA GLN D 497 -8.71 -21.26 3.59
C GLN D 497 -7.48 -21.35 4.49
N VAL D 498 -6.37 -21.85 3.96
CA VAL D 498 -5.09 -21.77 4.66
C VAL D 498 -4.26 -20.60 4.10
N GLN D 499 -4.50 -20.26 2.84
CA GLN D 499 -3.81 -19.16 2.14
C GLN D 499 -4.05 -17.84 2.84
N LYS D 500 -5.30 -17.66 3.24
CA LYS D 500 -5.77 -16.47 3.90
C LYS D 500 -5.12 -16.24 5.26
N ILE D 501 -4.74 -17.33 5.92
CA ILE D 501 -4.07 -17.23 7.21
C ILE D 501 -2.76 -16.46 7.13
N VAL D 502 -1.93 -16.82 6.16
CA VAL D 502 -0.63 -16.17 6.02
C VAL D 502 -0.77 -14.72 5.56
N LEU D 503 -1.69 -14.48 4.65
CA LEU D 503 -1.93 -13.14 4.11
C LEU D 503 -2.47 -12.16 5.16
N TYR D 504 -3.41 -12.64 5.98
CA TYR D 504 -3.98 -11.84 7.06
C TYR D 504 -2.92 -11.45 8.09
N ALA D 505 -2.17 -12.44 8.57
CA ALA D 505 -1.12 -12.21 9.57
C ALA D 505 -0.02 -11.28 9.09
N LYS D 506 0.21 -11.24 7.79
CA LYS D 506 1.21 -10.35 7.22
C LYS D 506 0.66 -8.94 7.11
N LYS D 507 -0.64 -8.84 6.87
CA LYS D 507 -1.28 -7.54 6.75
C LYS D 507 -1.45 -6.80 8.08
N VAL D 508 -2.03 -7.45 9.09
CA VAL D 508 -2.27 -6.79 10.36
C VAL D 508 -0.97 -6.74 11.17
N GLY D 509 0.02 -7.53 10.75
CA GLY D 509 1.34 -7.55 11.34
C GLY D 509 1.56 -8.57 12.46
N TYR D 510 0.48 -9.16 12.96
CA TYR D 510 0.57 -10.09 14.07
C TYR D 510 1.35 -11.31 13.66
N THR D 511 2.57 -11.38 14.19
CA THR D 511 3.44 -12.52 13.93
C THR D 511 3.05 -13.47 15.02
N PRO D 512 2.38 -14.55 14.63
CA PRO D 512 1.91 -15.58 15.55
C PRO D 512 2.93 -16.65 15.80
N ASP D 513 2.49 -17.64 16.56
CA ASP D 513 3.25 -18.85 16.75
C ASP D 513 2.95 -19.65 15.50
N TRP D 514 3.86 -19.62 14.53
CA TRP D 514 3.65 -20.34 13.28
C TRP D 514 3.39 -21.84 13.45
N ILE D 515 4.20 -22.53 14.25
CA ILE D 515 4.04 -23.97 14.48
C ILE D 515 2.71 -24.37 15.13
N PHE D 516 2.32 -23.64 16.16
CA PHE D 516 1.06 -23.88 16.86
C PHE D 516 -0.11 -23.76 15.90
N LEU D 517 0.03 -22.87 14.93
CA LEU D 517 -0.98 -22.74 13.89
C LEU D 517 -0.96 -23.96 13.01
N LEU D 518 0.25 -24.43 12.67
CA LEU D 518 0.41 -25.64 11.86
C LEU D 518 -0.23 -26.80 12.59
N ARG D 519 0.18 -27.00 13.84
CA ARG D 519 -0.36 -28.09 14.64
C ARG D 519 -1.87 -28.05 14.75
N ASN D 520 -2.38 -26.84 14.93
CA ASN D 520 -3.83 -26.68 14.99
C ASN D 520 -4.37 -27.01 13.63
N VAL D 521 -3.73 -26.43 12.61
CA VAL D 521 -4.11 -26.65 11.22
C VAL D 521 -3.99 -28.12 10.86
N MET D 522 -2.94 -28.78 11.31
CA MET D 522 -2.75 -30.19 11.00
C MET D 522 -3.89 -31.09 11.46
N ARG D 523 -4.35 -30.89 12.69
CA ARG D 523 -5.44 -31.70 13.24
C ARG D 523 -6.81 -31.48 12.54
N ILE D 524 -7.32 -30.24 12.53
CA ILE D 524 -8.65 -29.93 11.98
C ILE D 524 -8.72 -30.18 10.50
N SER D 525 -7.69 -29.76 9.78
CA SER D 525 -7.69 -29.89 8.34
C SER D 525 -6.30 -30.31 7.90
N PRO D 526 -6.08 -31.63 7.88
CA PRO D 526 -4.84 -32.32 7.52
C PRO D 526 -4.49 -32.16 6.05
N ASP D 527 -5.52 -32.13 5.20
CA ASP D 527 -5.34 -32.07 3.75
C ASP D 527 -4.56 -30.84 3.33
N GLN D 528 -4.98 -29.68 3.84
CA GLN D 528 -4.32 -28.39 3.62
C GLN D 528 -2.98 -28.35 4.32
N GLY D 529 -2.83 -29.17 5.35
CA GLY D 529 -1.63 -29.18 6.16
C GLY D 529 -0.35 -29.18 5.35
N GLN D 530 -0.27 -29.98 4.30
CA GLN D 530 0.91 -29.91 3.45
C GLN D 530 1.00 -28.55 2.78
N GLN D 531 -0.15 -28.00 2.37
CA GLN D 531 -0.15 -26.69 1.71
C GLN D 531 0.33 -25.56 2.64
N PHE D 532 -0.21 -25.54 3.86
CA PHE D 532 0.18 -24.51 4.82
C PHE D 532 1.67 -24.62 5.11
N ALA D 533 2.12 -25.84 5.35
CA ALA D 533 3.53 -26.11 5.64
C ALA D 533 4.44 -25.66 4.49
N GLN D 534 3.95 -25.83 3.26
CA GLN D 534 4.68 -25.45 2.07
C GLN D 534 4.85 -23.92 2.01
N MET D 535 3.81 -23.21 2.43
CA MET D 535 3.81 -21.74 2.41
C MET D 535 4.81 -21.12 3.38
N LEU D 536 5.02 -21.77 4.52
CA LEU D 536 5.93 -21.30 5.54
C LEU D 536 7.41 -21.26 5.14
N VAL D 537 7.81 -22.11 4.18
CA VAL D 537 9.23 -22.25 3.87
C VAL D 537 9.69 -21.46 2.66
N GLN D 538 8.77 -21.01 1.83
CA GLN D 538 9.15 -20.28 0.64
C GLN D 538 8.15 -19.15 0.40
N ASP D 539 8.54 -17.88 0.31
CA ASP D 539 9.90 -17.32 0.18
C ASP D 539 10.89 -17.55 1.31
N GLU D 540 12.17 -17.63 0.94
CA GLU D 540 13.19 -17.76 1.96
C GLU D 540 13.30 -16.52 2.83
N GLU D 541 12.32 -16.38 3.70
CA GLU D 541 12.48 -15.60 4.90
C GLU D 541 11.82 -16.50 5.94
N PRO D 542 12.37 -17.73 6.13
CA PRO D 542 11.56 -18.81 6.70
C PRO D 542 10.87 -18.44 8.01
N LEU D 543 9.55 -18.62 8.02
CA LEU D 543 8.74 -18.32 9.18
C LEU D 543 8.94 -19.45 10.18
N ALA D 544 9.26 -20.62 9.66
CA ALA D 544 9.49 -21.78 10.50
C ALA D 544 10.78 -22.51 10.13
N ASP D 545 11.27 -23.31 11.07
CA ASP D 545 12.39 -24.21 10.85
C ASP D 545 11.85 -25.38 10.05
N ILE D 546 12.56 -25.78 9.00
CA ILE D 546 12.13 -26.88 8.15
C ILE D 546 12.03 -28.14 8.99
N THR D 547 12.95 -28.30 9.94
CA THR D 547 12.96 -29.43 10.84
C THR D 547 11.69 -29.43 11.71
N GLN D 548 11.30 -28.25 12.21
CA GLN D 548 10.11 -28.13 13.04
C GLN D 548 8.82 -28.45 12.30
N ILE D 549 8.79 -28.17 11.01
CA ILE D 549 7.59 -28.47 10.22
C ILE D 549 7.45 -29.96 10.02
N VAL D 550 8.58 -30.62 9.81
CA VAL D 550 8.60 -32.06 9.59
C VAL D 550 8.18 -32.82 10.87
N ASP D 551 8.54 -32.28 12.03
CA ASP D 551 8.20 -32.96 13.28
C ASP D 551 6.71 -32.89 13.54
N VAL D 552 6.06 -31.90 12.94
CA VAL D 552 4.62 -31.74 13.07
C VAL D 552 3.94 -32.80 12.19
N PHE D 553 4.51 -33.03 11.02
CA PHE D 553 3.99 -34.05 10.11
C PHE D 553 4.02 -35.41 10.78
N MET D 554 5.18 -35.72 11.37
CA MET D 554 5.41 -36.99 12.05
C MET D 554 4.48 -37.19 13.24
N GLU D 555 4.13 -36.12 13.92
CA GLU D 555 3.27 -36.21 15.10
C GLU D 555 1.89 -36.79 14.77
N TYR D 556 1.34 -36.35 13.64
CA TYR D 556 0.00 -36.71 13.16
C TYR D 556 -0.38 -37.83 12.18
N ASN D 557 0.56 -38.66 11.73
CA ASN D 557 0.38 -39.66 10.64
C ASN D 557 0.36 -39.02 9.21
N LEU D 558 1.11 -37.97 8.91
CA LEU D 558 1.23 -37.57 7.50
C LEU D 558 2.63 -37.86 6.92
N ILE D 559 3.02 -39.13 6.96
CA ILE D 559 4.33 -39.54 6.45
C ILE D 559 4.45 -39.33 4.93
N GLN D 560 3.43 -39.75 4.17
CA GLN D 560 3.51 -39.63 2.71
C GLN D 560 3.53 -38.17 2.29
N GLN D 561 2.75 -37.36 3.00
CA GLN D 561 2.65 -35.94 2.71
C GLN D 561 3.93 -35.22 3.09
N CYS D 562 4.57 -35.68 4.16
CA CYS D 562 5.85 -35.13 4.58
C CYS D 562 6.92 -35.42 3.54
N THR D 563 6.94 -36.68 3.11
CA THR D 563 7.87 -37.15 2.09
C THR D 563 7.72 -36.32 0.82
N ALA D 564 6.47 -36.18 0.37
CA ALA D 564 6.16 -35.36 -0.81
C ALA D 564 6.57 -33.91 -0.62
N PHE D 565 6.34 -33.38 0.59
CA PHE D 565 6.68 -31.99 0.91
C PHE D 565 8.19 -31.74 0.79
N LEU D 566 8.99 -32.67 1.29
CA LEU D 566 10.44 -32.55 1.26
C LEU D 566 11.02 -32.77 -0.14
N LEU D 567 10.45 -33.70 -0.89
CA LEU D 567 10.90 -33.96 -2.26
C LEU D 567 10.59 -32.77 -3.15
N ASP D 568 9.47 -32.11 -2.86
CA ASP D 568 9.10 -30.90 -3.58
C ASP D 568 10.08 -29.79 -3.28
N ALA D 569 10.48 -29.71 -2.02
CA ALA D 569 11.45 -28.70 -1.56
C ALA D 569 12.83 -28.88 -2.20
N LEU D 570 13.18 -30.12 -2.53
CA LEU D 570 14.45 -30.39 -3.19
C LEU D 570 14.42 -29.98 -4.65
N LYS D 571 13.30 -30.23 -5.31
CA LYS D 571 13.12 -29.84 -6.70
C LYS D 571 13.08 -28.33 -6.81
N ASN D 572 12.47 -27.67 -5.83
CA ASN D 572 12.39 -26.22 -5.83
C ASN D 572 13.57 -25.57 -5.13
N ASN D 573 14.75 -26.16 -5.28
CA ASN D 573 15.94 -25.59 -4.67
C ASN D 573 17.21 -26.04 -5.40
N LYS E 1 -44.76 18.48 -9.38
CA LYS E 1 -43.85 19.52 -8.92
C LYS E 1 -44.42 20.29 -7.74
N GLU E 2 -45.64 20.79 -7.91
CA GLU E 2 -46.31 21.56 -6.87
C GLU E 2 -47.25 20.70 -6.03
N SER E 3 -47.60 19.52 -6.54
CA SER E 3 -48.51 18.62 -5.85
C SER E 3 -47.93 18.04 -4.56
N ALA E 4 -46.69 17.58 -4.63
CA ALA E 4 -46.01 16.98 -3.47
C ALA E 4 -45.85 17.94 -2.30
N LEU E 5 -45.71 19.23 -2.60
CA LEU E 5 -45.55 20.25 -1.57
C LEU E 5 -46.79 20.42 -0.69
N ARG E 6 -47.96 20.45 -1.33
CA ARG E 6 -49.22 20.57 -0.60
C ARG E 6 -49.59 19.24 0.08
N LYS E 7 -49.07 18.14 -0.46
CA LYS E 7 -49.31 16.82 0.10
C LYS E 7 -48.67 16.66 1.48
N GLN E 8 -47.44 17.12 1.61
CA GLN E 8 -46.67 17.03 2.85
C GLN E 8 -47.31 17.83 3.98
N SEP E 9 -47.94 18.94 3.62
CA SEP E 9 -48.64 19.78 4.58
CB SEP E 9 -49.01 21.12 3.95
OG SEP E 9 -50.10 21.74 4.60
C SEP E 9 -49.87 19.07 5.13
O SEP E 9 -50.26 19.28 6.27
P SEP E 9 -50.89 22.62 3.51
O1P SEP E 9 -49.87 23.67 2.85
O2P SEP E 9 -52.09 23.41 4.20
O3P SEP E 9 -51.45 21.64 2.37
N LEU E 10 -50.48 18.25 4.28
CA LEU E 10 -51.68 17.51 4.63
C LEU E 10 -51.41 16.36 5.59
N TYR E 11 -50.38 15.58 5.30
CA TYR E 11 -50.01 14.45 6.16
C TYR E 11 -49.62 14.92 7.55
N LEU E 12 -49.06 16.12 7.64
CA LEU E 12 -48.66 16.71 8.92
C LEU E 12 -49.86 16.96 9.84
N LYS E 13 -50.99 17.35 9.25
CA LYS E 13 -52.17 17.70 10.01
C LYS E 13 -53.04 16.53 10.46
N PHE E 14 -53.15 15.50 9.62
CA PHE E 14 -54.09 14.42 9.91
C PHE E 14 -53.47 13.07 10.27
N ASP E 15 -52.43 12.65 9.57
CA ASP E 15 -51.84 11.35 9.85
C ASP E 15 -51.12 11.35 11.20
N PRO E 16 -51.23 10.25 11.95
CA PRO E 16 -50.74 10.12 13.33
C PRO E 16 -49.25 10.36 13.53
N LEU E 17 -48.43 10.10 12.51
CA LEU E 17 -46.99 10.34 12.60
C LEU E 17 -46.32 9.64 13.79
N LEU E 18 -45.99 10.43 14.80
CA LEU E 18 -45.12 10.01 15.92
C LEU E 18 -45.35 8.60 16.43
N LYS F 1 34.28 -27.08 -22.61
CA LYS F 1 33.76 -27.85 -21.48
C LYS F 1 34.89 -28.32 -20.56
N GLU F 2 35.89 -28.97 -21.15
CA GLU F 2 37.02 -29.48 -20.39
C GLU F 2 38.21 -28.52 -20.42
N SER F 3 38.19 -27.58 -21.34
CA SER F 3 39.27 -26.61 -21.50
C SER F 3 39.39 -25.64 -20.32
N ALA F 4 38.26 -25.10 -19.89
CA ALA F 4 38.24 -24.14 -18.78
C ALA F 4 38.75 -24.72 -17.46
N LEU F 5 38.56 -26.02 -17.27
CA LEU F 5 38.98 -26.69 -16.04
C LEU F 5 40.51 -26.74 -15.91
N ARG F 6 41.19 -27.06 -17.00
CA ARG F 6 42.65 -27.11 -17.01
C ARG F 6 43.24 -25.69 -17.03
N LYS F 7 42.47 -24.74 -17.53
CA LYS F 7 42.90 -23.35 -17.59
C LYS F 7 43.04 -22.74 -16.19
N GLN F 8 42.08 -23.03 -15.32
CA GLN F 8 42.06 -22.51 -13.95
C GLN F 8 43.25 -23.01 -13.13
N SEP F 9 43.66 -24.25 -13.42
CA SEP F 9 44.81 -24.84 -12.74
CB SEP F 9 44.86 -26.34 -13.05
OG SEP F 9 46.17 -26.86 -12.89
C SEP F 9 46.10 -24.15 -13.14
O SEP F 9 47.03 -24.07 -12.36
P SEP F 9 46.34 -28.09 -13.91
O1P SEP F 9 47.77 -28.78 -13.74
O2P SEP F 9 45.19 -29.17 -13.62
O3P SEP F 9 46.18 -27.54 -15.41
N LEU F 10 46.11 -23.67 -14.38
CA LEU F 10 47.27 -23.00 -14.95
C LEU F 10 47.49 -21.61 -14.38
N TYR F 11 46.41 -20.83 -14.31
CA TYR F 11 46.48 -19.47 -13.76
C TYR F 11 46.91 -19.47 -12.30
N LEU F 12 46.57 -20.53 -11.58
CA LEU F 12 46.95 -20.68 -10.18
C LEU F 12 48.46 -20.77 -9.99
N LYS F 13 49.13 -21.42 -10.94
CA LYS F 13 50.56 -21.66 -10.85
C LYS F 13 51.44 -20.50 -11.30
N PHE F 14 51.02 -19.77 -12.34
CA PHE F 14 51.90 -18.75 -12.92
C PHE F 14 51.50 -17.28 -12.74
N ASP F 15 50.23 -16.96 -12.91
CA ASP F 15 49.77 -15.57 -12.81
C ASP F 15 49.86 -15.09 -11.36
N PRO F 16 50.23 -13.81 -11.15
CA PRO F 16 50.58 -13.23 -9.84
C PRO F 16 49.53 -13.36 -8.71
N LEU F 17 48.25 -13.40 -9.07
CA LEU F 17 47.14 -13.50 -8.12
C LEU F 17 47.20 -12.45 -7.02
N LEU F 18 47.48 -12.89 -5.80
CA LEU F 18 47.38 -12.09 -4.58
C LEU F 18 47.78 -10.61 -4.73
N LYS G 1 13.64 -4.26 8.74
CA LYS G 1 13.22 -5.38 7.91
C LYS G 1 12.21 -4.96 6.86
N GLU G 2 11.15 -4.30 7.30
CA GLU G 2 10.10 -3.85 6.40
C GLU G 2 10.28 -2.39 5.98
N SER G 3 11.11 -1.67 6.72
CA SER G 3 11.36 -0.25 6.44
C SER G 3 12.10 -0.03 5.12
N ALA G 4 13.16 -0.80 4.89
CA ALA G 4 13.97 -0.67 3.68
C ALA G 4 13.18 -0.93 2.40
N LEU G 5 12.18 -1.80 2.48
CA LEU G 5 11.36 -2.13 1.32
C LEU G 5 10.52 -0.95 0.82
N ARG G 6 9.92 -0.23 1.76
CA ARG G 6 9.12 0.95 1.41
C ARG G 6 10.01 2.14 1.05
N LYS G 7 11.24 2.12 1.55
CA LYS G 7 12.20 3.17 1.26
C LYS G 7 12.63 3.18 -0.21
N GLN G 8 12.87 1.99 -0.75
CA GLN G 8 13.30 1.83 -2.14
C GLN G 8 12.24 2.30 -3.13
N SEP G 9 10.98 2.12 -2.75
CA SEP G 9 9.85 2.55 -3.57
CB SEP G 9 8.55 1.95 -3.04
OG SEP G 9 7.42 2.70 -3.42
C SEP G 9 9.77 4.07 -3.61
O SEP G 9 9.33 4.66 -4.61
P SEP G 9 6.30 2.53 -2.28
O1P SEP G 9 6.88 3.12 -0.90
O2P SEP G 9 5.99 0.97 -2.09
O3P SEP G 9 4.95 3.29 -2.67
N LEU G 10 10.19 4.70 -2.52
CA LEU G 10 10.16 6.15 -2.39
C LEU G 10 11.24 6.84 -3.22
N TYR G 11 12.46 6.33 -3.15
CA TYR G 11 13.57 6.89 -3.91
C TYR G 11 13.32 6.81 -5.41
N LEU G 12 12.58 5.79 -5.85
CA LEU G 12 12.22 5.62 -7.24
C LEU G 12 11.36 6.75 -7.77
N LYS G 13 10.48 7.26 -6.91
CA LYS G 13 9.52 8.29 -7.31
C LYS G 13 10.06 9.72 -7.28
N PHE G 14 10.92 10.03 -6.32
CA PHE G 14 11.34 11.42 -6.14
C PHE G 14 12.81 11.75 -6.47
N ASP G 15 13.74 10.88 -6.09
CA ASP G 15 15.14 11.18 -6.33
C ASP G 15 15.46 11.12 -7.83
N PRO G 16 16.34 12.02 -8.30
CA PRO G 16 16.62 12.22 -9.74
C PRO G 16 17.10 10.98 -10.49
N LEU G 17 17.77 10.06 -9.80
CA LEU G 17 18.20 8.81 -10.43
C LEU G 17 19.07 9.07 -11.67
N LEU G 18 18.55 8.67 -12.84
CA LEU G 18 19.29 8.65 -14.10
C LEU G 18 20.32 9.77 -14.29
N LYS H 1 -7.05 8.31 12.03
CA LYS H 1 -7.16 9.07 10.78
C LYS H 1 -6.76 8.22 9.58
N GLU H 2 -5.59 7.62 9.65
CA GLU H 2 -5.07 6.79 8.57
C GLU H 2 -5.37 5.31 8.79
N SER H 3 -5.70 4.94 10.01
CA SER H 3 -5.98 3.55 10.36
C SER H 3 -7.25 3.00 9.70
N ALA H 4 -8.33 3.77 9.74
CA ALA H 4 -9.60 3.35 9.17
C ALA H 4 -9.54 3.13 7.66
N LEU H 5 -8.68 3.86 6.98
CA LEU H 5 -8.52 3.74 5.53
C LEU H 5 -7.95 2.38 5.11
N ARG H 6 -6.93 1.93 5.83
CA ARG H 6 -6.31 0.63 5.54
C ARG H 6 -7.19 -0.51 6.04
N LYS H 7 -8.02 -0.22 7.04
CA LYS H 7 -8.95 -1.21 7.59
C LYS H 7 -10.02 -1.63 6.57
N GLN H 8 -10.56 -0.66 5.85
CA GLN H 8 -11.60 -0.91 4.85
C GLN H 8 -11.11 -1.76 3.70
N SEP H 9 -9.84 -1.62 3.37
CA SEP H 9 -9.22 -2.38 2.30
CB SEP H 9 -7.87 -1.76 1.94
OG SEP H 9 -7.00 -2.66 1.29
C SEP H 9 -9.06 -3.84 2.72
O SEP H 9 -9.09 -4.75 1.91
P SEP H 9 -5.50 -2.22 1.65
O1P SEP H 9 -5.26 -0.71 1.16
O2P SEP H 9 -4.45 -3.19 0.92
O3P SEP H 9 -5.31 -2.31 3.24
N LEU H 10 -8.89 -4.02 4.04
CA LEU H 10 -8.71 -5.33 4.64
C LEU H 10 -9.98 -6.16 4.66
N TYR H 11 -11.07 -5.54 5.11
CA TYR H 11 -12.37 -6.20 5.16
C TYR H 11 -12.84 -6.63 3.78
N LEU H 12 -12.45 -5.88 2.76
CA LEU H 12 -12.79 -6.21 1.37
C LEU H 12 -12.19 -7.54 0.93
N LYS H 13 -10.99 -7.84 1.41
CA LYS H 13 -10.27 -9.04 0.99
C LYS H 13 -10.66 -10.32 1.72
N PHE H 14 -10.98 -10.22 3.01
CA PHE H 14 -11.20 -11.42 3.81
C PHE H 14 -12.63 -11.68 4.29
N ASP H 15 -13.33 -10.64 4.72
CA ASP H 15 -14.71 -10.81 5.21
C ASP H 15 -15.65 -11.15 4.05
N PRO H 16 -16.69 -11.97 4.31
CA PRO H 16 -17.64 -12.51 3.32
C PRO H 16 -18.27 -11.47 2.39
N LEU H 17 -18.29 -10.20 2.79
CA LEU H 17 -18.78 -9.14 1.91
C LEU H 17 -17.90 -8.93 0.67
N LEU H 18 -18.47 -9.19 -0.50
CA LEU H 18 -17.71 -9.13 -1.75
C LEU H 18 -18.50 -8.40 -2.83
#